data_4OKM
#
_entry.id   4OKM
#
_cell.length_a   74.780
_cell.length_b   119.090
_cell.length_c   186.100
_cell.angle_alpha   90.00
_cell.angle_beta   90.00
_cell.angle_gamma   90.00
#
_symmetry.space_group_name_H-M   'P 21 21 21'
#
loop_
_entity.id
_entity.type
_entity.pdbx_description
1 polymer 'Terpene synthase metal-binding domain-containing protein'
2 non-polymer 'MAGNESIUM ION'
3 non-polymer PYROPHOSPHATE
4 water water
#
_entity_poly.entity_id   1
_entity_poly.type   'polypeptide(L)'
_entity_poly.pdbx_seq_one_letter_code
;MEPELTVPPLFSPIRQAIHPKHADIDVQTAAWAETFRIGSEELRGKLVTQDIGTFSARILPEGREEVVSLLADFILWLFG
VDDGHCEEGELGHRPGDLAGLLHRLIRVAQNPEAPMMQDDPLAAGLRDLRMRVDRFGTAGQTARWVDALREYFFSVVWEA
AHRRAGTVPDLNDYTLMRLYDGATSVVLPMLEMGHGYELQPYERDRTAVRAVAEMASFIITWDNDIFSYHKERRGSGYYL
NALRVLEQERGLTPAQALDAAISQRDRVMCLFTTVSEQLAEQGSPQLRQYLHSLRCFIRGAQDWGISSVRYTTPDDPANM
PSVFTDVPTDDSTEPLDIPAVSWWWDLLAEDARSVRRQVPAQRSA
;
_entity_poly.pdbx_strand_id   A,B,C,D
#
# COMPACT_ATOMS: atom_id res chain seq x y z
N GLU A 4 29.98 8.62 24.28
CA GLU A 4 29.09 9.55 25.04
C GLU A 4 29.72 10.95 25.09
N LEU A 5 28.90 11.98 24.90
CA LEU A 5 29.37 13.29 24.43
C LEU A 5 29.47 14.41 25.46
N THR A 6 30.29 15.40 25.12
CA THR A 6 30.37 16.66 25.85
C THR A 6 29.89 17.81 24.98
N VAL A 7 28.79 18.43 25.39
CA VAL A 7 28.25 19.60 24.70
C VAL A 7 28.93 20.85 25.25
N PRO A 8 29.68 21.58 24.40
CA PRO A 8 30.30 22.82 24.87
C PRO A 8 29.32 23.99 24.90
N PRO A 9 29.72 25.11 25.54
CA PRO A 9 28.94 26.35 25.48
C PRO A 9 28.64 26.73 24.04
N LEU A 10 27.38 27.03 23.74
CA LEU A 10 27.00 27.44 22.39
C LEU A 10 27.05 28.95 22.23
N PHE A 11 27.28 29.41 21.00
CA PHE A 11 27.26 30.83 20.68
C PHE A 11 25.82 31.38 20.69
N SER A 12 25.60 32.45 21.44
CA SER A 12 24.35 33.19 21.36
C SER A 12 24.63 34.67 21.63
N PRO A 13 24.32 35.55 20.65
CA PRO A 13 24.55 36.97 20.85
C PRO A 13 23.41 37.69 21.57
N ILE A 14 22.44 36.94 22.10
CA ILE A 14 21.23 37.51 22.70
C ILE A 14 21.31 37.43 24.22
N ARG A 15 20.95 38.53 24.89
CA ARG A 15 21.00 38.61 26.34
C ARG A 15 19.76 37.93 26.94
N GLN A 16 19.92 37.38 28.14
CA GLN A 16 18.83 36.70 28.86
C GLN A 16 17.73 37.68 29.24
N ALA A 17 16.51 37.18 29.27
CA ALA A 17 15.37 37.95 29.79
C ALA A 17 14.26 37.00 30.23
N ILE A 18 13.50 37.43 31.23
CA ILE A 18 12.40 36.63 31.74
C ILE A 18 11.32 37.52 32.36
N HIS A 19 10.06 37.13 32.19
CA HIS A 19 8.93 37.84 32.78
C HIS A 19 9.00 37.71 34.30
N PRO A 20 8.75 38.81 35.04
CA PRO A 20 8.93 38.79 36.49
C PRO A 20 7.99 37.82 37.24
N LYS A 21 6.90 37.41 36.62
CA LYS A 21 5.94 36.49 37.24
C LYS A 21 6.13 35.04 36.82
N HIS A 22 7.31 34.70 36.28
CA HIS A 22 7.59 33.35 35.80
C HIS A 22 7.22 32.24 36.78
N ALA A 23 7.42 32.47 38.08
CA ALA A 23 7.09 31.48 39.13
C ALA A 23 5.60 31.19 39.25
N ASP A 24 4.77 32.22 39.30
CA ASP A 24 3.30 32.06 39.31
C ASP A 24 2.81 31.32 38.07
N ILE A 25 3.38 31.66 36.91
CA ILE A 25 2.97 31.10 35.63
C ILE A 25 3.27 29.62 35.59
N ASP A 26 4.44 29.24 36.09
CA ASP A 26 4.82 27.84 36.17
C ASP A 26 3.87 27.05 37.07
N VAL A 27 3.45 27.64 38.19
CA VAL A 27 2.47 27.00 39.08
C VAL A 27 1.10 26.87 38.40
N GLN A 28 0.67 27.94 37.73
CA GLN A 28 -0.64 27.95 37.06
C GLN A 28 -0.71 26.99 35.88
N THR A 29 0.40 26.77 35.20
CA THR A 29 0.45 25.80 34.09
C THR A 29 0.30 24.37 34.60
N ALA A 30 0.94 24.06 35.73
CA ALA A 30 0.79 22.75 36.35
C ALA A 30 -0.67 22.50 36.75
N ALA A 31 -1.31 23.54 37.29
CA ALA A 31 -2.72 23.46 37.66
C ALA A 31 -3.60 23.28 36.41
N TRP A 32 -3.26 23.98 35.34
CA TRP A 32 -3.95 23.81 34.06
C TRP A 32 -3.86 22.37 33.55
N ALA A 33 -2.67 21.79 33.60
CA ALA A 33 -2.47 20.40 33.14
C ALA A 33 -3.35 19.44 33.93
N GLU A 34 -3.52 19.72 35.22
CA GLU A 34 -4.34 18.90 36.12
C GLU A 34 -5.84 19.08 35.83
N THR A 35 -6.28 20.32 35.75
CA THR A 35 -7.69 20.65 35.47
C THR A 35 -8.19 19.94 34.21
N PHE A 36 -7.39 19.98 33.15
CA PHE A 36 -7.78 19.40 31.86
C PHE A 36 -7.24 17.98 31.66
N ARG A 37 -6.57 17.45 32.67
CA ARG A 37 -6.02 16.09 32.65
C ARG A 37 -5.19 15.81 31.41
N ILE A 38 -4.24 16.69 31.14
CA ILE A 38 -3.42 16.59 29.94
C ILE A 38 -2.37 15.49 30.13
N GLY A 39 -2.36 14.51 29.24
CA GLY A 39 -1.43 13.40 29.30
C GLY A 39 -1.83 12.35 30.32
N SER A 40 -1.17 11.20 30.27
CA SER A 40 -1.33 10.17 31.30
C SER A 40 -0.84 10.74 32.63
N GLU A 41 -1.16 10.05 33.71
CA GLU A 41 -0.70 10.47 35.04
C GLU A 41 0.82 10.53 35.07
N GLU A 42 1.46 9.54 34.44
CA GLU A 42 2.91 9.45 34.40
C GLU A 42 3.53 10.61 33.62
N LEU A 43 3.03 10.83 32.40
CA LEU A 43 3.57 11.89 31.55
C LEU A 43 3.37 13.27 32.20
N ARG A 44 2.15 13.54 32.67
CA ARG A 44 1.84 14.81 33.32
C ARG A 44 2.75 15.06 34.52
N GLY A 45 3.01 14.01 35.31
CA GLY A 45 3.92 14.10 36.45
C GLY A 45 5.28 14.63 36.06
N LYS A 46 5.78 14.24 34.90
CA LYS A 46 7.04 14.76 34.39
C LYS A 46 6.89 16.20 33.88
N LEU A 47 5.88 16.43 33.04
CA LEU A 47 5.70 17.71 32.37
C LEU A 47 5.60 18.88 33.35
N VAL A 48 4.83 18.72 34.42
CA VAL A 48 4.66 19.78 35.41
C VAL A 48 5.95 20.18 36.14
N THR A 49 6.97 19.32 36.07
CA THR A 49 8.26 19.62 36.73
C THR A 49 9.29 20.24 35.78
N GLN A 50 8.92 20.45 34.51
CA GLN A 50 9.90 20.81 33.47
C GLN A 50 10.05 22.33 33.21
N ASP A 51 9.48 23.15 34.09
CA ASP A 51 9.61 24.61 33.98
C ASP A 51 9.11 25.16 32.64
N ILE A 52 7.97 24.66 32.18
CA ILE A 52 7.37 25.12 30.91
C ILE A 52 6.85 26.56 31.03
N GLY A 53 6.34 26.93 32.20
CA GLY A 53 5.93 28.31 32.45
C GLY A 53 7.12 29.26 32.44
N THR A 54 8.23 28.81 33.02
CA THR A 54 9.48 29.56 33.02
C THR A 54 9.95 29.81 31.58
N PHE A 55 9.86 28.77 30.75
CA PHE A 55 10.19 28.83 29.33
C PHE A 55 9.37 29.93 28.64
N SER A 56 8.05 29.87 28.79
CA SER A 56 7.18 30.87 28.21
C SER A 56 7.52 32.28 28.69
N ALA A 57 7.86 32.39 29.97
CA ALA A 57 8.24 33.67 30.55
C ALA A 57 9.52 34.25 29.92
N ARG A 58 10.39 33.36 29.41
CA ARG A 58 11.57 33.81 28.66
C ARG A 58 11.27 34.16 27.21
N ILE A 59 10.23 33.55 26.64
CA ILE A 59 9.83 33.82 25.25
C ILE A 59 9.12 35.17 25.14
N LEU A 60 8.32 35.48 26.16
CA LEU A 60 7.56 36.74 26.23
C LEU A 60 7.92 37.49 27.51
N PRO A 61 9.19 37.90 27.63
CA PRO A 61 9.66 38.55 28.87
C PRO A 61 8.96 39.86 29.21
N GLU A 62 8.52 40.60 28.20
CA GLU A 62 7.77 41.84 28.44
C GLU A 62 6.32 41.69 27.95
N GLY A 63 5.88 40.46 27.75
CA GLY A 63 4.54 40.21 27.22
C GLY A 63 3.48 40.31 28.30
N ARG A 64 2.24 40.48 27.85
CA ARG A 64 1.08 40.52 28.74
C ARG A 64 0.93 39.17 29.47
N GLU A 65 0.76 39.23 30.78
CA GLU A 65 0.80 38.03 31.64
C GLU A 65 -0.16 36.92 31.22
N GLU A 66 -1.37 37.29 30.81
CA GLU A 66 -2.38 36.31 30.41
C GLU A 66 -1.95 35.55 29.16
N VAL A 67 -1.21 36.22 28.27
CA VAL A 67 -0.73 35.57 27.04
C VAL A 67 0.48 34.67 27.36
N VAL A 68 1.34 35.12 28.29
CA VAL A 68 2.47 34.30 28.72
C VAL A 68 1.92 32.98 29.24
N SER A 69 0.86 33.10 30.05
CA SER A 69 0.16 31.97 30.61
C SER A 69 -0.46 31.07 29.55
N LEU A 70 -1.15 31.68 28.57
CA LEU A 70 -1.71 30.96 27.43
C LEU A 70 -0.63 30.16 26.68
N LEU A 71 0.49 30.83 26.40
CA LEU A 71 1.61 30.19 25.69
C LEU A 71 2.20 29.03 26.47
N ALA A 72 2.29 29.18 27.79
CA ALA A 72 2.83 28.12 28.64
C ALA A 72 1.91 26.90 28.61
N ASP A 73 0.62 27.13 28.79
CA ASP A 73 -0.36 26.05 28.72
C ASP A 73 -0.31 25.35 27.35
N PHE A 74 -0.16 26.14 26.29
CA PHE A 74 -0.08 25.62 24.94
C PHE A 74 1.17 24.75 24.76
N ILE A 75 2.32 25.24 25.22
CA ILE A 75 3.57 24.47 25.12
C ILE A 75 3.43 23.12 25.85
N LEU A 76 2.78 23.12 27.02
CA LEU A 76 2.54 21.87 27.75
C LEU A 76 1.58 20.98 26.97
N TRP A 77 0.49 21.55 26.48
CA TRP A 77 -0.43 20.82 25.62
C TRP A 77 0.30 20.18 24.43
N LEU A 78 1.21 20.94 23.81
CA LEU A 78 1.98 20.44 22.66
C LEU A 78 2.82 19.21 23.01
N PHE A 79 3.43 19.20 24.20
CA PHE A 79 4.15 18.00 24.67
C PHE A 79 3.15 16.87 24.96
N GLY A 80 1.97 17.24 25.45
CA GLY A 80 0.85 16.30 25.54
C GLY A 80 0.62 15.50 24.27
N VAL A 81 0.64 16.16 23.11
CA VAL A 81 0.48 15.41 21.86
C VAL A 81 1.82 14.84 21.39
N ASP A 82 2.89 15.62 21.48
CA ASP A 82 4.19 15.20 20.93
C ASP A 82 4.81 14.02 21.71
N ASP A 83 4.80 14.09 23.03
CA ASP A 83 5.24 12.97 23.85
C ASP A 83 4.17 11.88 23.90
N GLY A 84 2.96 12.26 24.29
CA GLY A 84 1.87 11.32 24.51
C GLY A 84 1.51 10.44 23.32
N HIS A 85 1.45 11.04 22.12
CA HIS A 85 1.11 10.28 20.91
C HIS A 85 2.32 10.04 20.01
N CYS A 86 2.99 11.12 19.59
CA CYS A 86 4.02 11.00 18.55
C CYS A 86 5.23 10.14 18.97
N GLU A 87 5.90 10.49 20.07
CA GLU A 87 7.20 9.86 20.42
C GLU A 87 7.14 8.75 21.47
N GLU A 88 6.11 8.75 22.32
CA GLU A 88 5.97 7.73 23.37
C GLU A 88 4.59 7.06 23.37
N GLY A 89 3.84 7.24 22.28
CA GLY A 89 2.51 6.65 22.14
C GLY A 89 2.44 5.69 20.96
N GLU A 90 1.37 4.90 20.92
CA GLU A 90 1.18 3.94 19.84
C GLU A 90 0.93 4.64 18.50
N LEU A 91 0.17 5.75 18.52
CA LEU A 91 -0.17 6.47 17.29
C LEU A 91 1.05 6.98 16.51
N GLY A 92 2.16 7.19 17.20
CA GLY A 92 3.40 7.64 16.58
C GLY A 92 4.07 6.64 15.63
N HIS A 93 3.64 5.37 15.70
CA HIS A 93 4.08 4.34 14.75
C HIS A 93 3.03 4.10 13.65
N ARG A 94 1.93 4.84 13.70
CA ARG A 94 0.79 4.63 12.81
C ARG A 94 0.43 5.97 12.14
N PRO A 95 1.21 6.36 11.12
CA PRO A 95 1.08 7.68 10.48
C PRO A 95 -0.35 7.99 10.02
N GLY A 96 -1.02 6.97 9.49
CA GLY A 96 -2.39 7.10 9.01
C GLY A 96 -3.39 7.38 10.11
N ASP A 97 -3.35 6.60 11.19
CA ASP A 97 -4.20 6.85 12.35
C ASP A 97 -3.87 8.19 12.98
N LEU A 98 -2.58 8.48 13.11
CA LEU A 98 -2.12 9.78 13.61
C LEU A 98 -2.77 10.91 12.80
N ALA A 99 -2.72 10.79 11.47
CA ALA A 99 -3.25 11.82 10.59
C ALA A 99 -4.74 12.09 10.85
N GLY A 100 -5.49 11.03 11.16
CA GLY A 100 -6.91 11.16 11.46
C GLY A 100 -7.16 11.91 12.76
N LEU A 101 -6.42 11.53 13.80
CA LEU A 101 -6.55 12.18 15.09
C LEU A 101 -6.23 13.67 14.97
N LEU A 102 -5.14 13.98 14.28
CA LEU A 102 -4.69 15.36 14.19
C LEU A 102 -5.64 16.21 13.35
N HIS A 103 -6.24 15.61 12.31
CA HIS A 103 -7.27 16.32 11.54
C HIS A 103 -8.47 16.69 12.43
N ARG A 104 -8.86 15.77 13.31
CA ARG A 104 -9.99 16.01 14.20
C ARG A 104 -9.64 17.12 15.19
N LEU A 105 -8.42 17.12 15.70
CA LEU A 105 -7.96 18.16 16.63
C LEU A 105 -7.91 19.52 15.96
N ILE A 106 -7.53 19.56 14.69
CA ILE A 106 -7.58 20.81 13.94
C ILE A 106 -9.01 21.34 13.93
N ARG A 107 -9.97 20.45 13.72
CA ARG A 107 -11.37 20.87 13.67
C ARG A 107 -11.84 21.40 15.03
N VAL A 108 -11.33 20.80 16.11
CA VAL A 108 -11.66 21.28 17.46
C VAL A 108 -11.09 22.69 17.66
N ALA A 109 -9.88 22.93 17.18
CA ALA A 109 -9.26 24.23 17.28
C ALA A 109 -10.02 25.29 16.49
N GLN A 110 -10.52 24.91 15.32
CA GLN A 110 -11.35 25.81 14.51
C GLN A 110 -12.74 26.04 15.12
N ASN A 111 -13.33 24.99 15.66
CA ASN A 111 -14.71 25.05 16.14
C ASN A 111 -14.90 24.23 17.41
N PRO A 112 -14.55 24.83 18.57
CA PRO A 112 -14.68 24.18 19.87
C PRO A 112 -16.10 23.71 20.14
N GLU A 113 -17.08 24.41 19.54
CA GLU A 113 -18.49 24.07 19.70
C GLU A 113 -18.92 22.77 18.99
N ALA A 114 -18.14 22.29 18.02
CA ALA A 114 -18.54 21.10 17.26
C ALA A 114 -18.63 19.87 18.17
N PRO A 115 -19.76 19.12 18.13
CA PRO A 115 -19.94 18.00 19.05
C PRO A 115 -19.15 16.74 18.65
N MET A 116 -17.83 16.85 18.67
CA MET A 116 -16.95 15.72 18.38
C MET A 116 -15.79 15.75 19.37
N MET A 117 -15.21 14.59 19.63
CA MET A 117 -14.14 14.45 20.62
C MET A 117 -14.48 15.19 21.92
N GLN A 118 -15.66 14.91 22.45
CA GLN A 118 -16.11 15.57 23.67
C GLN A 118 -15.54 14.88 24.90
N ASP A 119 -15.04 13.65 24.71
CA ASP A 119 -14.47 12.86 25.80
C ASP A 119 -12.95 12.98 25.93
N ASP A 120 -12.28 13.48 24.90
CA ASP A 120 -10.81 13.50 24.89
C ASP A 120 -10.27 14.68 25.68
N PRO A 121 -9.31 14.43 26.60
CA PRO A 121 -8.69 15.50 27.40
C PRO A 121 -7.89 16.51 26.57
N LEU A 122 -7.17 16.04 25.55
CA LEU A 122 -6.39 16.94 24.70
C LEU A 122 -7.34 17.89 23.98
N ALA A 123 -8.44 17.37 23.47
CA ALA A 123 -9.45 18.19 22.80
C ALA A 123 -10.03 19.24 23.75
N ALA A 124 -10.38 18.82 24.97
CA ALA A 124 -10.89 19.75 25.98
C ALA A 124 -9.89 20.86 26.31
N GLY A 125 -8.61 20.49 26.39
CA GLY A 125 -7.55 21.47 26.60
C GLY A 125 -7.42 22.43 25.43
N LEU A 126 -7.53 21.90 24.21
CA LEU A 126 -7.46 22.73 23.01
C LEU A 126 -8.59 23.77 22.99
N ARG A 127 -9.80 23.37 23.37
CA ARG A 127 -10.95 24.29 23.39
C ARG A 127 -10.68 25.48 24.31
N ASP A 128 -10.11 25.20 25.49
CA ASP A 128 -9.74 26.25 26.44
C ASP A 128 -8.70 27.19 25.81
N LEU A 129 -7.73 26.62 25.13
CA LEU A 129 -6.69 27.42 24.48
C LEU A 129 -7.32 28.32 23.39
N ARG A 130 -8.16 27.73 22.53
CA ARG A 130 -8.83 28.50 21.47
C ARG A 130 -9.68 29.65 22.01
N MET A 131 -10.40 29.39 23.10
CA MET A 131 -11.22 30.42 23.77
C MET A 131 -10.37 31.60 24.20
N ARG A 132 -9.18 31.32 24.72
CA ARG A 132 -8.29 32.39 25.13
C ARG A 132 -7.61 33.08 23.95
N VAL A 133 -7.36 32.33 22.88
CA VAL A 133 -6.89 32.95 21.62
C VAL A 133 -7.93 33.94 21.08
N ASP A 134 -9.21 33.60 21.19
CA ASP A 134 -10.29 34.52 20.81
C ASP A 134 -10.26 35.84 21.59
N ARG A 135 -9.87 35.81 22.86
CA ARG A 135 -9.77 37.04 23.66
C ARG A 135 -8.62 37.95 23.19
N PHE A 136 -7.47 37.34 22.88
CA PHE A 136 -6.22 38.10 22.69
C PHE A 136 -5.75 38.20 21.25
N GLY A 137 -6.45 37.53 20.35
CA GLY A 137 -6.06 37.51 18.94
C GLY A 137 -7.15 38.03 18.02
N THR A 138 -6.73 38.52 16.85
CA THR A 138 -7.63 38.87 15.77
C THR A 138 -8.04 37.58 15.05
N ALA A 139 -8.99 37.68 14.13
CA ALA A 139 -9.37 36.56 13.29
C ALA A 139 -8.18 36.04 12.47
N GLY A 140 -7.38 36.97 11.96
CA GLY A 140 -6.20 36.61 11.17
C GLY A 140 -5.17 35.81 11.96
N GLN A 141 -4.90 36.26 13.18
CA GLN A 141 -3.94 35.57 14.03
C GLN A 141 -4.42 34.19 14.44
N THR A 142 -5.72 34.07 14.66
CA THR A 142 -6.34 32.79 14.99
C THR A 142 -6.20 31.78 13.85
N ALA A 143 -6.47 32.22 12.63
CA ALA A 143 -6.33 31.35 11.46
C ALA A 143 -4.87 30.97 11.23
N ARG A 144 -3.97 31.93 11.47
CA ARG A 144 -2.56 31.64 11.34
C ARG A 144 -2.12 30.62 12.40
N TRP A 145 -2.69 30.71 13.59
CA TRP A 145 -2.42 29.76 14.66
C TRP A 145 -2.87 28.35 14.26
N VAL A 146 -4.07 28.25 13.71
CA VAL A 146 -4.59 26.99 13.17
C VAL A 146 -3.73 26.45 12.01
N ASP A 147 -3.35 27.32 11.08
CA ASP A 147 -2.50 26.92 9.95
C ASP A 147 -1.15 26.42 10.45
N ALA A 148 -0.63 27.07 11.49
CA ALA A 148 0.62 26.64 12.09
C ALA A 148 0.47 25.28 12.78
N LEU A 149 -0.66 25.05 13.44
CA LEU A 149 -0.94 23.73 14.02
C LEU A 149 -0.94 22.65 12.93
N ARG A 150 -1.53 22.95 11.78
CA ARG A 150 -1.57 22.02 10.67
C ARG A 150 -0.15 21.74 10.15
N GLU A 151 0.67 22.78 10.03
CA GLU A 151 2.10 22.61 9.66
C GLU A 151 2.78 21.60 10.58
N TYR A 152 2.63 21.83 11.89
CA TYR A 152 3.22 20.96 12.90
C TYR A 152 2.67 19.53 12.75
N PHE A 153 1.34 19.40 12.71
CA PHE A 153 0.69 18.09 12.60
C PHE A 153 1.10 17.31 11.36
N PHE A 154 1.21 17.99 10.22
CA PHE A 154 1.59 17.32 8.96
C PHE A 154 3.04 16.84 9.04
N SER A 155 3.91 17.64 9.66
CA SER A 155 5.30 17.26 9.81
C SER A 155 5.52 16.08 10.75
N VAL A 156 4.72 15.96 11.82
CA VAL A 156 4.88 14.81 12.72
C VAL A 156 4.26 13.52 12.17
N VAL A 157 3.33 13.64 11.23
CA VAL A 157 2.87 12.47 10.47
C VAL A 157 4.01 11.96 9.60
N TRP A 158 4.74 12.87 8.98
CA TRP A 158 5.93 12.51 8.20
C TRP A 158 7.00 11.89 9.09
N GLU A 159 7.25 12.49 10.26
CA GLU A 159 8.18 11.91 11.23
C GLU A 159 7.74 10.50 11.65
N ALA A 160 6.43 10.30 11.82
CA ALA A 160 5.90 9.01 12.22
C ALA A 160 6.11 7.93 11.15
N ALA A 161 6.13 8.34 9.88
CA ALA A 161 6.45 7.43 8.78
C ALA A 161 7.85 6.88 8.97
N HIS A 162 8.80 7.75 9.30
CA HIS A 162 10.18 7.32 9.55
C HIS A 162 10.31 6.44 10.80
N ARG A 163 9.58 6.79 11.86
CA ARG A 163 9.60 6.00 13.09
C ARG A 163 9.00 4.60 12.87
N ARG A 164 7.99 4.51 12.02
CA ARG A 164 7.37 3.21 11.71
C ARG A 164 8.37 2.34 10.97
N ALA A 165 9.00 2.89 9.95
CA ALA A 165 9.98 2.15 9.14
C ALA A 165 11.33 2.02 9.83
N GLY A 166 11.54 2.77 10.91
CA GLY A 166 12.83 2.80 11.59
C GLY A 166 13.94 3.44 10.77
N THR A 167 13.55 4.32 9.83
CA THR A 167 14.51 4.98 8.94
C THR A 167 14.90 6.36 9.44
N VAL A 168 16.02 6.86 8.91
CA VAL A 168 16.49 8.21 9.20
C VAL A 168 16.53 8.98 7.89
N PRO A 169 15.83 10.13 7.81
CA PRO A 169 15.83 10.91 6.57
C PRO A 169 17.20 11.49 6.27
N ASP A 170 17.43 11.85 5.01
CA ASP A 170 18.63 12.58 4.64
C ASP A 170 18.56 14.03 5.19
N LEU A 171 19.65 14.76 5.07
CA LEU A 171 19.75 16.06 5.73
C LEU A 171 18.73 17.06 5.23
N ASN A 172 18.49 17.06 3.91
CA ASN A 172 17.54 17.98 3.33
C ASN A 172 16.11 17.71 3.80
N ASP A 173 15.69 16.44 3.77
CA ASP A 173 14.37 16.05 4.27
C ASP A 173 14.25 16.33 5.77
N TYR A 174 15.29 16.02 6.52
CA TYR A 174 15.28 16.28 7.95
C TYR A 174 15.07 17.76 8.24
N THR A 175 15.82 18.60 7.56
CA THR A 175 15.74 20.04 7.78
C THR A 175 14.34 20.53 7.49
N LEU A 176 13.80 20.13 6.36
CA LEU A 176 12.46 20.53 5.95
C LEU A 176 11.45 20.11 7.02
N MET A 177 11.52 18.85 7.44
CA MET A 177 10.67 18.28 8.48
C MET A 177 10.81 19.05 9.80
N ARG A 178 12.06 19.32 10.16
CA ARG A 178 12.40 19.88 11.46
C ARG A 178 12.01 21.36 11.58
N LEU A 179 11.92 22.06 10.45
CA LEU A 179 11.38 23.42 10.46
C LEU A 179 9.99 23.51 11.11
N TYR A 180 9.23 22.41 11.13
CA TYR A 180 7.86 22.42 11.65
C TYR A 180 7.56 21.44 12.76
N ASP A 181 8.24 20.29 12.80
CA ASP A 181 7.88 19.21 13.74
C ASP A 181 8.30 19.46 15.18
N GLY A 182 9.06 20.53 15.40
CA GLY A 182 9.38 20.99 16.75
C GLY A 182 8.31 21.93 17.32
N ALA A 183 7.26 22.19 16.55
CA ALA A 183 6.16 23.07 16.97
C ALA A 183 6.64 24.48 17.30
N THR A 184 7.52 25.01 16.45
CA THR A 184 8.07 26.36 16.63
C THR A 184 7.20 27.44 15.95
N SER A 185 6.65 27.13 14.78
CA SER A 185 5.82 28.10 14.05
C SER A 185 4.48 28.40 14.73
N VAL A 186 3.99 27.46 15.53
CA VAL A 186 2.74 27.68 16.28
C VAL A 186 2.83 28.75 17.36
N VAL A 187 4.06 29.02 17.82
CA VAL A 187 4.31 30.03 18.85
C VAL A 187 4.22 31.45 18.30
N LEU A 188 4.53 31.60 17.02
CA LEU A 188 4.70 32.92 16.42
C LEU A 188 3.49 33.85 16.52
N PRO A 189 2.27 33.34 16.26
CA PRO A 189 1.11 34.22 16.45
C PRO A 189 0.98 34.75 17.88
N MET A 190 1.35 33.92 18.86
CA MET A 190 1.27 34.35 20.26
C MET A 190 2.31 35.39 20.66
N LEU A 191 3.43 35.43 19.94
CA LEU A 191 4.40 36.52 20.11
C LEU A 191 3.75 37.87 19.80
N GLU A 192 2.94 37.91 18.75
CA GLU A 192 2.23 39.11 18.38
C GLU A 192 1.18 39.45 19.43
N MET A 193 0.37 38.45 19.78
CA MET A 193 -0.71 38.62 20.77
C MET A 193 -0.16 39.05 22.12
N GLY A 194 1.00 38.52 22.48
CA GLY A 194 1.66 38.86 23.74
C GLY A 194 1.91 40.35 23.91
N HIS A 195 2.07 41.06 22.78
CA HIS A 195 2.30 42.51 22.80
C HIS A 195 1.15 43.35 22.22
N GLY A 196 0.00 42.73 21.99
CA GLY A 196 -1.21 43.47 21.64
C GLY A 196 -1.27 44.08 20.26
N TYR A 197 -0.42 43.62 19.34
CA TYR A 197 -0.44 44.10 17.96
C TYR A 197 -0.67 42.95 16.99
N GLU A 198 -0.88 43.31 15.72
CA GLU A 198 -1.00 42.33 14.64
C GLU A 198 0.02 42.65 13.56
N LEU A 199 0.85 41.67 13.21
CA LEU A 199 1.81 41.85 12.13
C LEU A 199 1.06 41.66 10.80
N GLN A 200 1.08 42.69 9.96
CA GLN A 200 0.31 42.68 8.72
C GLN A 200 0.88 41.68 7.72
N PRO A 201 0.00 41.06 6.92
CA PRO A 201 0.46 40.11 5.92
C PRO A 201 1.60 40.58 5.01
N TYR A 202 1.61 41.85 4.60
CA TYR A 202 2.65 42.34 3.69
C TYR A 202 4.06 42.29 4.30
N GLU A 203 4.13 42.27 5.63
CA GLU A 203 5.38 42.05 6.34
C GLU A 203 5.53 40.58 6.75
N ARG A 204 4.56 40.09 7.51
CA ARG A 204 4.58 38.72 8.01
C ARG A 204 4.85 37.67 6.91
N ASP A 205 4.22 37.82 5.75
CA ASP A 205 4.36 36.84 4.66
C ASP A 205 5.41 37.22 3.62
N ARG A 206 6.05 38.36 3.81
CA ARG A 206 7.18 38.72 2.96
C ARG A 206 8.24 37.62 3.06
N THR A 207 8.81 37.25 1.92
CA THR A 207 9.73 36.12 1.86
C THR A 207 10.87 36.24 2.87
N ALA A 208 11.44 37.44 3.01
CA ALA A 208 12.57 37.67 3.93
C ALA A 208 12.17 37.59 5.39
N VAL A 209 10.93 37.99 5.72
CA VAL A 209 10.45 37.91 7.10
C VAL A 209 10.12 36.47 7.46
N ARG A 210 9.45 35.77 6.56
CA ARG A 210 9.28 34.33 6.69
C ARG A 210 10.62 33.63 6.91
N ALA A 211 11.64 34.04 6.17
CA ALA A 211 12.97 33.45 6.26
C ALA A 211 13.60 33.57 7.64
N VAL A 212 13.56 34.76 8.24
CA VAL A 212 14.11 34.91 9.60
C VAL A 212 13.29 34.13 10.63
N ALA A 213 11.99 33.96 10.39
CA ALA A 213 11.18 33.11 11.27
C ALA A 213 11.63 31.65 11.16
N GLU A 214 11.88 31.18 9.93
CA GLU A 214 12.41 29.82 9.70
C GLU A 214 13.82 29.67 10.32
N MET A 215 14.63 30.71 10.22
CA MET A 215 15.95 30.69 10.82
C MET A 215 15.87 30.49 12.33
N ALA A 216 14.93 31.18 12.97
CA ALA A 216 14.69 31.02 14.40
C ALA A 216 14.30 29.57 14.71
N SER A 217 13.35 29.04 13.93
CA SER A 217 12.95 27.62 14.03
C SER A 217 14.15 26.70 13.89
N PHE A 218 14.98 26.95 12.89
CA PHE A 218 16.18 26.13 12.66
C PHE A 218 17.11 26.16 13.88
N ILE A 219 17.37 27.36 14.40
CA ILE A 219 18.30 27.53 15.52
C ILE A 219 17.73 26.85 16.76
N ILE A 220 16.44 27.08 17.00
CA ILE A 220 15.75 26.52 18.15
C ILE A 220 15.74 25.00 18.11
N THR A 221 15.46 24.43 16.94
CA THR A 221 15.41 22.98 16.80
C THR A 221 16.80 22.33 16.81
N TRP A 222 17.79 23.01 16.22
CA TRP A 222 19.18 22.52 16.24
C TRP A 222 19.78 22.59 17.65
N ASP A 223 19.53 23.70 18.35
CA ASP A 223 19.95 23.83 19.75
C ASP A 223 19.30 22.76 20.59
N ASN A 224 18.01 22.50 20.34
CA ASN A 224 17.33 21.40 21.01
C ASN A 224 17.94 20.05 20.67
N ASP A 225 18.20 19.80 19.39
CA ASP A 225 18.86 18.55 18.98
C ASP A 225 20.16 18.36 19.77
N ILE A 226 20.91 19.43 19.99
CA ILE A 226 22.18 19.37 20.71
C ILE A 226 21.97 19.12 22.21
N PHE A 227 21.07 19.88 22.82
CA PHE A 227 20.82 19.79 24.26
C PHE A 227 20.02 18.54 24.66
N SER A 228 19.07 18.14 23.83
CA SER A 228 18.21 16.98 24.11
C SER A 228 18.79 15.67 23.59
N TYR A 229 19.94 15.72 22.92
CA TYR A 229 20.62 14.51 22.42
C TYR A 229 20.79 13.45 23.51
N HIS A 230 21.33 13.88 24.64
CA HIS A 230 21.55 13.01 25.79
C HIS A 230 20.25 12.30 26.20
N LYS A 231 19.22 13.10 26.48
CA LYS A 231 17.90 12.60 26.88
C LYS A 231 17.29 11.65 25.82
N GLU A 232 17.53 11.94 24.55
CA GLU A 232 16.96 11.16 23.45
C GLU A 232 17.75 9.88 23.17
N ARG A 233 19.06 9.99 23.04
CA ARG A 233 19.89 8.84 22.67
C ARG A 233 19.79 7.74 23.71
N ARG A 234 19.79 8.13 24.98
CA ARG A 234 19.74 7.17 26.07
C ARG A 234 18.34 6.63 26.35
N GLY A 235 17.31 7.23 25.76
CA GLY A 235 15.96 6.66 25.82
C GLY A 235 15.90 5.36 25.04
N SER A 236 14.92 4.52 25.33
CA SER A 236 14.78 3.22 24.65
C SER A 236 13.97 3.28 23.36
N GLY A 237 13.30 4.41 23.11
CA GLY A 237 12.49 4.56 21.90
C GLY A 237 13.28 5.09 20.71
N TYR A 238 12.67 4.96 19.53
CA TYR A 238 13.20 5.60 18.31
C TYR A 238 13.36 7.09 18.56
N TYR A 239 14.46 7.67 18.08
CA TYR A 239 14.68 9.12 18.17
C TYR A 239 15.31 9.63 16.88
N LEU A 240 15.03 10.89 16.57
CA LEU A 240 15.62 11.59 15.43
C LEU A 240 16.19 12.90 15.90
N ASN A 241 17.35 13.25 15.36
CA ASN A 241 17.88 14.60 15.50
C ASN A 241 19.05 14.84 14.55
N ALA A 242 19.51 16.08 14.48
CA ALA A 242 20.52 16.49 13.49
C ALA A 242 21.80 15.66 13.56
N LEU A 243 22.21 15.32 14.78
CA LEU A 243 23.43 14.52 14.98
C LEU A 243 23.29 13.14 14.32
N ARG A 244 22.18 12.47 14.57
CA ARG A 244 21.95 11.15 13.99
C ARG A 244 21.89 11.22 12.47
N VAL A 245 21.22 12.26 11.96
CA VAL A 245 21.11 12.48 10.53
C VAL A 245 22.49 12.69 9.93
N LEU A 246 23.31 13.50 10.58
CA LEU A 246 24.67 13.77 10.11
C LEU A 246 25.60 12.55 10.21
N GLU A 247 25.41 11.71 11.23
CA GLU A 247 26.18 10.47 11.34
C GLU A 247 25.94 9.61 10.11
N GLN A 248 24.66 9.40 9.79
CA GLN A 248 24.29 8.57 8.64
C GLN A 248 24.71 9.20 7.30
N GLU A 249 24.47 10.50 7.14
CA GLU A 249 24.67 11.14 5.83
C GLU A 249 26.14 11.35 5.48
N ARG A 250 26.93 11.77 6.46
CA ARG A 250 28.34 12.12 6.22
C ARG A 250 29.32 11.10 6.80
N GLY A 251 28.81 10.00 7.36
CA GLY A 251 29.64 8.95 7.93
C GLY A 251 30.48 9.44 9.11
N LEU A 252 29.84 10.21 9.98
CA LEU A 252 30.52 10.85 11.09
C LEU A 252 30.30 10.10 12.40
N THR A 253 31.23 10.28 13.34
CA THR A 253 31.04 9.81 14.70
C THR A 253 30.09 10.81 15.37
N PRO A 254 29.47 10.40 16.48
CA PRO A 254 28.62 11.33 17.24
C PRO A 254 29.31 12.66 17.56
N ALA A 255 30.57 12.60 17.96
CA ALA A 255 31.36 13.79 18.28
C ALA A 255 31.57 14.69 17.07
N GLN A 256 31.87 14.10 15.92
CA GLN A 256 31.99 14.84 14.68
C GLN A 256 30.64 15.43 14.25
N ALA A 257 29.58 14.65 14.45
CA ALA A 257 28.23 15.10 14.11
C ALA A 257 27.83 16.30 14.96
N LEU A 258 28.26 16.30 16.23
CA LEU A 258 28.03 17.41 17.15
C LEU A 258 28.68 18.70 16.60
N ASP A 259 29.96 18.60 16.23
CA ASP A 259 30.70 19.76 15.70
C ASP A 259 30.11 20.30 14.39
N ALA A 260 29.70 19.42 13.50
CA ALA A 260 29.07 19.83 12.25
C ALA A 260 27.75 20.54 12.54
N ALA A 261 26.98 20.02 13.50
CA ALA A 261 25.70 20.61 13.89
C ALA A 261 25.89 22.00 14.49
N ILE A 262 26.90 22.14 15.35
CA ILE A 262 27.23 23.43 15.96
C ILE A 262 27.64 24.46 14.91
N SER A 263 28.42 24.03 13.92
CA SER A 263 28.82 24.91 12.81
C SER A 263 27.60 25.39 12.01
N GLN A 264 26.65 24.50 11.79
CA GLN A 264 25.41 24.84 11.08
C GLN A 264 24.58 25.90 11.82
N ARG A 265 24.29 25.65 13.09
CA ARG A 265 23.47 26.61 13.83
C ARG A 265 24.18 27.94 14.10
N ASP A 266 25.51 27.91 14.19
CA ASP A 266 26.32 29.11 14.33
C ASP A 266 26.17 30.02 13.11
N ARG A 267 26.25 29.42 11.92
CA ARG A 267 26.10 30.17 10.68
C ARG A 267 24.69 30.72 10.49
N VAL A 268 23.68 29.95 10.90
CA VAL A 268 22.30 30.42 10.86
C VAL A 268 22.08 31.51 11.92
N MET A 269 22.69 31.35 13.10
CA MET A 269 22.63 32.38 14.14
C MET A 269 23.15 33.72 13.61
N CYS A 270 24.31 33.69 12.96
CA CYS A 270 24.92 34.89 12.41
C CYS A 270 24.05 35.52 11.30
N LEU A 271 23.57 34.68 10.39
CA LEU A 271 22.72 35.15 9.30
C LEU A 271 21.45 35.80 9.83
N PHE A 272 20.84 35.16 10.83
CA PHE A 272 19.61 35.65 11.44
C PHE A 272 19.79 37.06 11.98
N THR A 273 20.90 37.29 12.67
CA THR A 273 21.18 38.58 13.27
C THR A 273 21.32 39.65 12.21
N THR A 274 22.04 39.33 11.14
CA THR A 274 22.29 40.30 10.06
C THR A 274 21.00 40.63 9.29
N VAL A 275 20.25 39.62 8.89
CA VAL A 275 19.07 39.84 8.07
C VAL A 275 17.99 40.54 8.89
N SER A 276 17.85 40.15 10.15
CA SER A 276 16.85 40.77 11.02
C SER A 276 17.17 42.23 11.29
N GLU A 277 18.45 42.57 11.39
CA GLU A 277 18.86 43.98 11.53
C GLU A 277 18.52 44.78 10.27
N GLN A 278 18.76 44.19 9.10
CA GLN A 278 18.37 44.81 7.83
C GLN A 278 16.87 45.09 7.84
N LEU A 279 16.08 44.06 8.14
CA LEU A 279 14.63 44.18 8.14
C LEU A 279 14.11 45.24 9.13
N ALA A 280 14.76 45.34 10.29
CA ALA A 280 14.33 46.28 11.33
C ALA A 280 14.54 47.74 10.94
N GLU A 281 15.54 48.01 10.11
CA GLU A 281 15.89 49.38 9.74
C GLU A 281 14.79 50.12 8.98
N GLN A 282 14.06 49.41 8.13
CA GLN A 282 12.95 50.04 7.41
C GLN A 282 11.61 49.32 7.54
N GLY A 283 11.50 48.41 8.52
CA GLY A 283 10.22 47.76 8.81
C GLY A 283 9.33 48.64 9.67
N SER A 284 8.06 48.23 9.83
CA SER A 284 7.14 48.92 10.76
C SER A 284 7.59 48.77 12.22
N PRO A 285 7.03 49.58 13.13
CA PRO A 285 7.25 49.34 14.57
C PRO A 285 6.85 47.93 15.01
N GLN A 286 5.83 47.38 14.36
CA GLN A 286 5.34 46.04 14.66
C GLN A 286 6.37 44.97 14.27
N LEU A 287 7.01 45.14 13.12
CA LEU A 287 8.06 44.23 12.66
C LEU A 287 9.25 44.26 13.61
N ARG A 288 9.65 45.46 14.03
CA ARG A 288 10.76 45.60 14.97
C ARG A 288 10.45 44.86 16.29
N GLN A 289 9.20 44.91 16.73
CA GLN A 289 8.77 44.20 17.94
C GLN A 289 8.75 42.68 17.70
N TYR A 290 8.33 42.27 16.51
CA TYR A 290 8.32 40.85 16.11
C TYR A 290 9.72 40.27 16.10
N LEU A 291 10.67 41.01 15.52
CA LEU A 291 12.05 40.55 15.44
C LEU A 291 12.70 40.44 16.82
N HIS A 292 12.36 41.37 17.72
CA HIS A 292 12.77 41.29 19.12
C HIS A 292 12.23 40.03 19.80
N SER A 293 10.98 39.68 19.49
CA SER A 293 10.35 38.48 20.07
C SER A 293 10.95 37.18 19.53
N LEU A 294 11.38 37.18 18.27
CA LEU A 294 12.12 36.05 17.71
C LEU A 294 13.45 35.84 18.44
N ARG A 295 14.13 36.93 18.80
CA ARG A 295 15.32 36.85 19.65
C ARG A 295 14.99 36.27 21.03
N CYS A 296 13.89 36.73 21.62
CA CYS A 296 13.49 36.24 22.95
C CYS A 296 13.18 34.76 22.90
N PHE A 297 12.57 34.32 21.80
CA PHE A 297 12.23 32.91 21.60
C PHE A 297 13.49 32.05 21.50
N ILE A 298 14.43 32.47 20.67
CA ILE A 298 15.68 31.72 20.47
C ILE A 298 16.44 31.58 21.78
N ARG A 299 16.67 32.70 22.45
CA ARG A 299 17.45 32.75 23.69
C ARG A 299 16.70 32.10 24.85
N GLY A 300 15.38 32.26 24.89
CA GLY A 300 14.55 31.59 25.87
C GLY A 300 14.64 30.08 25.78
N ALA A 301 14.66 29.55 24.56
CA ALA A 301 14.83 28.12 24.33
C ALA A 301 16.26 27.69 24.67
N GLN A 302 17.21 28.60 24.52
CA GLN A 302 18.60 28.31 24.88
C GLN A 302 18.77 28.16 26.40
N ASP A 303 18.29 29.13 27.17
CA ASP A 303 18.41 29.09 28.63
C ASP A 303 17.63 27.94 29.25
N TRP A 304 16.43 27.69 28.73
CA TRP A 304 15.57 26.60 29.21
C TRP A 304 16.14 25.24 28.83
N GLY A 305 16.73 25.14 27.64
CA GLY A 305 17.30 23.88 27.17
C GLY A 305 18.42 23.33 28.03
N ILE A 306 19.20 24.20 28.66
CA ILE A 306 20.31 23.76 29.52
C ILE A 306 19.92 23.65 31.00
N SER A 307 18.70 24.06 31.34
CA SER A 307 18.26 24.10 32.75
C SER A 307 17.08 23.19 33.08
N SER A 308 16.15 23.01 32.14
CA SER A 308 15.00 22.15 32.38
C SER A 308 15.42 20.72 32.69
N VAL A 309 14.73 20.10 33.66
CA VAL A 309 14.98 18.68 33.98
C VAL A 309 14.60 17.77 32.82
N ARG A 310 13.79 18.28 31.90
CA ARG A 310 13.49 17.59 30.65
C ARG A 310 14.78 17.24 29.91
N TYR A 311 15.79 18.09 30.01
CA TYR A 311 17.07 17.87 29.31
C TYR A 311 18.24 17.52 30.24
N THR A 312 18.24 18.03 31.46
CA THR A 312 19.32 17.74 32.41
C THR A 312 19.16 16.35 33.02
N THR A 313 17.93 15.81 33.02
CA THR A 313 17.60 14.47 33.55
C THR A 313 18.38 14.04 34.79
N PRO A 314 18.04 14.60 35.97
CA PRO A 314 18.76 14.37 37.24
C PRO A 314 19.04 12.91 37.58
N ASP A 315 18.15 12.00 37.19
CA ASP A 315 18.33 10.57 37.47
C ASP A 315 19.41 9.93 36.62
N ASP A 316 19.89 10.67 35.62
CA ASP A 316 20.96 10.21 34.76
C ASP A 316 21.56 11.48 34.14
N PRO A 317 22.29 12.26 34.95
CA PRO A 317 22.61 13.64 34.63
C PRO A 317 23.22 13.87 33.25
N ALA A 318 22.66 14.80 32.50
CA ALA A 318 23.27 15.27 31.27
C ALA A 318 24.52 16.08 31.58
N ASN A 319 25.46 16.05 30.64
CA ASN A 319 26.64 16.88 30.68
C ASN A 319 26.36 18.16 29.89
N MET A 320 25.91 19.19 30.59
CA MET A 320 25.48 20.45 29.99
C MET A 320 26.43 21.58 30.28
N PRO A 321 26.59 22.51 29.33
CA PRO A 321 27.29 23.74 29.65
C PRO A 321 26.44 24.60 30.57
N SER A 322 27.09 25.52 31.28
CA SER A 322 26.41 26.42 32.22
C SER A 322 26.15 27.78 31.62
N VAL A 323 26.85 28.10 30.53
CA VAL A 323 26.76 29.43 29.93
C VAL A 323 26.76 29.36 28.41
N PHE A 324 26.40 30.48 27.78
CA PHE A 324 26.50 30.64 26.35
C PHE A 324 27.62 31.64 26.06
N THR A 325 28.35 31.41 24.97
CA THR A 325 29.47 32.28 24.60
C THR A 325 28.99 33.36 23.63
N ASP A 326 29.72 34.46 23.55
CA ASP A 326 29.32 35.56 22.67
C ASP A 326 30.11 35.62 21.35
N VAL A 327 30.86 34.56 21.03
CA VAL A 327 31.48 34.44 19.71
C VAL A 327 31.25 33.05 19.11
N PRO A 328 31.02 32.98 17.79
CA PRO A 328 30.83 31.69 17.11
C PRO A 328 32.11 30.87 16.97
N THR A 329 31.96 29.56 16.85
CA THR A 329 33.05 28.68 16.42
C THR A 329 33.20 28.79 14.90
N ASP A 330 32.07 28.74 14.19
CA ASP A 330 32.07 28.93 12.74
C ASP A 330 31.70 30.36 12.38
N ASP A 331 32.69 31.09 11.86
CA ASP A 331 32.56 32.52 11.59
C ASP A 331 32.07 32.84 10.16
N SER A 332 32.12 31.85 9.27
CA SER A 332 31.92 32.11 7.83
C SER A 332 30.49 32.42 7.43
N THR A 333 30.35 33.13 6.31
CA THR A 333 29.07 33.36 5.65
C THR A 333 28.87 32.36 4.52
N GLU A 334 29.52 31.20 4.61
CA GLU A 334 29.34 30.15 3.64
C GLU A 334 27.95 29.54 3.86
N PRO A 335 27.09 29.55 2.83
CA PRO A 335 25.77 28.94 3.03
C PRO A 335 25.84 27.47 3.42
N LEU A 336 24.88 27.03 4.21
CA LEU A 336 24.69 25.61 4.48
C LEU A 336 24.50 24.85 3.17
N ASP A 337 24.96 23.60 3.16
CA ASP A 337 24.82 22.73 1.99
C ASP A 337 23.50 21.95 2.10
N ILE A 338 22.41 22.70 2.22
CA ILE A 338 21.07 22.13 2.41
C ILE A 338 20.11 22.90 1.48
N PRO A 339 19.73 22.29 0.35
CA PRO A 339 18.90 22.98 -0.66
C PRO A 339 17.64 23.66 -0.14
N ALA A 340 17.02 23.11 0.89
CA ALA A 340 15.76 23.66 1.41
C ALA A 340 15.93 25.03 2.09
N VAL A 341 17.15 25.34 2.56
CA VAL A 341 17.41 26.60 3.26
C VAL A 341 18.58 27.44 2.75
N SER A 342 19.35 26.94 1.78
CA SER A 342 20.53 27.69 1.32
C SER A 342 20.17 29.05 0.72
N TRP A 343 18.96 29.15 0.17
CA TRP A 343 18.46 30.41 -0.39
C TRP A 343 18.43 31.55 0.64
N TRP A 344 18.37 31.22 1.93
CA TRP A 344 18.44 32.24 2.99
C TRP A 344 19.60 33.22 2.80
N TRP A 345 20.74 32.72 2.33
CA TRP A 345 21.93 33.56 2.13
C TRP A 345 21.82 34.52 0.95
N ASP A 346 20.86 34.28 0.05
CA ASP A 346 20.56 35.23 -1.04
C ASP A 346 20.02 36.55 -0.49
N LEU A 347 19.53 36.53 0.74
CA LEU A 347 18.92 37.72 1.36
C LEU A 347 19.94 38.77 1.81
N LEU A 348 21.20 38.37 1.91
CA LEU A 348 22.30 39.28 2.20
C LEU A 348 22.53 40.28 1.06
N ALA A 349 22.73 41.54 1.43
CA ALA A 349 23.34 42.54 0.53
C ALA A 349 23.50 43.85 1.29
N GLU B 4 -26.79 -0.15 -11.77
CA GLU B 4 -26.27 1.13 -12.37
C GLU B 4 -27.24 2.28 -12.15
N LEU B 5 -26.73 3.42 -11.67
CA LEU B 5 -27.56 4.50 -11.15
C LEU B 5 -27.82 5.62 -12.15
N THR B 6 -29.03 6.17 -12.07
CA THR B 6 -29.41 7.35 -12.84
C THR B 6 -29.35 8.59 -11.93
N VAL B 7 -28.51 9.54 -12.30
CA VAL B 7 -28.41 10.78 -11.55
C VAL B 7 -29.48 11.74 -12.06
N PRO B 8 -30.37 12.20 -11.17
CA PRO B 8 -31.39 13.15 -11.60
C PRO B 8 -30.84 14.59 -11.65
N PRO B 9 -31.60 15.50 -12.30
CA PRO B 9 -31.25 16.92 -12.28
C PRO B 9 -31.02 17.42 -10.86
N LEU B 10 -29.90 18.08 -10.61
CA LEU B 10 -29.62 18.61 -9.28
C LEU B 10 -30.09 20.05 -9.17
N PHE B 11 -30.38 20.46 -7.93
CA PHE B 11 -30.76 21.82 -7.62
C PHE B 11 -29.56 22.78 -7.67
N SER B 12 -29.70 23.85 -8.42
CA SER B 12 -28.74 24.95 -8.40
C SER B 12 -29.44 26.28 -8.66
N PRO B 13 -29.41 27.23 -7.70
CA PRO B 13 -30.03 28.54 -7.92
C PRO B 13 -29.11 29.57 -8.59
N ILE B 14 -27.99 29.11 -9.16
CA ILE B 14 -26.99 30.00 -9.74
C ILE B 14 -27.04 29.89 -11.25
N ARG B 15 -26.99 31.02 -11.94
CA ARG B 15 -27.00 31.05 -13.40
C ARG B 15 -25.65 30.67 -14.00
N GLN B 16 -25.69 30.13 -15.21
CA GLN B 16 -24.47 29.80 -15.97
C GLN B 16 -23.70 31.06 -16.38
N ALA B 17 -22.38 30.96 -16.41
CA ALA B 17 -21.53 32.01 -16.94
C ALA B 17 -20.17 31.44 -17.31
N ILE B 18 -19.54 32.01 -18.34
CA ILE B 18 -18.24 31.52 -18.79
C ILE B 18 -17.42 32.66 -19.40
N HIS B 19 -16.13 32.61 -19.15
CA HIS B 19 -15.21 33.59 -19.70
C HIS B 19 -15.12 33.39 -21.22
N PRO B 20 -15.22 34.48 -22.00
CA PRO B 20 -15.30 34.31 -23.47
C PRO B 20 -14.07 33.66 -24.12
N LYS B 21 -12.93 33.68 -23.45
CA LYS B 21 -11.71 33.05 -23.97
C LYS B 21 -11.52 31.60 -23.53
N HIS B 22 -12.58 30.95 -23.05
CA HIS B 22 -12.52 29.55 -22.60
C HIS B 22 -11.79 28.62 -23.61
N ALA B 23 -12.08 28.76 -24.89
CA ALA B 23 -11.51 27.89 -25.92
C ALA B 23 -9.99 28.02 -25.99
N ASP B 24 -9.49 29.26 -25.99
CA ASP B 24 -8.04 29.51 -26.05
C ASP B 24 -7.34 29.00 -24.79
N ILE B 25 -7.98 29.21 -23.65
CA ILE B 25 -7.41 28.80 -22.38
C ILE B 25 -7.33 27.28 -22.30
N ASP B 26 -8.30 26.61 -22.89
CA ASP B 26 -8.27 25.16 -22.92
C ASP B 26 -7.12 24.63 -23.79
N VAL B 27 -6.90 25.27 -24.95
CA VAL B 27 -5.76 24.93 -25.81
C VAL B 27 -4.43 25.21 -25.10
N GLN B 28 -4.32 26.38 -24.46
CA GLN B 28 -3.10 26.75 -23.74
C GLN B 28 -2.80 25.82 -22.56
N THR B 29 -3.84 25.33 -21.88
CA THR B 29 -3.66 24.39 -20.77
C THR B 29 -3.19 23.02 -21.25
N ALA B 30 -3.72 22.55 -22.39
CA ALA B 30 -3.21 21.34 -23.01
C ALA B 30 -1.74 21.50 -23.35
N ALA B 31 -1.36 22.67 -23.87
CA ALA B 31 0.01 22.95 -24.25
C ALA B 31 0.93 22.99 -23.03
N TRP B 32 0.47 23.64 -21.97
CA TRP B 32 1.23 23.77 -20.72
C TRP B 32 1.53 22.39 -20.16
N ALA B 33 0.53 21.52 -20.20
CA ALA B 33 0.69 20.14 -19.75
C ALA B 33 1.82 19.48 -20.50
N GLU B 34 1.88 19.73 -21.81
CA GLU B 34 2.88 19.14 -22.68
C GLU B 34 4.28 19.69 -22.39
N THR B 35 4.42 21.00 -22.28
CA THR B 35 5.76 21.60 -22.11
C THR B 35 6.39 21.22 -20.77
N PHE B 36 5.57 21.05 -19.73
CA PHE B 36 6.10 20.69 -18.41
C PHE B 36 6.02 19.18 -18.14
N ARG B 37 5.59 18.43 -19.15
CA ARG B 37 5.49 16.97 -19.05
C ARG B 37 4.73 16.54 -17.79
N ILE B 38 3.54 17.11 -17.61
CA ILE B 38 2.74 16.82 -16.43
C ILE B 38 2.03 15.47 -16.60
N GLY B 39 2.28 14.56 -15.66
CA GLY B 39 1.64 13.26 -15.64
C GLY B 39 2.32 12.23 -16.54
N SER B 40 1.99 10.96 -16.33
CA SER B 40 2.38 9.92 -17.27
C SER B 40 1.75 10.23 -18.61
N GLU B 41 2.34 9.71 -19.69
CA GLU B 41 1.79 9.91 -21.02
C GLU B 41 0.32 9.49 -21.07
N GLU B 42 -0.03 8.41 -20.39
CA GLU B 42 -1.42 7.94 -20.37
C GLU B 42 -2.35 8.92 -19.66
N LEU B 43 -1.94 9.43 -18.50
CA LEU B 43 -2.74 10.39 -17.75
C LEU B 43 -2.91 11.69 -18.53
N ARG B 44 -1.81 12.23 -19.02
CA ARG B 44 -1.82 13.52 -19.73
C ARG B 44 -2.74 13.50 -20.93
N GLY B 45 -2.69 12.40 -21.69
CA GLY B 45 -3.56 12.22 -22.86
C GLY B 45 -5.02 12.31 -22.50
N LYS B 46 -5.37 11.86 -21.30
CA LYS B 46 -6.74 11.98 -20.81
C LYS B 46 -7.03 13.41 -20.36
N LEU B 47 -6.19 13.93 -19.47
CA LEU B 47 -6.40 15.26 -18.88
C LEU B 47 -6.62 16.36 -19.91
N VAL B 48 -5.83 16.37 -20.99
CA VAL B 48 -5.94 17.43 -22.00
C VAL B 48 -7.26 17.41 -22.78
N THR B 49 -8.01 16.32 -22.70
CA THR B 49 -9.34 16.24 -23.33
C THR B 49 -10.49 16.60 -22.38
N GLN B 50 -10.18 16.88 -21.11
CA GLN B 50 -11.23 16.99 -20.08
C GLN B 50 -11.76 18.41 -19.80
N ASP B 51 -11.44 19.35 -20.68
CA ASP B 51 -12.04 20.71 -20.65
C ASP B 51 -11.70 21.48 -19.37
N ILE B 52 -10.47 21.34 -18.91
CA ILE B 52 -10.03 21.98 -17.68
C ILE B 52 -9.97 23.52 -17.85
N GLY B 53 -9.56 23.97 -19.03
CA GLY B 53 -9.62 25.40 -19.35
C GLY B 53 -11.03 25.95 -19.27
N THR B 54 -11.98 25.16 -19.78
CA THR B 54 -13.38 25.54 -19.79
C THR B 54 -13.90 25.62 -18.35
N PHE B 55 -13.50 24.67 -17.51
CA PHE B 55 -13.87 24.68 -16.11
C PHE B 55 -13.39 25.97 -15.47
N SER B 56 -12.12 26.31 -15.66
CA SER B 56 -11.58 27.55 -15.09
C SER B 56 -12.36 28.76 -15.57
N ALA B 57 -12.64 28.80 -16.88
CA ALA B 57 -13.42 29.90 -17.46
C ALA B 57 -14.76 30.09 -16.77
N ARG B 58 -15.38 29.00 -16.30
CA ARG B 58 -16.63 29.09 -15.56
C ARG B 58 -16.44 29.55 -14.11
N ILE B 59 -15.27 29.27 -13.53
CA ILE B 59 -14.97 29.68 -12.16
C ILE B 59 -14.72 31.18 -12.08
N LEU B 60 -14.07 31.72 -13.11
CA LEU B 60 -13.73 33.15 -13.20
C LEU B 60 -14.27 33.75 -14.49
N PRO B 61 -15.60 33.75 -14.70
CA PRO B 61 -16.20 34.18 -15.96
C PRO B 61 -15.97 35.65 -16.30
N GLU B 62 -15.85 36.50 -15.28
CA GLU B 62 -15.51 37.91 -15.48
C GLU B 62 -14.10 38.19 -14.95
N GLY B 63 -13.28 37.14 -14.85
CA GLY B 63 -11.94 37.29 -14.30
C GLY B 63 -10.95 37.75 -15.34
N ARG B 64 -9.81 38.22 -14.86
CA ARG B 64 -8.71 38.62 -15.70
C ARG B 64 -8.12 37.37 -16.40
N GLU B 65 -8.02 37.42 -17.72
CA GLU B 65 -7.66 36.25 -18.54
C GLU B 65 -6.40 35.49 -18.08
N GLU B 66 -5.38 36.22 -17.66
CA GLU B 66 -4.13 35.61 -17.22
C GLU B 66 -4.32 34.76 -15.96
N VAL B 67 -5.23 35.19 -15.09
CA VAL B 67 -5.53 34.41 -13.87
C VAL B 67 -6.41 33.22 -14.21
N VAL B 68 -7.33 33.36 -15.16
CA VAL B 68 -8.11 32.22 -15.62
C VAL B 68 -7.19 31.12 -16.17
N SER B 69 -6.15 31.54 -16.90
CA SER B 69 -5.16 30.64 -17.45
C SER B 69 -4.29 30.00 -16.35
N LEU B 70 -3.84 30.81 -15.40
CA LEU B 70 -3.10 30.30 -14.23
C LEU B 70 -3.92 29.25 -13.50
N LEU B 71 -5.20 29.56 -13.28
CA LEU B 71 -6.08 28.66 -12.56
C LEU B 71 -6.30 27.36 -13.32
N ALA B 72 -6.42 27.44 -14.65
CA ALA B 72 -6.63 26.24 -15.47
C ALA B 72 -5.42 25.32 -15.42
N ASP B 73 -4.24 25.91 -15.60
CA ASP B 73 -2.98 25.17 -15.52
C ASP B 73 -2.85 24.54 -14.14
N PHE B 74 -3.20 25.29 -13.11
CA PHE B 74 -3.13 24.79 -11.74
C PHE B 74 -4.08 23.61 -11.50
N ILE B 75 -5.30 23.69 -12.05
CA ILE B 75 -6.25 22.58 -11.92
C ILE B 75 -5.73 21.32 -12.61
N LEU B 76 -5.13 21.46 -13.79
CA LEU B 76 -4.53 20.32 -14.46
C LEU B 76 -3.36 19.78 -13.63
N TRP B 77 -2.55 20.69 -13.10
CA TRP B 77 -1.43 20.31 -12.22
C TRP B 77 -1.91 19.46 -11.03
N LEU B 78 -3.00 19.90 -10.40
CA LEU B 78 -3.57 19.22 -9.24
C LEU B 78 -3.99 17.79 -9.56
N PHE B 79 -4.61 17.59 -10.73
CA PHE B 79 -4.90 16.22 -11.22
C PHE B 79 -3.63 15.44 -11.49
N GLY B 80 -2.56 16.13 -11.89
CA GLY B 80 -1.24 15.50 -11.97
C GLY B 80 -0.84 14.86 -10.65
N VAL B 81 -1.09 15.55 -9.55
CA VAL B 81 -0.81 15.02 -8.23
C VAL B 81 -1.89 14.03 -7.80
N ASP B 82 -3.16 14.41 -8.00
CA ASP B 82 -4.26 13.64 -7.44
C ASP B 82 -4.53 12.32 -8.17
N ASP B 83 -4.51 12.35 -9.51
CA ASP B 83 -4.55 11.10 -10.29
C ASP B 83 -3.17 10.45 -10.35
N GLY B 84 -2.16 11.24 -10.69
CA GLY B 84 -0.83 10.69 -10.97
C GLY B 84 -0.22 9.95 -9.81
N HIS B 85 -0.37 10.47 -8.60
CA HIS B 85 0.18 9.82 -7.41
C HIS B 85 -0.88 9.24 -6.48
N CYS B 86 -1.87 10.04 -6.10
CA CYS B 86 -2.80 9.65 -5.05
C CYS B 86 -3.71 8.51 -5.43
N GLU B 87 -4.40 8.63 -6.56
CA GLU B 87 -5.46 7.70 -6.91
C GLU B 87 -5.05 6.61 -7.90
N GLU B 88 -4.10 6.90 -8.78
CA GLU B 88 -3.70 5.95 -9.83
C GLU B 88 -2.19 5.67 -9.87
N GLY B 89 -1.48 6.12 -8.83
CA GLY B 89 -0.05 5.93 -8.71
C GLY B 89 0.31 5.17 -7.45
N GLU B 90 1.51 4.61 -7.44
CA GLU B 90 1.94 3.78 -6.32
C GLU B 90 2.02 4.53 -4.98
N LEU B 91 2.44 5.79 -5.01
CA LEU B 91 2.58 6.60 -3.77
C LEU B 91 1.29 6.74 -2.98
N GLY B 92 0.15 6.71 -3.66
CA GLY B 92 -1.15 6.80 -3.01
C GLY B 92 -1.49 5.65 -2.07
N HIS B 93 -0.74 4.55 -2.18
CA HIS B 93 -0.85 3.44 -1.23
C HIS B 93 0.20 3.52 -0.12
N ARG B 94 1.06 4.54 -0.17
CA ARG B 94 2.15 4.74 0.81
C ARG B 94 2.09 6.13 1.42
N PRO B 95 1.22 6.33 2.42
CA PRO B 95 0.99 7.67 3.00
C PRO B 95 2.25 8.35 3.51
N GLY B 96 3.14 7.58 4.14
CA GLY B 96 4.40 8.11 4.64
C GLY B 96 5.30 8.66 3.56
N ASP B 97 5.46 7.90 2.47
CA ASP B 97 6.26 8.34 1.33
C ASP B 97 5.58 9.49 0.58
N LEU B 98 4.25 9.40 0.46
CA LEU B 98 3.48 10.48 -0.12
C LEU B 98 3.70 11.75 0.68
N ALA B 99 3.66 11.66 2.01
CA ALA B 99 3.88 12.81 2.87
C ALA B 99 5.23 13.48 2.57
N GLY B 100 6.24 12.67 2.31
CA GLY B 100 7.57 13.18 1.98
C GLY B 100 7.56 13.98 0.69
N LEU B 101 7.01 13.38 -0.37
CA LEU B 101 6.92 14.06 -1.66
C LEU B 101 6.22 15.42 -1.54
N LEU B 102 5.12 15.45 -0.81
CA LEU B 102 4.27 16.63 -0.78
C LEU B 102 4.89 17.75 0.08
N HIS B 103 5.61 17.38 1.14
CA HIS B 103 6.40 18.36 1.90
C HIS B 103 7.43 19.01 0.99
N ARG B 104 8.08 18.21 0.15
CA ARG B 104 9.07 18.74 -0.78
C ARG B 104 8.42 19.68 -1.79
N LEU B 105 7.25 19.30 -2.31
CA LEU B 105 6.51 20.13 -3.26
C LEU B 105 6.10 21.47 -2.62
N ILE B 106 5.66 21.44 -1.37
CA ILE B 106 5.36 22.68 -0.65
C ILE B 106 6.57 23.60 -0.65
N ARG B 107 7.75 23.04 -0.41
CA ARG B 107 8.98 23.84 -0.38
C ARG B 107 9.32 24.42 -1.75
N VAL B 108 9.02 23.68 -2.82
CA VAL B 108 9.20 24.21 -4.18
C VAL B 108 8.26 25.38 -4.42
N ALA B 109 6.99 25.26 -4.00
CA ALA B 109 6.03 26.37 -4.12
C ALA B 109 6.46 27.61 -3.33
N GLN B 110 7.04 27.40 -2.15
CA GLN B 110 7.55 28.51 -1.34
C GLN B 110 8.81 29.15 -1.94
N ASN B 111 9.69 28.33 -2.48
CA ASN B 111 10.98 28.77 -2.97
C ASN B 111 11.36 28.01 -4.22
N PRO B 112 10.86 28.45 -5.39
CA PRO B 112 11.20 27.85 -6.68
C PRO B 112 12.70 27.82 -6.98
N GLU B 113 13.46 28.73 -6.37
CA GLU B 113 14.90 28.80 -6.59
C GLU B 113 15.71 27.75 -5.81
N ALA B 114 15.13 27.14 -4.78
CA ALA B 114 15.85 26.15 -4.00
C ALA B 114 16.27 24.97 -4.89
N PRO B 115 17.56 24.60 -4.86
CA PRO B 115 18.05 23.58 -5.80
C PRO B 115 17.70 22.16 -5.34
N MET B 116 16.41 21.87 -5.30
CA MET B 116 15.91 20.55 -4.96
C MET B 116 14.78 20.20 -5.92
N MET B 117 14.56 18.91 -6.14
CA MET B 117 13.58 18.42 -7.11
C MET B 117 13.73 19.13 -8.44
N GLN B 118 14.95 19.18 -8.96
CA GLN B 118 15.22 19.85 -10.22
C GLN B 118 14.90 18.94 -11.41
N ASP B 119 14.74 17.65 -11.11
CA ASP B 119 14.35 16.64 -12.10
C ASP B 119 12.83 16.61 -12.33
N ASP B 120 12.06 16.75 -11.26
CA ASP B 120 10.65 16.38 -11.23
C ASP B 120 9.76 17.28 -12.09
N PRO B 121 8.95 16.68 -13.00
CA PRO B 121 8.02 17.46 -13.81
C PRO B 121 6.99 18.24 -13.01
N LEU B 122 6.41 17.63 -11.96
CA LEU B 122 5.45 18.33 -11.11
C LEU B 122 6.07 19.55 -10.45
N ALA B 123 7.29 19.41 -9.95
CA ALA B 123 8.01 20.53 -9.36
C ALA B 123 8.25 21.64 -10.40
N ALA B 124 8.68 21.26 -11.60
CA ALA B 124 8.92 22.26 -12.66
C ALA B 124 7.62 23.03 -12.99
N GLY B 125 6.53 22.30 -13.11
CA GLY B 125 5.21 22.91 -13.31
C GLY B 125 4.83 23.84 -12.17
N LEU B 126 5.08 23.40 -10.93
CA LEU B 126 4.78 24.18 -9.74
C LEU B 126 5.55 25.51 -9.71
N ARG B 127 6.83 25.48 -10.11
CA ARG B 127 7.64 26.70 -10.18
C ARG B 127 7.03 27.73 -11.12
N ASP B 128 6.51 27.26 -12.26
CA ASP B 128 5.84 28.15 -13.21
C ASP B 128 4.59 28.77 -12.57
N LEU B 129 3.80 27.94 -11.89
CA LEU B 129 2.58 28.42 -11.24
C LEU B 129 2.91 29.49 -10.20
N ARG B 130 3.93 29.22 -9.40
CA ARG B 130 4.38 30.16 -8.37
C ARG B 130 4.85 31.50 -8.96
N MET B 131 5.66 31.41 -10.01
CA MET B 131 6.12 32.59 -10.72
C MET B 131 4.93 33.44 -11.18
N ARG B 132 3.85 32.80 -11.62
CA ARG B 132 2.66 33.53 -12.04
C ARG B 132 1.85 34.06 -10.85
N VAL B 133 1.76 33.28 -9.78
CA VAL B 133 1.13 33.75 -8.55
C VAL B 133 1.78 35.07 -8.10
N ASP B 134 3.11 35.13 -8.18
CA ASP B 134 3.87 36.33 -7.80
C ASP B 134 3.50 37.57 -8.61
N ARG B 135 3.08 37.38 -9.87
CA ARG B 135 2.67 38.49 -10.73
C ARG B 135 1.30 39.05 -10.34
N PHE B 136 0.39 38.18 -9.91
CA PHE B 136 -1.01 38.58 -9.74
C PHE B 136 -1.49 38.57 -8.30
N GLY B 137 -0.63 38.14 -7.37
CA GLY B 137 -1.00 38.04 -5.97
C GLY B 137 -0.10 38.82 -5.04
N THR B 138 -0.63 39.16 -3.87
CA THR B 138 0.15 39.77 -2.81
C THR B 138 0.91 38.66 -2.08
N ALA B 139 1.83 39.05 -1.20
CA ALA B 139 2.51 38.07 -0.35
C ALA B 139 1.51 37.32 0.52
N GLY B 140 0.50 38.02 1.01
CA GLY B 140 -0.55 37.39 1.81
C GLY B 140 -1.31 36.32 1.06
N GLN B 141 -1.72 36.64 -0.17
CA GLN B 141 -2.47 35.69 -0.99
C GLN B 141 -1.63 34.48 -1.39
N THR B 142 -0.33 34.72 -1.60
CA THR B 142 0.63 33.68 -1.92
C THR B 142 0.80 32.72 -0.76
N ALA B 143 0.96 33.28 0.43
CA ALA B 143 1.06 32.46 1.64
C ALA B 143 -0.22 31.67 1.87
N ARG B 144 -1.37 32.28 1.58
CA ARG B 144 -2.66 31.58 1.74
C ARG B 144 -2.79 30.42 0.73
N TRP B 145 -2.29 30.63 -0.48
CA TRP B 145 -2.23 29.60 -1.52
C TRP B 145 -1.37 28.42 -1.08
N VAL B 146 -0.18 28.71 -0.55
CA VAL B 146 0.71 27.67 -0.02
C VAL B 146 0.04 26.91 1.16
N ASP B 147 -0.59 27.65 2.07
CA ASP B 147 -1.29 27.04 3.21
C ASP B 147 -2.46 26.17 2.77
N ALA B 148 -3.13 26.59 1.69
CA ALA B 148 -4.21 25.79 1.11
C ALA B 148 -3.67 24.54 0.44
N LEU B 149 -2.50 24.64 -0.20
CA LEU B 149 -1.83 23.45 -0.76
C LEU B 149 -1.57 22.44 0.34
N ARG B 150 -1.07 22.90 1.49
CA ARG B 150 -0.80 22.02 2.62
C ARG B 150 -2.07 21.37 3.16
N GLU B 151 -3.17 22.12 3.25
CA GLU B 151 -4.48 21.58 3.62
C GLU B 151 -4.84 20.39 2.71
N TYR B 152 -4.72 20.61 1.41
CA TYR B 152 -5.01 19.58 0.42
C TYR B 152 -4.05 18.40 0.58
N PHE B 153 -2.76 18.70 0.61
CA PHE B 153 -1.73 17.66 0.73
C PHE B 153 -1.91 16.79 1.97
N PHE B 154 -2.16 17.42 3.11
CA PHE B 154 -2.35 16.70 4.37
C PHE B 154 -3.61 15.82 4.34
N SER B 155 -4.68 16.29 3.70
CA SER B 155 -5.90 15.49 3.62
C SER B 155 -5.77 14.28 2.67
N VAL B 156 -5.00 14.40 1.59
CA VAL B 156 -4.83 13.22 0.70
C VAL B 156 -3.86 12.21 1.31
N VAL B 157 -2.98 12.64 2.20
CA VAL B 157 -2.20 11.71 3.00
C VAL B 157 -3.14 10.93 3.93
N TRP B 158 -4.13 11.60 4.51
CA TRP B 158 -5.15 10.91 5.28
C TRP B 158 -5.94 9.92 4.42
N GLU B 159 -6.33 10.35 3.22
CA GLU B 159 -7.04 9.47 2.29
C GLU B 159 -6.18 8.27 1.91
N ALA B 160 -4.88 8.50 1.73
CA ALA B 160 -3.93 7.44 1.39
C ALA B 160 -3.83 6.37 2.48
N ALA B 161 -3.97 6.78 3.74
CA ALA B 161 -4.02 5.83 4.86
C ALA B 161 -5.19 4.85 4.70
N HIS B 162 -6.35 5.38 4.31
CA HIS B 162 -7.52 4.55 4.07
C HIS B 162 -7.32 3.66 2.84
N ARG B 163 -6.71 4.21 1.79
CA ARG B 163 -6.41 3.41 0.60
C ARG B 163 -5.48 2.25 0.92
N ARG B 164 -4.46 2.51 1.73
CA ARG B 164 -3.53 1.49 2.15
C ARG B 164 -4.22 0.38 2.92
N ALA B 165 -5.09 0.75 3.85
CA ALA B 165 -5.77 -0.24 4.69
C ALA B 165 -7.02 -0.81 4.01
N GLY B 166 -7.45 -0.22 2.90
CA GLY B 166 -8.65 -0.63 2.21
C GLY B 166 -9.93 -0.28 2.96
N THR B 167 -9.85 0.70 3.87
CA THR B 167 -10.98 1.06 4.72
C THR B 167 -11.75 2.27 4.17
N VAL B 168 -12.92 2.49 4.76
CA VAL B 168 -13.79 3.60 4.41
C VAL B 168 -14.12 4.33 5.69
N PRO B 169 -13.84 5.65 5.73
CA PRO B 169 -14.09 6.40 6.96
C PRO B 169 -15.58 6.56 7.23
N ASP B 170 -15.93 6.85 8.48
CA ASP B 170 -17.30 7.19 8.80
C ASP B 170 -17.65 8.56 8.20
N LEU B 171 -18.90 8.98 8.35
CA LEU B 171 -19.39 10.18 7.66
C LEU B 171 -18.70 11.44 8.16
N ASN B 172 -18.40 11.47 9.45
CA ASN B 172 -17.78 12.66 10.03
C ASN B 172 -16.35 12.84 9.56
N ASP B 173 -15.57 11.75 9.62
CA ASP B 173 -14.20 11.76 9.12
C ASP B 173 -14.17 12.04 7.62
N TYR B 174 -15.05 11.39 6.87
CA TYR B 174 -15.11 11.66 5.43
C TYR B 174 -15.36 13.14 5.17
N THR B 175 -16.37 13.71 5.82
CA THR B 175 -16.70 15.11 5.60
C THR B 175 -15.50 16.02 5.89
N LEU B 176 -14.85 15.81 7.03
CA LEU B 176 -13.67 16.60 7.39
C LEU B 176 -12.58 16.47 6.30
N MET B 177 -12.33 15.24 5.89
CA MET B 177 -11.31 14.94 4.89
C MET B 177 -11.67 15.57 3.55
N ARG B 178 -12.94 15.47 3.21
CA ARG B 178 -13.45 15.87 1.90
C ARG B 178 -13.49 17.39 1.74
N LEU B 179 -13.57 18.12 2.84
CA LEU B 179 -13.50 19.58 2.80
C LEU B 179 -12.23 20.10 2.15
N TYR B 180 -11.17 19.30 2.17
CA TYR B 180 -9.85 19.69 1.66
C TYR B 180 -9.32 18.81 0.55
N ASP B 181 -9.67 17.52 0.54
CA ASP B 181 -9.00 16.56 -0.35
C ASP B 181 -9.47 16.57 -1.80
N GLY B 182 -10.48 17.38 -2.10
CA GLY B 182 -10.86 17.69 -3.48
C GLY B 182 -10.11 18.90 -4.04
N ALA B 183 -9.20 19.46 -3.24
CA ALA B 183 -8.38 20.59 -3.66
C ALA B 183 -9.21 21.81 -4.08
N THR B 184 -10.23 22.11 -3.27
CA THR B 184 -11.11 23.24 -3.51
C THR B 184 -10.63 24.51 -2.82
N SER B 185 -10.08 24.37 -1.62
CA SER B 185 -9.61 25.52 -0.85
C SER B 185 -8.41 26.21 -1.50
N VAL B 186 -7.63 25.46 -2.28
CA VAL B 186 -6.50 26.03 -3.02
C VAL B 186 -6.93 27.01 -4.12
N VAL B 187 -8.17 26.90 -4.58
CA VAL B 187 -8.70 27.78 -5.64
C VAL B 187 -9.00 29.20 -5.11
N LEU B 188 -9.36 29.28 -3.83
CA LEU B 188 -9.95 30.51 -3.29
C LEU B 188 -9.09 31.77 -3.42
N PRO B 189 -7.78 31.69 -3.13
CA PRO B 189 -6.94 32.88 -3.33
C PRO B 189 -6.95 33.39 -4.77
N MET B 190 -7.01 32.47 -5.72
CA MET B 190 -7.02 32.84 -7.14
C MET B 190 -8.34 33.50 -7.56
N LEU B 191 -9.41 33.25 -6.81
CA LEU B 191 -10.67 33.99 -7.02
C LEU B 191 -10.44 35.48 -6.77
N GLU B 192 -9.71 35.79 -5.71
CA GLU B 192 -9.39 37.19 -5.39
C GLU B 192 -8.47 37.77 -6.45
N MET B 193 -7.40 37.05 -6.77
CA MET B 193 -6.41 37.48 -7.77
C MET B 193 -7.04 37.73 -9.14
N GLY B 194 -8.03 36.92 -9.48
CA GLY B 194 -8.73 37.02 -10.76
C GLY B 194 -9.45 38.33 -10.95
N HIS B 195 -9.77 39.00 -9.85
CA HIS B 195 -10.48 40.26 -9.88
C HIS B 195 -9.67 41.42 -9.30
N GLY B 196 -8.37 41.20 -9.09
CA GLY B 196 -7.44 42.28 -8.78
C GLY B 196 -7.63 42.94 -7.43
N TYR B 197 -8.23 42.23 -6.48
CA TYR B 197 -8.36 42.72 -5.10
C TYR B 197 -7.78 41.71 -4.10
N GLU B 198 -7.71 42.15 -2.86
CA GLU B 198 -7.28 41.29 -1.76
C GLU B 198 -8.31 41.33 -0.66
N LEU B 199 -8.86 40.17 -0.31
CA LEU B 199 -9.76 40.08 0.81
C LEU B 199 -8.95 40.13 2.09
N GLN B 200 -9.24 41.10 2.96
CA GLN B 200 -8.42 41.31 4.14
C GLN B 200 -8.75 40.29 5.23
N PRO B 201 -7.76 39.91 6.05
CA PRO B 201 -7.94 38.90 7.10
C PRO B 201 -9.19 39.07 7.96
N TYR B 202 -9.50 40.30 8.35
CA TYR B 202 -10.66 40.53 9.23
C TYR B 202 -11.98 40.06 8.61
N GLU B 203 -12.02 39.93 7.29
CA GLU B 203 -13.17 39.32 6.62
C GLU B 203 -12.91 37.87 6.21
N ARG B 204 -11.78 37.64 5.56
CA ARG B 204 -11.44 36.31 5.04
C ARG B 204 -11.43 35.26 6.14
N ASP B 205 -10.83 35.60 7.27
CA ASP B 205 -10.66 34.64 8.36
C ASP B 205 -11.76 34.71 9.39
N ARG B 206 -12.75 35.55 9.15
CA ARG B 206 -13.93 35.59 10.01
C ARG B 206 -14.61 34.22 9.93
N THR B 207 -15.07 33.71 11.08
CA THR B 207 -15.65 32.36 11.15
C THR B 207 -16.77 32.14 10.13
N ALA B 208 -17.65 33.12 10.00
CA ALA B 208 -18.80 33.00 9.09
C ALA B 208 -18.38 32.95 7.62
N VAL B 209 -17.29 33.65 7.30
CA VAL B 209 -16.78 33.72 5.93
C VAL B 209 -16.07 32.42 5.57
N ARG B 210 -15.25 31.90 6.48
CA ARG B 210 -14.69 30.57 6.33
C ARG B 210 -15.80 29.52 6.16
N ALA B 211 -16.89 29.68 6.90
CA ALA B 211 -18.01 28.74 6.83
C ALA B 211 -18.61 28.63 5.43
N VAL B 212 -18.89 29.78 4.80
CA VAL B 212 -19.48 29.74 3.44
C VAL B 212 -18.50 29.22 2.40
N ALA B 213 -17.20 29.45 2.60
CA ALA B 213 -16.18 28.85 1.74
C ALA B 213 -16.13 27.34 1.92
N GLU B 214 -16.28 26.89 3.16
CA GLU B 214 -16.33 25.46 3.46
C GLU B 214 -17.58 24.85 2.85
N MET B 215 -18.71 25.55 2.96
CA MET B 215 -19.97 25.13 2.33
C MET B 215 -19.78 24.97 0.83
N ALA B 216 -19.11 25.92 0.20
CA ALA B 216 -18.78 25.83 -1.23
C ALA B 216 -17.97 24.57 -1.53
N SER B 217 -16.96 24.30 -0.70
CA SER B 217 -16.19 23.06 -0.84
C SER B 217 -17.06 21.83 -0.67
N PHE B 218 -17.97 21.86 0.31
CA PHE B 218 -18.86 20.73 0.55
C PHE B 218 -19.77 20.45 -0.66
N ILE B 219 -20.37 21.50 -1.19
CA ILE B 219 -21.26 21.39 -2.34
C ILE B 219 -20.51 20.90 -3.58
N ILE B 220 -19.34 21.50 -3.84
CA ILE B 220 -18.52 21.12 -5.00
C ILE B 220 -18.08 19.66 -4.90
N THR B 221 -17.62 19.23 -3.72
CA THR B 221 -17.18 17.85 -3.54
C THR B 221 -18.32 16.85 -3.52
N TRP B 222 -19.46 17.20 -2.92
CA TRP B 222 -20.64 16.33 -2.95
C TRP B 222 -21.19 16.21 -4.38
N ASP B 223 -21.30 17.33 -5.08
CA ASP B 223 -21.71 17.32 -6.49
C ASP B 223 -20.76 16.49 -7.32
N ASN B 224 -19.47 16.56 -7.00
CA ASN B 224 -18.49 15.69 -7.67
C ASN B 224 -18.71 14.22 -7.30
N ASP B 225 -18.94 13.94 -6.02
CA ASP B 225 -19.24 12.56 -5.59
C ASP B 225 -20.42 12.00 -6.37
N ILE B 226 -21.41 12.84 -6.62
CA ILE B 226 -22.59 12.44 -7.38
C ILE B 226 -22.27 12.23 -8.85
N PHE B 227 -21.63 13.21 -9.49
CA PHE B 227 -21.36 13.12 -10.93
C PHE B 227 -20.24 12.16 -11.30
N SER B 228 -19.28 11.96 -10.39
CA SER B 228 -18.13 11.09 -10.64
C SER B 228 -18.31 9.68 -10.08
N TYR B 229 -19.45 9.40 -9.43
CA TYR B 229 -19.75 8.07 -8.89
C TYR B 229 -19.65 7.00 -9.96
N HIS B 230 -20.25 7.28 -11.11
CA HIS B 230 -20.21 6.36 -12.25
C HIS B 230 -18.76 6.02 -12.61
N LYS B 231 -17.96 7.03 -12.92
CA LYS B 231 -16.55 6.84 -13.29
C LYS B 231 -15.75 6.13 -12.20
N GLU B 232 -16.04 6.44 -10.93
CA GLU B 232 -15.28 5.90 -9.81
C GLU B 232 -15.66 4.45 -9.48
N ARG B 233 -16.95 4.18 -9.40
CA ARG B 233 -17.43 2.84 -9.05
C ARG B 233 -17.06 1.79 -10.10
N ARG B 234 -16.90 2.20 -11.36
CA ARG B 234 -16.76 1.24 -12.45
C ARG B 234 -15.30 0.86 -12.71
N GLY B 235 -14.38 1.53 -12.01
CA GLY B 235 -12.96 1.22 -12.10
C GLY B 235 -12.59 0.07 -11.20
N SER B 236 -11.37 -0.44 -11.38
CA SER B 236 -10.84 -1.54 -10.59
C SER B 236 -10.21 -1.06 -9.29
N GLY B 237 -9.83 0.21 -9.23
CA GLY B 237 -9.02 0.72 -8.12
C GLY B 237 -9.85 1.15 -6.92
N TYR B 238 -9.17 1.35 -5.80
CA TYR B 238 -9.81 1.91 -4.62
C TYR B 238 -10.37 3.31 -4.94
N TYR B 239 -11.55 3.60 -4.40
CA TYR B 239 -12.14 4.92 -4.51
C TYR B 239 -12.96 5.21 -3.25
N LEU B 240 -13.10 6.49 -2.94
CA LEU B 240 -13.97 6.96 -1.88
C LEU B 240 -14.90 8.02 -2.40
N ASN B 241 -16.15 7.96 -1.95
CA ASN B 241 -17.05 9.08 -2.08
C ASN B 241 -18.25 8.94 -1.16
N ALA B 242 -19.04 10.01 -1.06
CA ALA B 242 -20.13 10.08 -0.09
C ALA B 242 -21.06 8.89 -0.16
N LEU B 243 -21.35 8.41 -1.37
CA LEU B 243 -22.27 7.27 -1.54
C LEU B 243 -21.70 6.00 -0.90
N ARG B 244 -20.43 5.73 -1.16
CA ARG B 244 -19.78 4.57 -0.54
C ARG B 244 -19.77 4.68 0.99
N VAL B 245 -19.54 5.89 1.49
CA VAL B 245 -19.51 6.15 2.93
C VAL B 245 -20.91 5.95 3.53
N LEU B 246 -21.93 6.46 2.83
CA LEU B 246 -23.31 6.30 3.29
C LEU B 246 -23.78 4.85 3.20
N GLU B 247 -23.35 4.12 2.17
CA GLU B 247 -23.65 2.69 2.07
C GLU B 247 -23.16 1.93 3.30
N GLN B 248 -21.90 2.15 3.67
CA GLN B 248 -21.30 1.47 4.81
C GLN B 248 -21.95 1.90 6.11
N GLU B 249 -22.04 3.20 6.31
CA GLU B 249 -22.47 3.75 7.58
C GLU B 249 -23.95 3.52 7.91
N ARG B 250 -24.82 3.68 6.92
CA ARG B 250 -26.26 3.58 7.16
C ARG B 250 -26.91 2.36 6.50
N GLY B 251 -26.10 1.51 5.87
CA GLY B 251 -26.57 0.27 5.27
C GLY B 251 -27.42 0.48 4.03
N LEU B 252 -27.28 1.63 3.39
CA LEU B 252 -28.14 2.00 2.27
C LEU B 252 -27.70 1.32 0.98
N THR B 253 -28.66 1.12 0.07
CA THR B 253 -28.36 0.70 -1.30
C THR B 253 -27.72 1.89 -2.03
N PRO B 254 -27.03 1.63 -3.15
CA PRO B 254 -26.48 2.73 -3.93
C PRO B 254 -27.50 3.81 -4.27
N ALA B 255 -28.68 3.40 -4.75
CA ALA B 255 -29.74 4.36 -5.10
C ALA B 255 -30.20 5.17 -3.87
N GLN B 256 -30.36 4.51 -2.73
CA GLN B 256 -30.64 5.20 -1.48
C GLN B 256 -29.53 6.19 -1.11
N ALA B 257 -28.28 5.75 -1.21
CA ALA B 257 -27.12 6.60 -0.88
C ALA B 257 -27.07 7.84 -1.75
N LEU B 258 -27.45 7.70 -3.02
CA LEU B 258 -27.53 8.83 -3.94
C LEU B 258 -28.52 9.87 -3.45
N ASP B 259 -29.74 9.44 -3.14
CA ASP B 259 -30.79 10.34 -2.70
C ASP B 259 -30.44 11.00 -1.35
N ALA B 260 -29.83 10.24 -0.46
CA ALA B 260 -29.34 10.80 0.80
C ALA B 260 -28.24 11.86 0.59
N ALA B 261 -27.34 11.61 -0.37
CA ALA B 261 -26.27 12.56 -0.68
C ALA B 261 -26.81 13.85 -1.31
N ILE B 262 -27.76 13.70 -2.24
CA ILE B 262 -28.42 14.84 -2.86
C ILE B 262 -29.08 15.68 -1.79
N SER B 263 -29.80 15.02 -0.90
CA SER B 263 -30.47 15.70 0.22
C SER B 263 -29.48 16.51 1.05
N GLN B 264 -28.33 15.91 1.37
CA GLN B 264 -27.30 16.62 2.13
C GLN B 264 -26.83 17.89 1.41
N ARG B 265 -26.46 17.76 0.13
CA ARG B 265 -25.95 18.92 -0.61
C ARG B 265 -27.03 19.98 -0.90
N ASP B 266 -28.29 19.55 -1.01
CA ASP B 266 -29.41 20.50 -1.13
C ASP B 266 -29.50 21.40 0.10
N ARG B 267 -29.42 20.80 1.29
CA ARG B 267 -29.52 21.59 2.52
C ARG B 267 -28.35 22.56 2.68
N VAL B 268 -27.16 22.15 2.27
CA VAL B 268 -25.99 23.03 2.31
C VAL B 268 -26.08 24.14 1.25
N MET B 269 -26.66 23.80 0.09
CA MET B 269 -26.85 24.80 -0.96
C MET B 269 -27.77 25.92 -0.43
N CYS B 270 -28.90 25.53 0.16
CA CYS B 270 -29.83 26.49 0.72
C CYS B 270 -29.21 27.34 1.83
N LEU B 271 -28.45 26.71 2.72
CA LEU B 271 -27.77 27.45 3.79
C LEU B 271 -26.73 28.40 3.21
N PHE B 272 -25.91 27.92 2.28
CA PHE B 272 -24.91 28.75 1.63
C PHE B 272 -25.48 30.06 1.08
N THR B 273 -26.62 29.96 0.40
CA THR B 273 -27.23 31.14 -0.23
C THR B 273 -27.75 32.12 0.83
N THR B 274 -28.35 31.58 1.87
CA THR B 274 -28.89 32.40 2.94
C THR B 274 -27.78 33.13 3.71
N VAL B 275 -26.77 32.40 4.14
CA VAL B 275 -25.70 33.00 4.92
C VAL B 275 -24.89 33.98 4.06
N SER B 276 -24.62 33.61 2.82
CA SER B 276 -23.84 34.50 1.95
C SER B 276 -24.63 35.80 1.69
N GLU B 277 -25.94 35.71 1.54
CA GLU B 277 -26.79 36.91 1.46
C GLU B 277 -26.68 37.78 2.72
N GLN B 278 -26.68 37.16 3.90
CA GLN B 278 -26.49 37.90 5.15
C GLN B 278 -25.14 38.64 5.14
N LEU B 279 -24.08 37.92 4.77
CA LEU B 279 -22.73 38.49 4.74
C LEU B 279 -22.57 39.63 3.73
N ALA B 280 -23.23 39.49 2.58
CA ALA B 280 -23.17 40.50 1.53
C ALA B 280 -23.78 41.84 1.96
N GLU B 281 -24.84 41.81 2.77
CA GLU B 281 -25.52 43.03 3.25
C GLU B 281 -24.58 44.02 3.94
N GLN B 282 -23.62 43.50 4.71
CA GLN B 282 -22.77 44.34 5.54
C GLN B 282 -21.29 44.28 5.21
N GLY B 283 -20.90 43.34 4.34
CA GLY B 283 -19.50 43.16 4.01
C GLY B 283 -18.96 44.24 3.10
N SER B 284 -17.65 44.28 2.98
CA SER B 284 -16.98 45.19 2.04
C SER B 284 -17.39 44.86 0.60
N PRO B 285 -17.21 45.84 -0.31
CA PRO B 285 -17.33 45.52 -1.73
C PRO B 285 -16.49 44.30 -2.15
N GLN B 286 -15.35 44.10 -1.49
CA GLN B 286 -14.46 42.99 -1.81
C GLN B 286 -15.07 41.64 -1.39
N LEU B 287 -15.71 41.61 -0.22
CA LEU B 287 -16.41 40.41 0.24
C LEU B 287 -17.59 40.05 -0.68
N ARG B 288 -18.36 41.06 -1.09
CA ARG B 288 -19.43 40.83 -2.04
C ARG B 288 -18.91 40.17 -3.32
N GLN B 289 -17.77 40.63 -3.83
CA GLN B 289 -17.17 40.00 -5.02
C GLN B 289 -16.69 38.58 -4.72
N TYR B 290 -16.14 38.38 -3.53
CA TYR B 290 -15.69 37.06 -3.09
C TYR B 290 -16.85 36.09 -3.05
N LEU B 291 -17.96 36.51 -2.47
CA LEU B 291 -19.15 35.66 -2.37
C LEU B 291 -19.72 35.36 -3.75
N HIS B 292 -19.62 36.32 -4.67
CA HIS B 292 -20.04 36.07 -6.04
C HIS B 292 -19.15 35.03 -6.71
N SER B 293 -17.85 35.09 -6.45
CA SER B 293 -16.92 34.11 -7.01
C SER B 293 -17.17 32.71 -6.45
N LEU B 294 -17.58 32.61 -5.19
CA LEU B 294 -17.93 31.32 -4.61
C LEU B 294 -19.13 30.71 -5.36
N ARG B 295 -20.11 31.53 -5.71
CA ARG B 295 -21.23 31.07 -6.54
C ARG B 295 -20.74 30.59 -7.91
N CYS B 296 -19.84 31.34 -8.51
CA CYS B 296 -19.31 30.96 -9.82
C CYS B 296 -18.57 29.63 -9.76
N PHE B 297 -17.81 29.43 -8.69
CA PHE B 297 -17.02 28.22 -8.49
C PHE B 297 -17.96 27.02 -8.37
N ILE B 298 -18.96 27.14 -7.51
CA ILE B 298 -19.96 26.08 -7.33
C ILE B 298 -20.63 25.74 -8.66
N ARG B 299 -21.15 26.75 -9.34
CA ARG B 299 -21.89 26.54 -10.58
C ARG B 299 -20.99 26.05 -11.72
N GLY B 300 -19.78 26.59 -11.80
CA GLY B 300 -18.82 26.15 -12.81
C GLY B 300 -18.51 24.68 -12.66
N ALA B 301 -18.32 24.24 -11.42
CA ALA B 301 -18.07 22.82 -11.14
C ALA B 301 -19.27 21.97 -11.52
N GLN B 302 -20.46 22.50 -11.28
CA GLN B 302 -21.70 21.85 -11.69
C GLN B 302 -21.78 21.64 -13.22
N ASP B 303 -21.62 22.70 -13.99
CA ASP B 303 -21.68 22.60 -15.46
C ASP B 303 -20.57 21.75 -16.07
N TRP B 304 -19.37 21.83 -15.48
CA TRP B 304 -18.24 21.02 -15.93
C TRP B 304 -18.46 19.55 -15.59
N GLY B 305 -19.06 19.30 -14.44
CA GLY B 305 -19.32 17.95 -13.95
C GLY B 305 -20.26 17.11 -14.81
N ILE B 306 -21.23 17.74 -15.47
CA ILE B 306 -22.15 17.00 -16.35
C ILE B 306 -21.72 16.99 -17.82
N SER B 307 -20.64 17.69 -18.15
CA SER B 307 -20.20 17.80 -19.56
C SER B 307 -18.79 17.28 -19.85
N SER B 308 -17.90 17.29 -18.85
CA SER B 308 -16.54 16.82 -19.07
C SER B 308 -16.53 15.31 -19.36
N VAL B 309 -15.69 14.89 -20.29
CA VAL B 309 -15.56 13.46 -20.63
C VAL B 309 -14.91 12.71 -19.48
N ARG B 310 -14.25 13.44 -18.58
CA ARG B 310 -13.80 12.88 -17.31
C ARG B 310 -14.94 12.14 -16.58
N TYR B 311 -16.16 12.67 -16.68
CA TYR B 311 -17.31 12.13 -15.92
C TYR B 311 -18.38 11.45 -16.79
N THR B 312 -18.60 11.98 -18.00
CA THR B 312 -19.60 11.39 -18.92
C THR B 312 -19.10 10.08 -19.56
N THR B 313 -17.79 9.84 -19.51
CA THR B 313 -17.16 8.61 -20.04
C THR B 313 -17.84 8.03 -21.28
N PRO B 314 -17.70 8.70 -22.45
CA PRO B 314 -18.34 8.29 -23.71
C PRO B 314 -18.18 6.81 -24.08
N ASP B 315 -17.02 6.21 -23.77
CA ASP B 315 -16.80 4.78 -24.05
C ASP B 315 -17.70 3.86 -23.20
N ASP B 316 -18.29 4.43 -22.14
CA ASP B 316 -19.17 3.68 -21.24
C ASP B 316 -20.15 4.68 -20.61
N PRO B 317 -21.10 5.20 -21.42
CA PRO B 317 -21.85 6.42 -21.09
C PRO B 317 -22.44 6.48 -19.69
N ALA B 318 -22.04 7.50 -18.93
CA ALA B 318 -22.69 7.82 -17.67
C ALA B 318 -24.07 8.37 -18.01
N ASN B 319 -25.12 7.86 -17.37
CA ASN B 319 -26.45 8.40 -17.64
C ASN B 319 -26.72 9.53 -16.63
N MET B 320 -26.60 10.76 -17.15
CA MET B 320 -26.52 11.97 -16.35
C MET B 320 -27.53 13.01 -16.81
N PRO B 321 -27.88 13.96 -15.93
CA PRO B 321 -28.79 15.02 -16.33
C PRO B 321 -28.14 16.01 -17.29
N SER B 322 -28.97 16.72 -18.05
CA SER B 322 -28.53 17.73 -19.01
C SER B 322 -28.70 19.14 -18.45
N VAL B 323 -29.46 19.26 -17.37
CA VAL B 323 -29.85 20.53 -16.81
C VAL B 323 -29.83 20.46 -15.30
N PHE B 324 -29.83 21.62 -14.66
CA PHE B 324 -30.01 21.75 -13.22
C PHE B 324 -31.36 22.38 -12.96
N THR B 325 -32.00 22.01 -11.86
CA THR B 325 -33.29 22.60 -11.50
C THR B 325 -33.13 23.74 -10.52
N ASP B 326 -34.19 24.53 -10.34
CA ASP B 326 -34.12 25.70 -9.48
C ASP B 326 -34.93 25.56 -8.17
N VAL B 327 -35.37 24.35 -7.86
CA VAL B 327 -36.00 24.06 -6.56
C VAL B 327 -35.37 22.82 -5.93
N PRO B 328 -35.12 22.86 -4.61
CA PRO B 328 -34.48 21.73 -3.94
C PRO B 328 -35.44 20.55 -3.73
N THR B 329 -34.90 19.34 -3.71
CA THR B 329 -35.67 18.17 -3.29
C THR B 329 -35.84 18.21 -1.77
N ASP B 330 -34.73 18.44 -1.06
CA ASP B 330 -34.78 18.58 0.39
C ASP B 330 -34.91 20.06 0.79
N ASP B 331 -36.03 20.37 1.42
CA ASP B 331 -36.44 21.75 1.72
C ASP B 331 -35.88 22.29 3.04
N SER B 332 -35.60 21.39 3.97
CA SER B 332 -35.41 21.75 5.38
C SER B 332 -34.23 22.67 5.67
N THR B 333 -34.38 23.49 6.70
CA THR B 333 -33.26 24.18 7.35
C THR B 333 -32.74 23.31 8.50
N GLU B 334 -33.09 22.03 8.48
CA GLU B 334 -32.66 21.07 9.48
C GLU B 334 -31.17 20.79 9.28
N PRO B 335 -30.35 20.96 10.33
CA PRO B 335 -28.91 20.75 10.18
C PRO B 335 -28.53 19.31 9.85
N LEU B 336 -27.48 19.15 9.05
CA LEU B 336 -26.91 17.82 8.77
C LEU B 336 -26.45 17.18 10.09
N ASP B 337 -26.60 15.87 10.19
CA ASP B 337 -26.17 15.14 11.38
C ASP B 337 -24.69 14.77 11.24
N ILE B 338 -23.85 15.80 11.16
CA ILE B 338 -22.41 15.65 10.94
C ILE B 338 -21.70 16.69 11.82
N PRO B 339 -21.16 16.23 12.97
CA PRO B 339 -20.57 17.13 13.96
C PRO B 339 -19.53 18.12 13.40
N ALA B 340 -18.81 17.72 12.35
CA ALA B 340 -17.77 18.59 11.78
C ALA B 340 -18.30 19.88 11.15
N VAL B 341 -19.55 19.83 10.66
CA VAL B 341 -20.16 20.95 9.94
C VAL B 341 -21.54 21.43 10.44
N SER B 342 -22.11 20.76 11.44
CA SER B 342 -23.47 21.08 11.87
C SER B 342 -23.54 22.48 12.50
N TRP B 343 -22.41 22.96 13.00
CA TRP B 343 -22.32 24.31 13.55
C TRP B 343 -22.64 25.39 12.52
N TRP B 344 -22.43 25.11 11.23
CA TRP B 344 -22.79 26.07 10.17
C TRP B 344 -24.20 26.65 10.32
N TRP B 345 -25.13 25.82 10.77
CA TRP B 345 -26.52 26.24 10.93
C TRP B 345 -26.73 27.22 12.10
N ASP B 346 -25.76 27.33 13.00
CA ASP B 346 -25.80 28.34 14.07
C ASP B 346 -25.67 29.77 13.52
N LEU B 347 -25.16 29.92 12.29
CA LEU B 347 -24.99 31.22 11.64
C LEU B 347 -26.30 31.89 11.23
N LEU B 348 -27.38 31.12 11.14
CA LEU B 348 -28.70 31.69 10.80
C LEU B 348 -29.18 32.69 11.85
N GLU C 4 12.43 7.25 -27.17
CA GLU C 4 11.24 6.38 -27.42
C GLU C 4 11.60 5.20 -28.32
N LEU C 5 11.19 4.00 -27.90
CA LEU C 5 11.63 2.76 -28.54
C LEU C 5 10.86 2.39 -29.79
N THR C 6 11.56 1.70 -30.69
CA THR C 6 10.92 1.04 -31.82
C THR C 6 11.22 -0.45 -31.72
N VAL C 7 10.17 -1.26 -31.67
CA VAL C 7 10.32 -2.71 -31.52
C VAL C 7 10.55 -3.33 -32.91
N PRO C 8 11.71 -3.97 -33.13
CA PRO C 8 11.99 -4.57 -34.43
C PRO C 8 11.33 -5.95 -34.56
N PRO C 9 11.17 -6.44 -35.80
CA PRO C 9 10.62 -7.79 -35.97
C PRO C 9 11.41 -8.83 -35.17
N LEU C 10 10.69 -9.72 -34.50
CA LEU C 10 11.31 -10.74 -33.66
C LEU C 10 11.46 -12.07 -34.41
N PHE C 11 12.47 -12.84 -34.01
CA PHE C 11 12.70 -14.17 -34.56
C PHE C 11 11.66 -15.18 -34.06
N SER C 12 10.97 -15.83 -35.00
CA SER C 12 10.13 -16.98 -34.68
C SER C 12 10.17 -18.00 -35.81
N PRO C 13 10.63 -19.23 -35.52
CA PRO C 13 10.66 -20.27 -36.55
C PRO C 13 9.35 -21.03 -36.73
N ILE C 14 8.28 -20.59 -36.07
CA ILE C 14 7.01 -21.32 -36.05
C ILE C 14 5.98 -20.63 -36.96
N ARG C 15 5.24 -21.42 -37.74
CA ARG C 15 4.26 -20.85 -38.67
C ARG C 15 2.95 -20.56 -37.97
N GLN C 16 2.24 -19.56 -38.49
CA GLN C 16 0.94 -19.14 -37.98
C GLN C 16 -0.07 -20.24 -38.14
N ALA C 17 -1.02 -20.31 -37.22
CA ALA C 17 -2.16 -21.20 -37.34
C ALA C 17 -3.26 -20.73 -36.41
N ILE C 18 -4.51 -20.91 -36.83
CA ILE C 18 -5.65 -20.48 -36.04
C ILE C 18 -6.86 -21.39 -36.27
N HIS C 19 -7.59 -21.66 -35.19
CA HIS C 19 -8.80 -22.48 -35.25
C HIS C 19 -9.85 -21.77 -36.11
N PRO C 20 -10.51 -22.49 -37.02
CA PRO C 20 -11.46 -21.84 -37.95
C PRO C 20 -12.64 -21.09 -37.30
N LYS C 21 -13.01 -21.45 -36.08
CA LYS C 21 -14.13 -20.82 -35.37
C LYS C 21 -13.70 -19.66 -34.47
N HIS C 22 -12.52 -19.09 -34.71
CA HIS C 22 -11.96 -18.04 -33.87
C HIS C 22 -12.88 -16.83 -33.65
N ALA C 23 -13.58 -16.40 -34.70
CA ALA C 23 -14.50 -15.26 -34.58
C ALA C 23 -15.66 -15.58 -33.63
N ASP C 24 -16.20 -16.79 -33.74
CA ASP C 24 -17.31 -17.22 -32.91
C ASP C 24 -16.88 -17.34 -31.44
N ILE C 25 -15.68 -17.89 -31.25
CA ILE C 25 -15.13 -18.08 -29.91
C ILE C 25 -14.86 -16.73 -29.25
N ASP C 26 -14.43 -15.74 -30.02
CA ASP C 26 -14.22 -14.41 -29.48
C ASP C 26 -15.53 -13.75 -29.03
N VAL C 27 -16.59 -13.94 -29.80
CA VAL C 27 -17.93 -13.46 -29.41
C VAL C 27 -18.44 -14.14 -28.14
N GLN C 28 -18.31 -15.47 -28.07
CA GLN C 28 -18.80 -16.24 -26.93
C GLN C 28 -18.05 -15.89 -25.64
N THR C 29 -16.75 -15.62 -25.75
CA THR C 29 -15.94 -15.27 -24.58
C THR C 29 -16.33 -13.91 -24.01
N ALA C 30 -16.68 -12.97 -24.89
CA ALA C 30 -17.21 -11.68 -24.46
C ALA C 30 -18.54 -11.86 -23.73
N ALA C 31 -19.38 -12.76 -24.25
CA ALA C 31 -20.67 -13.05 -23.61
C ALA C 31 -20.50 -13.74 -22.26
N TRP C 32 -19.48 -14.59 -22.16
CA TRP C 32 -19.13 -15.25 -20.91
C TRP C 32 -18.70 -14.24 -19.83
N ALA C 33 -17.87 -13.29 -20.20
CA ALA C 33 -17.44 -12.23 -19.29
C ALA C 33 -18.64 -11.45 -18.76
N GLU C 34 -19.59 -11.18 -19.65
CA GLU C 34 -20.79 -10.44 -19.31
C GLU C 34 -21.68 -11.25 -18.38
N THR C 35 -21.93 -12.50 -18.73
CA THR C 35 -22.78 -13.40 -17.95
C THR C 35 -22.29 -13.54 -16.51
N PHE C 36 -20.98 -13.72 -16.34
CA PHE C 36 -20.42 -13.90 -14.99
C PHE C 36 -19.90 -12.61 -14.37
N ARG C 37 -20.03 -11.50 -15.10
CA ARG C 37 -19.66 -10.17 -14.62
C ARG C 37 -18.21 -10.14 -14.13
N ILE C 38 -17.31 -10.61 -15.00
CA ILE C 38 -15.89 -10.71 -14.69
C ILE C 38 -15.29 -9.33 -14.78
N GLY C 39 -14.61 -8.91 -13.71
CA GLY C 39 -13.97 -7.59 -13.68
C GLY C 39 -14.92 -6.44 -13.43
N SER C 40 -14.34 -5.31 -13.05
CA SER C 40 -15.06 -4.05 -13.01
C SER C 40 -15.56 -3.73 -14.41
N GLU C 41 -16.62 -2.94 -14.51
CA GLU C 41 -17.21 -2.59 -15.80
C GLU C 41 -16.15 -1.98 -16.74
N GLU C 42 -15.30 -1.11 -16.21
CA GLU C 42 -14.21 -0.54 -17.01
C GLU C 42 -13.25 -1.59 -17.56
N LEU C 43 -12.80 -2.51 -16.70
CA LEU C 43 -11.88 -3.55 -17.13
C LEU C 43 -12.52 -4.49 -18.15
N ARG C 44 -13.76 -4.90 -17.88
CA ARG C 44 -14.48 -5.80 -18.80
C ARG C 44 -14.66 -5.20 -20.19
N GLY C 45 -14.98 -3.90 -20.24
CA GLY C 45 -15.13 -3.18 -21.50
C GLY C 45 -13.88 -3.18 -22.34
N LYS C 46 -12.71 -3.15 -21.69
CA LYS C 46 -11.45 -3.31 -22.39
C LYS C 46 -11.21 -4.77 -22.80
N LEU C 47 -11.31 -5.67 -21.83
CA LEU C 47 -11.04 -7.10 -22.05
C LEU C 47 -11.78 -7.68 -23.26
N VAL C 48 -13.08 -7.40 -23.36
CA VAL C 48 -13.90 -7.95 -24.45
C VAL C 48 -13.52 -7.47 -25.86
N THR C 49 -12.69 -6.44 -25.96
CA THR C 49 -12.20 -5.96 -27.26
C THR C 49 -10.79 -6.46 -27.60
N GLN C 50 -10.18 -7.20 -26.70
CA GLN C 50 -8.75 -7.54 -26.83
C GLN C 50 -8.45 -8.86 -27.55
N ASP C 51 -9.47 -9.44 -28.17
CA ASP C 51 -9.32 -10.64 -29.02
C ASP C 51 -8.75 -11.84 -28.28
N ILE C 52 -9.29 -12.11 -27.09
CA ILE C 52 -8.82 -13.21 -26.25
C ILE C 52 -9.26 -14.57 -26.79
N GLY C 53 -10.46 -14.63 -27.35
CA GLY C 53 -10.92 -15.83 -28.05
C GLY C 53 -10.03 -16.13 -29.24
N THR C 54 -9.65 -15.08 -29.98
CA THR C 54 -8.73 -15.21 -31.10
C THR C 54 -7.39 -15.77 -30.62
N PHE C 55 -6.89 -15.24 -29.52
CA PHE C 55 -5.64 -15.73 -28.89
C PHE C 55 -5.76 -17.23 -28.61
N SER C 56 -6.84 -17.63 -27.95
CA SER C 56 -7.05 -19.04 -27.64
C SER C 56 -7.09 -19.89 -28.89
N ALA C 57 -7.75 -19.38 -29.93
CA ALA C 57 -7.88 -20.10 -31.20
C ALA C 57 -6.54 -20.34 -31.88
N ARG C 58 -5.53 -19.51 -31.57
CA ARG C 58 -4.16 -19.73 -32.08
C ARG C 58 -3.34 -20.68 -31.23
N ILE C 59 -3.71 -20.84 -29.96
CA ILE C 59 -3.02 -21.76 -29.05
C ILE C 59 -3.45 -23.21 -29.32
N LEU C 60 -4.72 -23.39 -29.66
CA LEU C 60 -5.31 -24.69 -29.98
C LEU C 60 -5.96 -24.65 -31.36
N PRO C 61 -5.15 -24.46 -32.41
CA PRO C 61 -5.70 -24.32 -33.77
C PRO C 61 -6.38 -25.57 -34.32
N GLU C 62 -5.94 -26.75 -33.85
CA GLU C 62 -6.57 -28.02 -34.23
C GLU C 62 -7.31 -28.63 -33.04
N GLY C 63 -7.48 -27.84 -31.98
CA GLY C 63 -8.11 -28.31 -30.76
C GLY C 63 -9.61 -28.41 -30.88
N ARG C 64 -10.19 -29.23 -30.01
CA ARG C 64 -11.62 -29.37 -29.86
C ARG C 64 -12.24 -28.02 -29.48
N GLU C 65 -13.30 -27.62 -30.18
CA GLU C 65 -13.88 -26.26 -30.06
C GLU C 65 -14.32 -25.89 -28.65
N GLU C 66 -14.94 -26.84 -27.95
CA GLU C 66 -15.38 -26.59 -26.58
C GLU C 66 -14.20 -26.25 -25.65
N VAL C 67 -13.04 -26.83 -25.93
CA VAL C 67 -11.85 -26.57 -25.10
C VAL C 67 -11.14 -25.27 -25.50
N VAL C 68 -11.20 -24.90 -26.79
CA VAL C 68 -10.70 -23.58 -27.21
C VAL C 68 -11.50 -22.50 -26.49
N SER C 69 -12.80 -22.74 -26.34
CA SER C 69 -13.69 -21.82 -25.65
C SER C 69 -13.43 -21.80 -24.15
N LEU C 70 -13.21 -22.96 -23.55
CA LEU C 70 -12.86 -23.04 -22.14
C LEU C 70 -11.57 -22.26 -21.88
N LEU C 71 -10.57 -22.44 -22.75
CA LEU C 71 -9.28 -21.77 -22.61
C LEU C 71 -9.42 -20.25 -22.77
N ALA C 72 -10.23 -19.83 -23.74
CA ALA C 72 -10.46 -18.40 -23.96
C ALA C 72 -11.09 -17.75 -22.72
N ASP C 73 -12.14 -18.37 -22.19
CA ASP C 73 -12.81 -17.88 -21.00
C ASP C 73 -11.83 -17.82 -19.83
N PHE C 74 -10.99 -18.84 -19.72
CA PHE C 74 -9.99 -18.93 -18.65
C PHE C 74 -8.95 -17.81 -18.76
N ILE C 75 -8.50 -17.52 -19.97
CA ILE C 75 -7.53 -16.44 -20.19
C ILE C 75 -8.14 -15.09 -19.81
N LEU C 76 -9.38 -14.84 -20.22
CA LEU C 76 -10.09 -13.61 -19.81
C LEU C 76 -10.22 -13.56 -18.29
N TRP C 77 -10.58 -14.70 -17.69
CA TRP C 77 -10.71 -14.80 -16.25
C TRP C 77 -9.39 -14.47 -15.57
N LEU C 78 -8.29 -14.96 -16.10
CA LEU C 78 -6.96 -14.70 -15.52
C LEU C 78 -6.60 -13.21 -15.53
N PHE C 79 -6.99 -12.49 -16.60
CA PHE C 79 -6.86 -11.03 -16.62
C PHE C 79 -7.78 -10.37 -15.60
N GLY C 80 -8.94 -10.97 -15.35
CA GLY C 80 -9.83 -10.51 -14.28
C GLY C 80 -9.09 -10.49 -12.95
N VAL C 81 -8.25 -11.50 -12.71
CA VAL C 81 -7.44 -11.54 -11.51
C VAL C 81 -6.23 -10.60 -11.66
N ASP C 82 -5.51 -10.77 -12.76
CA ASP C 82 -4.22 -10.12 -12.91
C ASP C 82 -4.35 -8.59 -13.06
N ASP C 83 -5.30 -8.15 -13.87
CA ASP C 83 -5.57 -6.71 -14.01
C ASP C 83 -6.42 -6.23 -12.84
N GLY C 84 -7.55 -6.90 -12.63
CA GLY C 84 -8.54 -6.49 -11.64
C GLY C 84 -8.01 -6.35 -10.23
N HIS C 85 -7.18 -7.29 -9.79
CA HIS C 85 -6.63 -7.24 -8.43
C HIS C 85 -5.15 -6.88 -8.40
N CYS C 86 -4.32 -7.58 -9.16
CA CYS C 86 -2.87 -7.48 -9.03
C CYS C 86 -2.28 -6.15 -9.51
N GLU C 87 -2.59 -5.75 -10.75
CA GLU C 87 -1.90 -4.63 -11.36
C GLU C 87 -2.67 -3.32 -11.33
N GLU C 88 -4.00 -3.40 -11.30
CA GLU C 88 -4.85 -2.22 -11.33
C GLU C 88 -5.83 -2.17 -10.16
N GLY C 89 -5.70 -3.11 -9.22
CA GLY C 89 -6.55 -3.14 -8.02
C GLY C 89 -5.75 -2.89 -6.75
N GLU C 90 -6.45 -2.63 -5.66
CA GLU C 90 -5.80 -2.29 -4.40
C GLU C 90 -5.11 -3.49 -3.75
N LEU C 91 -5.61 -4.70 -4.01
CA LEU C 91 -5.02 -5.91 -3.40
C LEU C 91 -3.62 -6.19 -3.93
N GLY C 92 -3.32 -5.70 -5.13
CA GLY C 92 -1.96 -5.75 -5.68
C GLY C 92 -0.90 -5.01 -4.86
N HIS C 93 -1.34 -4.11 -3.98
CA HIS C 93 -0.42 -3.43 -3.07
C HIS C 93 -0.39 -4.08 -1.69
N ARG C 94 -1.15 -5.16 -1.52
CA ARG C 94 -1.38 -5.80 -0.23
C ARG C 94 -1.16 -7.32 -0.33
N PRO C 95 0.10 -7.75 -0.47
CA PRO C 95 0.43 -9.18 -0.68
C PRO C 95 -0.22 -10.13 0.32
N GLY C 96 -0.30 -9.72 1.58
CA GLY C 96 -0.94 -10.53 2.62
C GLY C 96 -2.43 -10.77 2.38
N ASP C 97 -3.15 -9.70 2.09
CA ASP C 97 -4.58 -9.82 1.78
C ASP C 97 -4.81 -10.53 0.45
N LEU C 98 -3.91 -10.29 -0.51
CA LEU C 98 -3.99 -10.96 -1.81
C LEU C 98 -3.85 -12.48 -1.62
N ALA C 99 -2.88 -12.89 -0.82
CA ALA C 99 -2.67 -14.31 -0.54
C ALA C 99 -3.94 -14.95 0.01
N GLY C 100 -4.67 -14.22 0.84
CA GLY C 100 -5.94 -14.71 1.40
C GLY C 100 -6.99 -14.94 0.33
N LEU C 101 -7.22 -13.93 -0.51
CA LEU C 101 -8.15 -14.07 -1.64
C LEU C 101 -7.79 -15.28 -2.51
N LEU C 102 -6.52 -15.40 -2.84
CA LEU C 102 -6.10 -16.42 -3.79
C LEU C 102 -6.15 -17.83 -3.21
N HIS C 103 -5.89 -17.97 -1.91
CA HIS C 103 -6.09 -19.26 -1.24
C HIS C 103 -7.57 -19.65 -1.28
N ARG C 104 -8.46 -18.67 -1.09
CA ARG C 104 -9.90 -18.94 -1.13
C ARG C 104 -10.33 -19.36 -2.53
N LEU C 105 -9.75 -18.72 -3.55
CA LEU C 105 -10.04 -19.06 -4.94
C LEU C 105 -9.56 -20.48 -5.29
N ILE C 106 -8.39 -20.87 -4.79
CA ILE C 106 -7.91 -22.23 -4.97
C ILE C 106 -8.95 -23.22 -4.43
N ARG C 107 -9.55 -22.89 -3.28
CA ARG C 107 -10.55 -23.78 -2.70
C ARG C 107 -11.79 -23.86 -3.57
N VAL C 108 -12.21 -22.73 -4.14
CA VAL C 108 -13.34 -22.69 -5.06
C VAL C 108 -13.10 -23.56 -6.28
N ALA C 109 -11.89 -23.47 -6.85
CA ALA C 109 -11.52 -24.31 -7.98
C ALA C 109 -11.50 -25.78 -7.61
N GLN C 110 -11.06 -26.09 -6.39
CA GLN C 110 -11.07 -27.47 -5.89
C GLN C 110 -12.46 -27.98 -5.60
N ASN C 111 -13.30 -27.11 -5.06
CA ASN C 111 -14.62 -27.50 -4.59
C ASN C 111 -15.65 -26.40 -4.83
N PRO C 112 -16.15 -26.29 -6.08
CA PRO C 112 -17.16 -25.31 -6.43
C PRO C 112 -18.41 -25.37 -5.56
N GLU C 113 -18.71 -26.56 -5.05
CA GLU C 113 -19.87 -26.78 -4.16
C GLU C 113 -19.73 -26.18 -2.76
N ALA C 114 -18.51 -25.87 -2.33
CA ALA C 114 -18.29 -25.31 -0.99
C ALA C 114 -19.03 -23.97 -0.85
N PRO C 115 -19.87 -23.82 0.18
CA PRO C 115 -20.66 -22.59 0.30
C PRO C 115 -19.85 -21.38 0.81
N MET C 116 -18.81 -21.00 0.06
CA MET C 116 -18.00 -19.83 0.38
C MET C 116 -17.76 -19.02 -0.89
N MET C 117 -17.42 -17.74 -0.72
CA MET C 117 -17.30 -16.81 -1.82
C MET C 117 -18.48 -16.95 -2.79
N GLN C 118 -19.68 -16.90 -2.23
CA GLN C 118 -20.90 -17.12 -3.01
C GLN C 118 -21.28 -15.87 -3.79
N ASP C 119 -20.79 -14.71 -3.36
CA ASP C 119 -21.06 -13.44 -4.04
C ASP C 119 -20.07 -13.10 -5.14
N ASP C 120 -18.82 -13.53 -4.98
CA ASP C 120 -17.75 -13.01 -5.81
C ASP C 120 -17.86 -13.43 -7.28
N PRO C 121 -17.88 -12.46 -8.21
CA PRO C 121 -17.97 -12.80 -9.63
C PRO C 121 -16.81 -13.67 -10.14
N LEU C 122 -15.60 -13.40 -9.66
CA LEU C 122 -14.45 -14.21 -10.07
C LEU C 122 -14.63 -15.65 -9.60
N ALA C 123 -15.14 -15.82 -8.39
CA ALA C 123 -15.43 -17.15 -7.86
C ALA C 123 -16.48 -17.86 -8.73
N ALA C 124 -17.55 -17.14 -9.06
CA ALA C 124 -18.62 -17.72 -9.90
C ALA C 124 -18.10 -18.20 -11.26
N GLY C 125 -17.30 -17.37 -11.92
CA GLY C 125 -16.66 -17.75 -13.17
C GLY C 125 -15.76 -18.97 -13.02
N LEU C 126 -15.02 -19.01 -11.93
CA LEU C 126 -14.11 -20.12 -11.65
C LEU C 126 -14.87 -21.43 -11.52
N ARG C 127 -16.03 -21.40 -10.87
CA ARG C 127 -16.88 -22.59 -10.76
C ARG C 127 -17.27 -23.11 -12.14
N ASP C 128 -17.65 -22.19 -13.02
CA ASP C 128 -17.99 -22.57 -14.39
C ASP C 128 -16.79 -23.20 -15.10
N LEU C 129 -15.62 -22.58 -14.99
CA LEU C 129 -14.40 -23.14 -15.58
C LEU C 129 -14.12 -24.55 -15.05
N ARG C 130 -14.20 -24.72 -13.73
CA ARG C 130 -13.96 -26.02 -13.11
C ARG C 130 -14.96 -27.09 -13.58
N MET C 131 -16.24 -26.75 -13.70
CA MET C 131 -17.26 -27.68 -14.22
C MET C 131 -16.86 -28.20 -15.60
N ARG C 132 -16.36 -27.31 -16.44
CA ARG C 132 -15.97 -27.67 -17.80
C ARG C 132 -14.66 -28.45 -17.84
N VAL C 133 -13.72 -28.12 -16.95
CA VAL C 133 -12.52 -28.92 -16.77
C VAL C 133 -12.90 -30.37 -16.40
N ASP C 134 -13.92 -30.53 -15.56
CA ASP C 134 -14.41 -31.88 -15.21
C ASP C 134 -14.92 -32.67 -16.42
N ARG C 135 -15.48 -31.97 -17.41
CA ARG C 135 -15.95 -32.63 -18.63
C ARG C 135 -14.81 -33.12 -19.49
N PHE C 136 -13.79 -32.29 -19.68
CA PHE C 136 -12.77 -32.53 -20.67
C PHE C 136 -11.42 -32.97 -20.12
N GLY C 137 -11.28 -32.97 -18.80
CA GLY C 137 -10.03 -33.37 -18.17
C GLY C 137 -10.20 -34.59 -17.29
N THR C 138 -9.09 -35.28 -17.04
CA THR C 138 -9.04 -36.36 -16.07
C THR C 138 -8.79 -35.76 -14.69
N ALA C 139 -8.84 -36.61 -13.67
CA ALA C 139 -8.54 -36.16 -12.29
C ALA C 139 -7.13 -35.61 -12.21
N GLY C 140 -6.18 -36.28 -12.86
CA GLY C 140 -4.79 -35.84 -12.87
C GLY C 140 -4.58 -34.49 -13.51
N GLN C 141 -5.24 -34.24 -14.63
CA GLN C 141 -5.14 -32.96 -15.32
C GLN C 141 -5.78 -31.83 -14.50
N THR C 142 -6.90 -32.15 -13.85
CA THR C 142 -7.60 -31.22 -12.98
C THR C 142 -6.71 -30.79 -11.81
N ALA C 143 -6.07 -31.76 -11.16
CA ALA C 143 -5.13 -31.46 -10.07
C ALA C 143 -3.94 -30.63 -10.56
N ARG C 144 -3.45 -30.96 -11.75
CA ARG C 144 -2.40 -30.18 -12.39
C ARG C 144 -2.81 -28.74 -12.65
N TRP C 145 -4.04 -28.59 -13.13
CA TRP C 145 -4.62 -27.28 -13.36
C TRP C 145 -4.63 -26.47 -12.05
N VAL C 146 -5.08 -27.08 -10.97
CA VAL C 146 -5.11 -26.45 -9.65
C VAL C 146 -3.70 -26.12 -9.15
N ASP C 147 -2.76 -27.05 -9.29
CA ASP C 147 -1.36 -26.81 -8.89
C ASP C 147 -0.73 -25.65 -9.65
N ALA C 148 -1.01 -25.55 -10.95
CA ALA C 148 -0.47 -24.47 -11.77
C ALA C 148 -1.10 -23.13 -11.37
N LEU C 149 -2.38 -23.15 -11.00
CA LEU C 149 -3.04 -21.96 -10.46
C LEU C 149 -2.31 -21.47 -9.23
N ARG C 150 -1.92 -22.38 -8.33
CA ARG C 150 -1.13 -22.02 -7.17
C ARG C 150 0.23 -21.42 -7.56
N GLU C 151 0.90 -21.98 -8.56
CA GLU C 151 2.17 -21.42 -9.06
C GLU C 151 1.96 -19.97 -9.44
N TYR C 152 0.94 -19.72 -10.25
CA TYR C 152 0.60 -18.37 -10.66
C TYR C 152 0.28 -17.49 -9.46
N PHE C 153 -0.66 -17.93 -8.61
CA PHE C 153 -1.09 -17.14 -7.46
C PHE C 153 0.06 -16.76 -6.53
N PHE C 154 0.94 -17.72 -6.24
CA PHE C 154 2.05 -17.50 -5.32
C PHE C 154 3.06 -16.51 -5.93
N SER C 155 3.28 -16.61 -7.24
CA SER C 155 4.22 -15.73 -7.92
C SER C 155 3.73 -14.27 -7.98
N VAL C 156 2.43 -14.05 -8.19
CA VAL C 156 1.89 -12.69 -8.15
C VAL C 156 1.82 -12.10 -6.73
N VAL C 157 1.73 -12.96 -5.72
CA VAL C 157 1.89 -12.49 -4.33
C VAL C 157 3.33 -12.02 -4.11
N TRP C 158 4.29 -12.71 -4.73
CA TRP C 158 5.69 -12.26 -4.75
C TRP C 158 5.87 -10.93 -5.49
N GLU C 159 5.24 -10.81 -6.67
CA GLU C 159 5.24 -9.56 -7.42
C GLU C 159 4.62 -8.41 -6.61
N ALA C 160 3.53 -8.71 -5.90
CA ALA C 160 2.86 -7.72 -5.07
C ALA C 160 3.74 -7.19 -3.95
N ALA C 161 4.64 -8.02 -3.42
CA ALA C 161 5.59 -7.58 -2.40
C ALA C 161 6.50 -6.50 -2.94
N HIS C 162 6.95 -6.69 -4.18
CA HIS C 162 7.74 -5.68 -4.87
C HIS C 162 6.92 -4.42 -5.20
N ARG C 163 5.68 -4.60 -5.64
CA ARG C 163 4.81 -3.46 -5.95
C ARG C 163 4.56 -2.61 -4.70
N ARG C 164 4.31 -3.28 -3.58
CA ARG C 164 4.08 -2.59 -2.32
C ARG C 164 5.29 -1.73 -1.92
N ALA C 165 6.48 -2.29 -2.06
CA ALA C 165 7.71 -1.61 -1.70
C ALA C 165 8.20 -0.69 -2.82
N GLY C 166 7.64 -0.82 -4.02
CA GLY C 166 8.09 -0.04 -5.17
C GLY C 166 9.45 -0.47 -5.69
N THR C 167 9.89 -1.68 -5.34
CA THR C 167 11.18 -2.18 -5.75
C THR C 167 11.12 -2.98 -7.05
N VAL C 168 12.30 -3.18 -7.63
CA VAL C 168 12.46 -4.00 -8.83
C VAL C 168 13.46 -5.11 -8.51
N PRO C 169 13.06 -6.38 -8.71
CA PRO C 169 13.94 -7.50 -8.39
C PRO C 169 15.11 -7.62 -9.35
N ASP C 170 16.15 -8.33 -8.93
CA ASP C 170 17.28 -8.62 -9.81
C ASP C 170 16.84 -9.59 -10.91
N LEU C 171 17.73 -9.85 -11.88
CA LEU C 171 17.38 -10.64 -13.05
C LEU C 171 17.00 -12.08 -12.71
N ASN C 172 17.73 -12.67 -11.76
CA ASN C 172 17.47 -14.03 -11.31
C ASN C 172 16.09 -14.15 -10.67
N ASP C 173 15.78 -13.24 -9.77
CA ASP C 173 14.47 -13.25 -9.09
C ASP C 173 13.34 -12.99 -10.08
N TYR C 174 13.54 -12.01 -10.96
CA TYR C 174 12.54 -11.70 -11.96
C TYR C 174 12.24 -12.89 -12.86
N THR C 175 13.29 -13.55 -13.32
CA THR C 175 13.12 -14.69 -14.22
C THR C 175 12.29 -15.78 -13.53
N LEU C 176 12.69 -16.16 -12.33
CA LEU C 176 11.98 -17.19 -11.57
C LEU C 176 10.51 -16.83 -11.37
N MET C 177 10.28 -15.58 -10.95
CA MET C 177 8.95 -15.02 -10.77
C MET C 177 8.15 -15.07 -12.08
N ARG C 178 8.81 -14.66 -13.17
CA ARG C 178 8.15 -14.45 -14.45
C ARG C 178 7.83 -15.76 -15.18
N LEU C 179 8.49 -16.84 -14.82
CA LEU C 179 8.11 -18.17 -15.33
C LEU C 179 6.68 -18.57 -14.92
N TYR C 180 6.13 -17.95 -13.88
CA TYR C 180 4.77 -18.28 -13.40
C TYR C 180 3.79 -17.12 -13.33
N ASP C 181 4.27 -15.88 -13.14
CA ASP C 181 3.36 -14.75 -12.90
C ASP C 181 2.69 -14.20 -14.18
N GLY C 182 3.11 -14.72 -15.34
CA GLY C 182 2.39 -14.48 -16.58
C GLY C 182 1.25 -15.46 -16.82
N ALA C 183 1.03 -16.38 -15.88
CA ALA C 183 -0.08 -17.33 -15.96
C ALA C 183 0.03 -18.23 -17.21
N THR C 184 1.22 -18.72 -17.47
CA THR C 184 1.48 -19.56 -18.64
C THR C 184 1.40 -21.05 -18.29
N SER C 185 1.83 -21.41 -17.09
CA SER C 185 1.84 -22.80 -16.68
C SER C 185 0.42 -23.36 -16.58
N VAL C 186 -0.54 -22.50 -16.22
CA VAL C 186 -1.95 -22.91 -16.07
C VAL C 186 -2.62 -23.33 -17.37
N VAL C 187 -2.05 -22.91 -18.50
CA VAL C 187 -2.59 -23.25 -19.83
C VAL C 187 -2.23 -24.67 -20.25
N LEU C 188 -1.10 -25.18 -19.74
CA LEU C 188 -0.52 -26.43 -20.23
C LEU C 188 -1.44 -27.65 -20.17
N PRO C 189 -2.15 -27.85 -19.02
CA PRO C 189 -3.09 -28.96 -18.96
C PRO C 189 -4.20 -28.86 -20.00
N MET C 190 -4.63 -27.64 -20.33
CA MET C 190 -5.64 -27.46 -21.36
C MET C 190 -5.15 -27.77 -22.77
N LEU C 191 -3.83 -27.71 -22.99
CA LEU C 191 -3.27 -28.15 -24.28
C LEU C 191 -3.51 -29.65 -24.48
N GLU C 192 -3.39 -30.43 -23.41
CA GLU C 192 -3.70 -31.85 -23.47
C GLU C 192 -5.20 -32.07 -23.67
N MET C 193 -6.01 -31.44 -22.82
CA MET C 193 -7.45 -31.58 -22.86
C MET C 193 -8.00 -31.20 -24.23
N GLY C 194 -7.40 -30.18 -24.85
CA GLY C 194 -7.82 -29.72 -26.16
C GLY C 194 -7.73 -30.77 -27.24
N HIS C 195 -6.81 -31.72 -27.09
CA HIS C 195 -6.65 -32.82 -28.03
C HIS C 195 -7.04 -34.19 -27.49
N GLY C 196 -7.70 -34.22 -26.33
CA GLY C 196 -8.35 -35.44 -25.86
C GLY C 196 -7.44 -36.52 -25.30
N TYR C 197 -6.20 -36.16 -24.96
CA TYR C 197 -5.26 -37.15 -24.40
C TYR C 197 -4.74 -36.68 -23.06
N GLU C 198 -4.02 -37.56 -22.37
CA GLU C 198 -3.31 -37.22 -21.13
C GLU C 198 -1.82 -37.49 -21.29
N LEU C 199 -0.99 -36.49 -21.03
CA LEU C 199 0.46 -36.70 -21.01
C LEU C 199 0.79 -37.33 -19.66
N GLN C 200 1.41 -38.51 -19.71
CA GLN C 200 1.62 -39.30 -18.49
C GLN C 200 2.71 -38.69 -17.64
N PRO C 201 2.58 -38.79 -16.31
CA PRO C 201 3.59 -38.19 -15.44
C PRO C 201 5.04 -38.50 -15.82
N TYR C 202 5.34 -39.74 -16.20
CA TYR C 202 6.73 -40.12 -16.52
C TYR C 202 7.31 -39.30 -17.67
N GLU C 203 6.46 -38.80 -18.56
CA GLU C 203 6.89 -37.88 -19.60
C GLU C 203 6.74 -36.44 -19.13
N ARG C 204 5.55 -36.11 -18.64
CA ARG C 204 5.20 -34.75 -18.28
C ARG C 204 6.14 -34.15 -17.24
N ASP C 205 6.54 -34.96 -16.25
CA ASP C 205 7.34 -34.50 -15.13
C ASP C 205 8.84 -34.79 -15.30
N ARG C 206 9.22 -35.30 -16.46
CA ARG C 206 10.63 -35.48 -16.78
C ARG C 206 11.28 -34.11 -16.80
N THR C 207 12.47 -34.00 -16.25
CA THR C 207 13.16 -32.72 -16.16
C THR C 207 13.22 -32.00 -17.51
N ALA C 208 13.63 -32.70 -18.56
CA ALA C 208 13.77 -32.10 -19.89
C ALA C 208 12.42 -31.62 -20.47
N VAL C 209 11.33 -32.32 -20.14
CA VAL C 209 10.01 -31.96 -20.67
C VAL C 209 9.47 -30.75 -19.93
N ARG C 210 9.68 -30.72 -18.62
CA ARG C 210 9.37 -29.55 -17.83
C ARG C 210 10.23 -28.37 -18.29
N ALA C 211 11.48 -28.64 -18.66
CA ALA C 211 12.35 -27.60 -19.18
C ALA C 211 11.77 -26.90 -20.41
N VAL C 212 11.33 -27.67 -21.41
CA VAL C 212 10.81 -27.06 -22.64
C VAL C 212 9.52 -26.28 -22.43
N ALA C 213 8.72 -26.69 -21.44
CA ALA C 213 7.53 -25.95 -21.04
C ALA C 213 7.93 -24.62 -20.41
N GLU C 214 8.95 -24.65 -19.56
CA GLU C 214 9.48 -23.46 -18.93
C GLU C 214 10.07 -22.50 -19.97
N MET C 215 10.79 -23.06 -20.94
CA MET C 215 11.31 -22.28 -22.08
C MET C 215 10.17 -21.60 -22.81
N ALA C 216 9.06 -22.31 -23.02
CA ALA C 216 7.88 -21.69 -23.65
C ALA C 216 7.37 -20.49 -22.84
N SER C 217 7.28 -20.69 -21.53
CA SER C 217 6.86 -19.63 -20.62
C SER C 217 7.80 -18.43 -20.67
N PHE C 218 9.10 -18.70 -20.70
CA PHE C 218 10.12 -17.64 -20.80
C PHE C 218 9.95 -16.84 -22.08
N ILE C 219 9.83 -17.55 -23.21
CA ILE C 219 9.68 -16.91 -24.50
C ILE C 219 8.37 -16.12 -24.54
N ILE C 220 7.29 -16.74 -24.12
CA ILE C 220 5.98 -16.08 -24.11
C ILE C 220 6.01 -14.82 -23.24
N THR C 221 6.65 -14.90 -22.07
CA THR C 221 6.69 -13.75 -21.16
C THR C 221 7.69 -12.67 -21.58
N TRP C 222 8.85 -13.07 -22.11
CA TRP C 222 9.80 -12.10 -22.68
C TRP C 222 9.21 -11.38 -23.89
N ASP C 223 8.56 -12.14 -24.77
CA ASP C 223 7.88 -11.55 -25.92
C ASP C 223 6.79 -10.59 -25.46
N ASN C 224 6.09 -10.93 -24.37
CA ASN C 224 5.10 -10.00 -23.80
C ASN C 224 5.77 -8.75 -23.24
N ASP C 225 6.85 -8.93 -22.48
CA ASP C 225 7.63 -7.79 -21.94
C ASP C 225 8.03 -6.83 -23.05
N ILE C 226 8.45 -7.38 -24.19
CA ILE C 226 8.84 -6.58 -25.34
C ILE C 226 7.65 -5.86 -25.99
N PHE C 227 6.57 -6.60 -26.23
CA PHE C 227 5.39 -6.02 -26.89
C PHE C 227 4.50 -5.18 -25.96
N SER C 228 4.51 -5.46 -24.67
CA SER C 228 3.67 -4.72 -23.74
C SER C 228 4.43 -3.59 -23.02
N TYR C 229 5.71 -3.43 -23.35
CA TYR C 229 6.54 -2.41 -22.72
C TYR C 229 5.95 -1.01 -22.87
N HIS C 230 5.53 -0.68 -24.08
CA HIS C 230 4.95 0.64 -24.38
C HIS C 230 3.70 0.92 -23.52
N LYS C 231 2.77 -0.03 -23.51
CA LYS C 231 1.52 0.11 -22.74
C LYS C 231 1.77 0.17 -21.21
N GLU C 232 2.78 -0.54 -20.73
CA GLU C 232 3.13 -0.57 -19.30
C GLU C 232 3.94 0.67 -18.87
N ARG C 233 4.91 1.07 -19.69
CA ARG C 233 5.77 2.21 -19.36
C ARG C 233 5.00 3.54 -19.33
N ARG C 234 4.02 3.67 -20.21
CA ARG C 234 3.26 4.91 -20.34
C ARG C 234 2.23 5.15 -19.23
N GLY C 235 1.95 4.13 -18.43
CA GLY C 235 0.96 4.23 -17.36
C GLY C 235 1.43 4.97 -16.12
N SER C 236 0.50 5.24 -15.21
CA SER C 236 0.82 5.91 -13.94
C SER C 236 1.24 4.92 -12.85
N GLY C 237 0.79 3.67 -12.97
CA GLY C 237 0.97 2.68 -11.90
C GLY C 237 2.30 1.95 -11.98
N TYR C 238 2.61 1.22 -10.92
CA TYR C 238 3.77 0.35 -10.89
C TYR C 238 3.68 -0.66 -12.02
N TYR C 239 4.81 -0.92 -12.66
CA TYR C 239 4.88 -1.99 -13.66
C TYR C 239 6.22 -2.70 -13.52
N LEU C 240 6.27 -3.92 -14.02
CA LEU C 240 7.48 -4.74 -13.98
C LEU C 240 7.61 -5.48 -15.30
N ASN C 241 8.81 -5.44 -15.86
CA ASN C 241 9.15 -6.27 -17.03
C ASN C 241 10.65 -6.34 -17.26
N ALA C 242 11.08 -7.22 -18.15
CA ALA C 242 12.50 -7.53 -18.33
C ALA C 242 13.35 -6.31 -18.63
N LEU C 243 12.81 -5.38 -19.43
CA LEU C 243 13.56 -4.18 -19.80
C LEU C 243 13.85 -3.32 -18.57
N ARG C 244 12.86 -3.17 -17.70
CA ARG C 244 13.03 -2.39 -16.48
C ARG C 244 14.02 -3.07 -15.54
N VAL C 245 13.99 -4.40 -15.48
CA VAL C 245 14.95 -5.17 -14.69
C VAL C 245 16.36 -5.04 -15.25
N LEU C 246 16.50 -5.10 -16.57
CA LEU C 246 17.80 -5.00 -17.23
C LEU C 246 18.40 -3.59 -17.17
N GLU C 247 17.55 -2.56 -17.23
CA GLU C 247 18.01 -1.18 -17.01
C GLU C 247 18.65 -1.04 -15.62
N GLN C 248 17.94 -1.50 -14.59
CA GLN C 248 18.44 -1.43 -13.22
C GLN C 248 19.69 -2.27 -12.99
N GLU C 249 19.61 -3.53 -13.41
CA GLU C 249 20.67 -4.52 -13.14
C GLU C 249 21.98 -4.20 -13.88
N ARG C 250 21.88 -3.80 -15.15
CA ARG C 250 23.06 -3.63 -15.99
C ARG C 250 23.36 -2.16 -16.36
N GLY C 251 22.59 -1.24 -15.79
CA GLY C 251 22.80 0.20 -16.05
C GLY C 251 22.59 0.55 -17.51
N LEU C 252 21.64 -0.11 -18.15
CA LEU C 252 21.37 0.07 -19.57
C LEU C 252 20.33 1.15 -19.83
N THR C 253 20.34 1.69 -21.04
CA THR C 253 19.26 2.55 -21.51
C THR C 253 18.12 1.65 -21.97
N PRO C 254 16.91 2.21 -22.08
CA PRO C 254 15.78 1.43 -22.58
C PRO C 254 16.08 0.74 -23.91
N ALA C 255 16.75 1.43 -24.82
CA ALA C 255 17.12 0.86 -26.11
C ALA C 255 18.06 -0.32 -25.93
N GLN C 256 19.06 -0.16 -25.07
CA GLN C 256 20.01 -1.24 -24.77
C GLN C 256 19.33 -2.44 -24.10
N ALA C 257 18.37 -2.16 -23.22
CA ALA C 257 17.60 -3.21 -22.54
C ALA C 257 16.76 -4.01 -23.51
N LEU C 258 16.16 -3.33 -24.48
CA LEU C 258 15.41 -3.99 -25.55
C LEU C 258 16.31 -4.99 -26.30
N ASP C 259 17.53 -4.57 -26.63
CA ASP C 259 18.44 -5.44 -27.38
C ASP C 259 18.89 -6.64 -26.55
N ALA C 260 19.24 -6.41 -25.29
CA ALA C 260 19.62 -7.50 -24.39
C ALA C 260 18.47 -8.49 -24.17
N ALA C 261 17.24 -7.97 -24.15
CA ALA C 261 16.04 -8.80 -23.95
C ALA C 261 15.76 -9.66 -25.17
N ILE C 262 15.84 -9.04 -26.35
CA ILE C 262 15.68 -9.75 -27.62
C ILE C 262 16.71 -10.88 -27.74
N SER C 263 17.96 -10.57 -27.42
CA SER C 263 19.03 -11.57 -27.45
C SER C 263 18.74 -12.73 -26.51
N GLN C 264 18.28 -12.41 -25.31
CA GLN C 264 17.91 -13.44 -24.33
C GLN C 264 16.84 -14.38 -24.89
N ARG C 265 15.76 -13.81 -25.43
CA ARG C 265 14.66 -14.65 -25.92
C ARG C 265 14.99 -15.37 -27.25
N ASP C 266 15.90 -14.82 -28.05
CA ASP C 266 16.35 -15.49 -29.27
C ASP C 266 17.07 -16.80 -28.94
N ARG C 267 17.93 -16.76 -27.93
CA ARG C 267 18.68 -17.94 -27.54
C ARG C 267 17.80 -19.02 -26.91
N VAL C 268 16.81 -18.62 -26.12
CA VAL C 268 15.85 -19.59 -25.56
C VAL C 268 14.99 -20.17 -26.68
N MET C 269 14.62 -19.34 -27.65
CA MET C 269 13.83 -19.79 -28.80
C MET C 269 14.59 -20.87 -29.58
N CYS C 270 15.90 -20.67 -29.78
CA CYS C 270 16.74 -21.65 -30.47
C CYS C 270 16.88 -22.94 -29.65
N LEU C 271 17.17 -22.80 -28.37
CA LEU C 271 17.31 -23.95 -27.47
C LEU C 271 16.01 -24.77 -27.42
N PHE C 272 14.89 -24.07 -27.22
CA PHE C 272 13.58 -24.73 -27.21
C PHE C 272 13.40 -25.60 -28.44
N THR C 273 13.69 -25.03 -29.60
CA THR C 273 13.53 -25.73 -30.88
C THR C 273 14.40 -26.98 -30.94
N THR C 274 15.65 -26.86 -30.51
CA THR C 274 16.57 -28.00 -30.51
C THR C 274 16.12 -29.09 -29.53
N VAL C 275 15.89 -28.71 -28.28
CA VAL C 275 15.57 -29.69 -27.26
C VAL C 275 14.25 -30.40 -27.54
N SER C 276 13.24 -29.65 -28.00
CA SER C 276 11.94 -30.25 -28.30
C SER C 276 12.02 -31.23 -29.47
N GLU C 277 12.91 -30.98 -30.44
CA GLU C 277 13.14 -31.92 -31.54
C GLU C 277 13.76 -33.22 -31.04
N GLN C 278 14.75 -33.12 -30.14
CA GLN C 278 15.34 -34.30 -29.51
C GLN C 278 14.24 -35.12 -28.82
N LEU C 279 13.43 -34.43 -28.01
CA LEU C 279 12.36 -35.06 -27.26
C LEU C 279 11.33 -35.77 -28.13
N ALA C 280 11.04 -35.17 -29.29
CA ALA C 280 10.04 -35.71 -30.21
C ALA C 280 10.47 -37.04 -30.86
N GLU C 281 11.78 -37.19 -31.13
CA GLU C 281 12.33 -38.37 -31.80
C GLU C 281 11.93 -39.68 -31.14
N GLN C 282 11.92 -39.69 -29.81
CA GLN C 282 11.73 -40.91 -29.04
C GLN C 282 10.55 -40.89 -28.07
N GLY C 283 9.86 -39.76 -27.94
CA GLY C 283 8.70 -39.67 -27.05
C GLY C 283 7.48 -40.40 -27.56
N SER C 284 6.44 -40.44 -26.75
CA SER C 284 5.17 -41.05 -27.14
C SER C 284 4.47 -40.20 -28.20
N PRO C 285 3.43 -40.74 -28.84
CA PRO C 285 2.64 -39.89 -29.74
C PRO C 285 2.01 -38.70 -29.00
N GLN C 286 1.78 -38.87 -27.70
CA GLN C 286 1.18 -37.83 -26.88
C GLN C 286 2.16 -36.70 -26.65
N LEU C 287 3.42 -37.02 -26.35
CA LEU C 287 4.43 -36.01 -26.14
C LEU C 287 4.65 -35.20 -27.42
N ARG C 288 4.62 -35.87 -28.57
CA ARG C 288 4.78 -35.17 -29.84
C ARG C 288 3.69 -34.14 -30.04
N GLN C 289 2.46 -34.52 -29.71
CA GLN C 289 1.32 -33.61 -29.79
C GLN C 289 1.47 -32.46 -28.80
N TYR C 290 1.88 -32.78 -27.58
CA TYR C 290 2.18 -31.78 -26.55
C TYR C 290 3.21 -30.76 -27.02
N LEU C 291 4.30 -31.24 -27.63
CA LEU C 291 5.37 -30.37 -28.10
C LEU C 291 4.91 -29.47 -29.26
N HIS C 292 4.02 -29.99 -30.09
CA HIS C 292 3.38 -29.19 -31.13
C HIS C 292 2.53 -28.06 -30.52
N SER C 293 1.77 -28.38 -29.47
CA SER C 293 0.93 -27.38 -28.81
C SER C 293 1.76 -26.29 -28.13
N LEU C 294 2.94 -26.66 -27.60
CA LEU C 294 3.87 -25.68 -27.04
C LEU C 294 4.30 -24.67 -28.11
N ARG C 295 4.58 -25.14 -29.32
CA ARG C 295 4.86 -24.24 -30.44
C ARG C 295 3.65 -23.36 -30.76
N CYS C 296 2.47 -23.97 -30.80
CA CYS C 296 1.25 -23.22 -31.09
C CYS C 296 1.01 -22.12 -30.05
N PHE C 297 1.40 -22.39 -28.80
CA PHE C 297 1.19 -21.46 -27.70
C PHE C 297 2.16 -20.30 -27.85
N ILE C 298 3.40 -20.60 -28.21
CA ILE C 298 4.42 -19.58 -28.38
C ILE C 298 4.09 -18.67 -29.55
N ARG C 299 3.78 -19.27 -30.70
CA ARG C 299 3.44 -18.49 -31.90
C ARG C 299 2.11 -17.75 -31.76
N GLY C 300 1.14 -18.38 -31.09
CA GLY C 300 -0.16 -17.75 -30.84
C GLY C 300 -0.03 -16.47 -30.03
N ALA C 301 0.76 -16.52 -28.96
CA ALA C 301 1.07 -15.34 -28.16
C ALA C 301 1.82 -14.28 -28.97
N GLN C 302 2.71 -14.75 -29.85
CA GLN C 302 3.47 -13.85 -30.74
C GLN C 302 2.54 -13.07 -31.67
N ASP C 303 1.71 -13.78 -32.41
CA ASP C 303 0.77 -13.12 -33.35
C ASP C 303 -0.22 -12.22 -32.62
N TRP C 304 -0.72 -12.69 -31.47
CA TRP C 304 -1.68 -11.93 -30.68
C TRP C 304 -1.04 -10.70 -30.06
N GLY C 305 0.22 -10.83 -29.64
CA GLY C 305 0.94 -9.73 -29.02
C GLY C 305 1.10 -8.50 -29.90
N ILE C 306 1.26 -8.70 -31.20
CA ILE C 306 1.43 -7.59 -32.13
C ILE C 306 0.12 -7.12 -32.76
N SER C 307 -0.98 -7.81 -32.49
CA SER C 307 -2.29 -7.46 -33.08
C SER C 307 -3.32 -6.94 -32.07
N SER C 308 -3.36 -7.53 -30.87
CA SER C 308 -4.33 -7.12 -29.86
C SER C 308 -4.26 -5.62 -29.52
N VAL C 309 -5.43 -4.98 -29.40
CA VAL C 309 -5.50 -3.57 -28.97
C VAL C 309 -4.95 -3.40 -27.55
N ARG C 310 -4.93 -4.48 -26.79
CA ARG C 310 -4.26 -4.51 -25.48
C ARG C 310 -2.82 -3.96 -25.53
N TYR C 311 -2.12 -4.20 -26.63
CA TYR C 311 -0.71 -3.81 -26.77
C TYR C 311 -0.43 -2.74 -27.83
N THR C 312 -1.16 -2.77 -28.95
CA THR C 312 -0.98 -1.76 -30.00
C THR C 312 -1.55 -0.39 -29.60
N THR C 313 -2.47 -0.40 -28.63
CA THR C 313 -3.06 0.81 -28.05
C THR C 313 -3.29 1.92 -29.08
N PRO C 314 -4.27 1.72 -29.99
CA PRO C 314 -4.54 2.60 -31.13
C PRO C 314 -4.60 4.11 -30.80
N ASP C 315 -5.14 4.45 -29.64
CA ASP C 315 -5.25 5.86 -29.21
C ASP C 315 -3.88 6.52 -28.97
N ASP C 316 -2.89 5.71 -28.61
CA ASP C 316 -1.51 6.17 -28.55
C ASP C 316 -0.61 5.06 -29.12
N PRO C 317 -0.58 4.94 -30.47
CA PRO C 317 -0.02 3.79 -31.18
C PRO C 317 1.37 3.35 -30.70
N ALA C 318 1.51 2.09 -30.33
CA ALA C 318 2.81 1.47 -30.16
C ALA C 318 3.34 1.19 -31.57
N ASN C 319 4.55 1.65 -31.88
CA ASN C 319 5.15 1.32 -33.18
C ASN C 319 5.72 -0.10 -33.15
N MET C 320 4.85 -1.05 -33.52
CA MET C 320 5.15 -2.46 -33.42
C MET C 320 5.40 -3.05 -34.79
N PRO C 321 6.16 -4.16 -34.83
CA PRO C 321 6.37 -4.83 -36.11
C PRO C 321 5.08 -5.48 -36.62
N SER C 322 4.98 -5.66 -37.93
CA SER C 322 3.84 -6.32 -38.56
C SER C 322 4.09 -7.81 -38.80
N VAL C 323 5.35 -8.22 -38.72
CA VAL C 323 5.77 -9.59 -39.05
C VAL C 323 6.87 -10.08 -38.11
N PHE C 324 7.11 -11.39 -38.15
CA PHE C 324 8.24 -12.00 -37.45
C PHE C 324 9.25 -12.50 -38.48
N THR C 325 10.53 -12.42 -38.13
CA THR C 325 11.60 -12.90 -39.02
C THR C 325 11.86 -14.39 -38.77
N ASP C 326 12.56 -15.03 -39.69
CA ASP C 326 12.87 -16.45 -39.56
C ASP C 326 14.37 -16.73 -39.34
N VAL C 327 15.12 -15.71 -38.93
CA VAL C 327 16.51 -15.89 -38.49
C VAL C 327 16.77 -15.09 -37.21
N PRO C 328 17.50 -15.68 -36.25
CA PRO C 328 17.76 -14.98 -35.00
C PRO C 328 18.77 -13.84 -35.13
N THR C 329 18.58 -12.78 -34.36
CA THR C 329 19.57 -11.71 -34.26
C THR C 329 20.73 -12.21 -33.40
N ASP C 330 20.42 -12.94 -32.34
CA ASP C 330 21.42 -13.64 -31.52
C ASP C 330 21.43 -15.13 -31.85
N ASP C 331 22.58 -15.61 -32.31
CA ASP C 331 22.71 -16.94 -32.91
C ASP C 331 23.26 -18.00 -31.94
N SER C 332 24.01 -17.58 -30.93
CA SER C 332 24.85 -18.48 -30.15
C SER C 332 24.10 -19.47 -29.26
N THR C 333 24.81 -20.53 -28.86
CA THR C 333 24.34 -21.48 -27.87
C THR C 333 24.90 -21.13 -26.49
N GLU C 334 25.37 -19.90 -26.34
CA GLU C 334 25.89 -19.44 -25.05
C GLU C 334 24.74 -19.39 -24.05
N PRO C 335 24.86 -20.10 -22.92
CA PRO C 335 23.80 -20.05 -21.91
C PRO C 335 23.53 -18.64 -21.39
N LEU C 336 22.26 -18.34 -21.11
CA LEU C 336 21.88 -17.11 -20.40
C LEU C 336 22.58 -17.04 -19.06
N ASP C 337 22.95 -15.83 -18.65
CA ASP C 337 23.66 -15.61 -17.39
C ASP C 337 22.64 -15.47 -16.26
N ILE C 338 21.83 -16.52 -16.08
CA ILE C 338 20.71 -16.50 -15.15
C ILE C 338 20.65 -17.87 -14.47
N PRO C 339 21.12 -17.95 -13.22
CA PRO C 339 21.22 -19.23 -12.51
C PRO C 339 19.95 -20.08 -12.53
N ALA C 340 18.79 -19.44 -12.55
CA ALA C 340 17.51 -20.13 -12.40
C ALA C 340 17.18 -20.98 -13.62
N VAL C 341 17.74 -20.60 -14.77
CA VAL C 341 17.45 -21.28 -16.03
C VAL C 341 18.68 -21.71 -16.85
N SER C 342 19.90 -21.37 -16.42
CA SER C 342 21.08 -21.66 -17.24
C SER C 342 21.30 -23.17 -17.43
N TRP C 343 20.85 -23.96 -16.46
CA TRP C 343 20.89 -25.42 -16.55
C TRP C 343 20.18 -25.99 -17.78
N TRP C 344 19.22 -25.26 -18.36
CA TRP C 344 18.54 -25.72 -19.59
C TRP C 344 19.54 -26.13 -20.68
N TRP C 345 20.66 -25.42 -20.75
CA TRP C 345 21.66 -25.68 -21.78
C TRP C 345 22.43 -26.99 -21.53
N ASP C 346 22.38 -27.52 -20.30
CA ASP C 346 22.93 -28.86 -20.04
C ASP C 346 22.18 -29.97 -20.79
N LEU C 347 20.98 -29.67 -21.29
CA LEU C 347 20.14 -30.66 -21.97
C LEU C 347 20.57 -30.94 -23.42
N LEU C 348 21.42 -30.08 -23.97
CA LEU C 348 21.98 -30.29 -25.31
C LEU C 348 22.72 -31.63 -25.41
N VAL D 7 -8.42 -31.81 29.57
CA VAL D 7 -8.70 -32.45 28.24
C VAL D 7 -9.08 -33.91 28.41
N PRO D 8 -10.30 -34.28 28.00
CA PRO D 8 -10.72 -35.69 28.12
C PRO D 8 -9.98 -36.59 27.13
N PRO D 9 -10.04 -37.93 27.36
CA PRO D 9 -9.48 -38.90 26.43
C PRO D 9 -9.95 -38.64 25.01
N LEU D 10 -9.01 -38.48 24.08
CA LEU D 10 -9.36 -38.18 22.68
C LEU D 10 -9.45 -39.44 21.83
N PHE D 11 -10.50 -39.50 21.02
CA PHE D 11 -10.79 -40.64 20.19
C PHE D 11 -9.78 -40.84 19.06
N SER D 12 -9.03 -41.94 19.13
CA SER D 12 -8.19 -42.37 18.01
C SER D 12 -8.29 -43.87 17.85
N PRO D 13 -9.04 -44.34 16.84
CA PRO D 13 -9.20 -45.78 16.65
C PRO D 13 -8.00 -46.45 15.98
N ILE D 14 -6.82 -45.84 16.08
CA ILE D 14 -5.63 -46.30 15.38
C ILE D 14 -4.62 -46.82 16.39
N ARG D 15 -4.18 -48.06 16.19
CA ARG D 15 -3.17 -48.70 17.02
C ARG D 15 -1.81 -48.01 16.81
N GLN D 16 -1.02 -47.94 17.87
CA GLN D 16 0.35 -47.44 17.79
C GLN D 16 1.23 -48.36 16.97
N ALA D 17 2.22 -47.80 16.29
CA ALA D 17 3.18 -48.58 15.53
C ALA D 17 4.43 -47.75 15.30
N ILE D 18 5.57 -48.42 15.28
CA ILE D 18 6.84 -47.75 15.07
C ILE D 18 7.81 -48.67 14.33
N HIS D 19 8.66 -48.08 13.49
CA HIS D 19 9.70 -48.82 12.78
C HIS D 19 10.77 -49.25 13.79
N PRO D 20 11.17 -50.54 13.77
CA PRO D 20 12.15 -51.10 14.73
C PRO D 20 13.46 -50.30 14.87
N LYS D 21 13.92 -49.73 13.77
CA LYS D 21 15.19 -48.99 13.75
C LYS D 21 15.07 -47.51 14.16
N HIS D 22 13.99 -47.16 14.85
CA HIS D 22 13.72 -45.76 15.20
C HIS D 22 14.88 -45.07 15.93
N ALA D 23 15.55 -45.80 16.81
CA ALA D 23 16.66 -45.23 17.58
C ALA D 23 17.82 -44.79 16.67
N ASP D 24 18.21 -45.66 15.74
CA ASP D 24 19.28 -45.34 14.79
C ASP D 24 18.93 -44.13 13.92
N ILE D 25 17.68 -44.04 13.48
CA ILE D 25 17.28 -42.96 12.58
C ILE D 25 17.33 -41.60 13.28
N ASP D 26 16.97 -41.56 14.56
CA ASP D 26 17.15 -40.35 15.39
C ASP D 26 18.60 -39.89 15.42
N VAL D 27 19.51 -40.84 15.59
CA VAL D 27 20.94 -40.55 15.60
C VAL D 27 21.39 -40.07 14.22
N GLN D 28 20.98 -40.78 13.17
CA GLN D 28 21.33 -40.39 11.79
C GLN D 28 20.76 -39.02 11.40
N THR D 29 19.58 -38.68 11.94
CA THR D 29 18.95 -37.38 11.68
C THR D 29 19.66 -36.24 12.40
N ALA D 30 20.07 -36.46 13.65
CA ALA D 30 20.89 -35.49 14.38
C ALA D 30 22.24 -35.28 13.69
N ALA D 31 22.82 -36.37 13.18
CA ALA D 31 24.08 -36.28 12.42
C ALA D 31 23.88 -35.51 11.11
N TRP D 32 22.74 -35.71 10.45
CA TRP D 32 22.44 -35.04 9.20
C TRP D 32 22.33 -33.52 9.38
N ALA D 33 21.65 -33.12 10.45
CA ALA D 33 21.49 -31.70 10.78
C ALA D 33 22.84 -31.03 11.01
N GLU D 34 23.75 -31.74 11.69
CA GLU D 34 25.09 -31.23 11.94
C GLU D 34 25.88 -31.13 10.64
N THR D 35 25.87 -32.22 9.88
CA THR D 35 26.60 -32.27 8.60
C THR D 35 26.24 -31.10 7.69
N PHE D 36 24.95 -30.78 7.60
CA PHE D 36 24.48 -29.69 6.72
C PHE D 36 24.25 -28.36 7.43
N ARG D 37 24.55 -28.31 8.73
CA ARG D 37 24.46 -27.07 9.52
C ARG D 37 23.07 -26.45 9.44
N ILE D 38 22.05 -27.28 9.63
CA ILE D 38 20.67 -26.83 9.56
C ILE D 38 20.36 -25.99 10.79
N GLY D 39 19.89 -24.77 10.54
CA GLY D 39 19.51 -23.86 11.62
C GLY D 39 20.73 -23.27 12.33
N SER D 40 20.47 -22.44 13.32
CA SER D 40 21.52 -21.92 14.18
C SER D 40 21.95 -23.00 15.17
N GLU D 41 23.04 -22.74 15.89
CA GLU D 41 23.50 -23.68 16.92
C GLU D 41 22.37 -23.90 17.92
N GLU D 42 21.65 -22.81 18.24
CA GLU D 42 20.57 -22.85 19.21
C GLU D 42 19.39 -23.69 18.72
N LEU D 43 18.98 -23.48 17.47
CA LEU D 43 17.84 -24.20 16.91
C LEU D 43 18.18 -25.69 16.75
N ARG D 44 19.35 -25.97 16.20
CA ARG D 44 19.77 -27.35 15.98
C ARG D 44 19.80 -28.13 17.29
N GLY D 45 20.39 -27.54 18.32
CA GLY D 45 20.40 -28.13 19.65
C GLY D 45 19.03 -28.59 20.09
N LYS D 46 18.02 -27.74 19.88
CA LYS D 46 16.64 -28.09 20.20
C LYS D 46 16.09 -29.19 19.29
N LEU D 47 16.28 -29.03 17.98
CA LEU D 47 15.74 -29.98 16.99
C LEU D 47 16.25 -31.42 17.18
N VAL D 48 17.55 -31.56 17.38
CA VAL D 48 18.16 -32.88 17.54
C VAL D 48 17.67 -33.62 18.80
N THR D 49 17.07 -32.89 19.74
CA THR D 49 16.50 -33.51 20.94
C THR D 49 15.02 -33.91 20.78
N GLN D 50 14.41 -33.56 19.65
CA GLN D 50 12.95 -33.76 19.47
C GLN D 50 12.55 -35.15 18.97
N ASP D 51 13.53 -36.02 18.71
CA ASP D 51 13.26 -37.37 18.24
C ASP D 51 12.42 -37.37 16.96
N ILE D 52 12.85 -36.58 15.98
CA ILE D 52 12.19 -36.51 14.69
C ILE D 52 12.32 -37.82 13.89
N GLY D 53 13.37 -38.57 14.13
CA GLY D 53 13.52 -39.92 13.56
C GLY D 53 12.45 -40.87 14.07
N THR D 54 12.13 -40.75 15.36
CA THR D 54 11.04 -41.51 15.98
C THR D 54 9.69 -41.11 15.35
N PHE D 55 9.51 -39.82 15.11
CA PHE D 55 8.31 -39.31 14.45
C PHE D 55 8.15 -39.95 13.08
N SER D 56 9.22 -39.92 12.28
CA SER D 56 9.22 -40.56 10.98
C SER D 56 8.95 -42.06 11.08
N ALA D 57 9.58 -42.70 12.06
CA ALA D 57 9.42 -44.14 12.29
C ALA D 57 7.98 -44.54 12.60
N ARG D 58 7.20 -43.63 13.20
CA ARG D 58 5.79 -43.88 13.46
C ARG D 58 4.91 -43.66 12.23
N ILE D 59 5.32 -42.74 11.34
CA ILE D 59 4.60 -42.45 10.10
C ILE D 59 4.79 -43.61 9.13
N LEU D 60 6.01 -44.12 9.05
CA LEU D 60 6.35 -45.25 8.17
C LEU D 60 6.82 -46.45 8.99
N PRO D 61 5.91 -47.07 9.77
CA PRO D 61 6.33 -48.17 10.64
C PRO D 61 6.79 -49.44 9.90
N GLU D 62 6.22 -49.71 8.73
CA GLU D 62 6.64 -50.83 7.90
C GLU D 62 7.39 -50.37 6.63
N GLY D 63 7.79 -49.11 6.61
CA GLY D 63 8.47 -48.54 5.45
C GLY D 63 9.93 -48.96 5.33
N ARG D 64 10.46 -48.73 4.14
CA ARG D 64 11.86 -48.99 3.81
C ARG D 64 12.77 -48.03 4.60
N GLU D 65 13.76 -48.58 5.28
CA GLU D 65 14.57 -47.80 6.24
C GLU D 65 15.15 -46.52 5.67
N GLU D 66 15.67 -46.57 4.44
CA GLU D 66 16.28 -45.40 3.81
C GLU D 66 15.26 -44.28 3.58
N VAL D 67 14.00 -44.64 3.41
CA VAL D 67 12.95 -43.64 3.21
C VAL D 67 12.47 -43.09 4.55
N VAL D 68 12.41 -43.93 5.58
CA VAL D 68 12.14 -43.45 6.94
C VAL D 68 13.18 -42.38 7.31
N SER D 69 14.43 -42.66 6.98
CA SER D 69 15.52 -41.72 7.23
C SER D 69 15.39 -40.42 6.40
N LEU D 70 15.04 -40.57 5.12
CA LEU D 70 14.82 -39.42 4.23
C LEU D 70 13.72 -38.50 4.77
N LEU D 71 12.61 -39.11 5.18
CA LEU D 71 11.47 -38.38 5.74
C LEU D 71 11.83 -37.67 7.05
N ALA D 72 12.59 -38.34 7.91
CA ALA D 72 13.05 -37.74 9.17
C ALA D 72 13.88 -36.49 8.92
N ASP D 73 14.86 -36.60 8.03
CA ASP D 73 15.72 -35.48 7.68
C ASP D 73 14.92 -34.35 7.03
N PHE D 74 13.95 -34.72 6.21
CA PHE D 74 13.08 -33.75 5.56
C PHE D 74 12.29 -32.96 6.60
N ILE D 75 11.71 -33.66 7.58
CA ILE D 75 10.94 -33.01 8.62
C ILE D 75 11.81 -32.07 9.46
N LEU D 76 13.01 -32.53 9.84
CA LEU D 76 13.96 -31.65 10.54
C LEU D 76 14.24 -30.42 9.68
N TRP D 77 14.46 -30.65 8.39
CA TRP D 77 14.71 -29.56 7.46
C TRP D 77 13.54 -28.57 7.43
N LEU D 78 12.31 -29.08 7.34
CA LEU D 78 11.12 -28.22 7.39
C LEU D 78 11.09 -27.35 8.64
N PHE D 79 11.38 -27.94 9.80
CA PHE D 79 11.49 -27.17 11.05
C PHE D 79 12.58 -26.09 10.92
N GLY D 80 13.70 -26.44 10.29
CA GLY D 80 14.80 -25.50 10.07
C GLY D 80 14.42 -24.32 9.20
N VAL D 81 13.57 -24.56 8.20
CA VAL D 81 13.06 -23.48 7.34
C VAL D 81 12.05 -22.62 8.11
N ASP D 82 11.08 -23.29 8.73
CA ASP D 82 9.96 -22.61 9.38
C ASP D 82 10.43 -21.60 10.42
N ASP D 83 11.44 -21.99 11.21
CA ASP D 83 11.89 -21.21 12.35
C ASP D 83 13.08 -20.32 12.04
N GLY D 84 13.88 -20.71 11.05
CA GLY D 84 15.05 -19.92 10.62
C GLY D 84 14.74 -19.06 9.41
N PRO D 95 5.81 -11.55 4.89
CA PRO D 95 5.41 -12.24 3.67
C PRO D 95 6.00 -11.62 2.40
N GLY D 96 6.77 -10.54 2.54
CA GLY D 96 7.37 -9.87 1.41
C GLY D 96 8.60 -10.60 0.88
N ASP D 97 9.73 -10.38 1.56
CA ASP D 97 11.01 -11.02 1.19
C ASP D 97 10.96 -12.52 1.44
N LEU D 98 10.04 -12.94 2.32
CA LEU D 98 9.79 -14.34 2.61
C LEU D 98 9.35 -15.11 1.36
N ALA D 99 8.42 -14.53 0.60
CA ALA D 99 7.97 -15.16 -0.65
C ALA D 99 9.13 -15.38 -1.62
N GLY D 100 10.06 -14.43 -1.66
CA GLY D 100 11.25 -14.54 -2.49
C GLY D 100 12.17 -15.68 -2.08
N LEU D 101 12.51 -15.74 -0.79
CA LEU D 101 13.36 -16.83 -0.28
C LEU D 101 12.78 -18.20 -0.62
N LEU D 102 11.48 -18.33 -0.43
CA LEU D 102 10.83 -19.62 -0.61
C LEU D 102 10.72 -20.03 -2.08
N HIS D 103 10.48 -19.07 -2.99
CA HIS D 103 10.53 -19.39 -4.42
C HIS D 103 11.91 -19.91 -4.79
N ARG D 104 12.95 -19.29 -4.25
CA ARG D 104 14.34 -19.71 -4.54
C ARG D 104 14.62 -21.13 -4.04
N LEU D 105 14.18 -21.45 -2.83
CA LEU D 105 14.35 -22.80 -2.30
C LEU D 105 13.63 -23.83 -3.18
N ILE D 106 12.38 -23.54 -3.56
CA ILE D 106 11.66 -24.40 -4.47
C ILE D 106 12.49 -24.67 -5.73
N ARG D 107 13.10 -23.62 -6.29
CA ARG D 107 13.92 -23.80 -7.50
C ARG D 107 15.13 -24.69 -7.24
N VAL D 108 15.71 -24.59 -6.05
CA VAL D 108 16.80 -25.49 -5.66
C VAL D 108 16.31 -26.94 -5.61
N ALA D 109 15.13 -27.15 -5.04
CA ALA D 109 14.54 -28.50 -4.99
C ALA D 109 14.34 -29.06 -6.38
N GLN D 110 13.88 -28.23 -7.30
CA GLN D 110 13.68 -28.65 -8.71
C GLN D 110 15.00 -28.91 -9.39
N ASN D 111 15.97 -28.04 -9.17
CA ASN D 111 17.26 -28.10 -9.88
C ASN D 111 18.42 -27.81 -8.94
N PRO D 112 18.89 -28.85 -8.22
CA PRO D 112 20.02 -28.72 -7.29
C PRO D 112 21.28 -28.21 -7.96
N GLU D 113 21.42 -28.47 -9.27
CA GLU D 113 22.59 -28.07 -10.04
C GLU D 113 22.62 -26.58 -10.40
N ALA D 114 21.47 -25.91 -10.35
CA ALA D 114 21.39 -24.48 -10.66
C ALA D 114 22.35 -23.71 -9.75
N PRO D 115 23.22 -22.84 -10.33
CA PRO D 115 24.19 -22.13 -9.50
C PRO D 115 23.59 -20.95 -8.72
N MET D 116 22.64 -21.24 -7.82
CA MET D 116 22.06 -20.24 -6.92
C MET D 116 21.99 -20.78 -5.49
N MET D 117 22.04 -19.87 -4.52
CA MET D 117 22.07 -20.23 -3.10
C MET D 117 23.06 -21.36 -2.83
N GLN D 118 24.29 -21.20 -3.33
CA GLN D 118 25.34 -22.20 -3.19
C GLN D 118 25.94 -22.12 -1.79
N ASP D 119 25.78 -20.97 -1.16
CA ASP D 119 26.29 -20.69 0.19
C ASP D 119 25.38 -21.23 1.30
N ASP D 120 24.07 -21.14 1.09
CA ASP D 120 23.09 -21.31 2.17
C ASP D 120 22.96 -22.78 2.61
N PRO D 121 22.97 -23.03 3.93
CA PRO D 121 22.90 -24.43 4.38
C PRO D 121 21.53 -25.08 4.21
N LEU D 122 20.45 -24.31 4.29
CA LEU D 122 19.12 -24.86 4.00
C LEU D 122 19.07 -25.37 2.56
N ALA D 123 19.64 -24.61 1.64
CA ALA D 123 19.70 -25.01 0.25
C ALA D 123 20.55 -26.28 0.09
N ALA D 124 21.70 -26.32 0.78
CA ALA D 124 22.58 -27.48 0.73
C ALA D 124 21.88 -28.74 1.24
N GLY D 125 21.19 -28.62 2.36
CA GLY D 125 20.38 -29.72 2.87
C GLY D 125 19.31 -30.16 1.88
N LEU D 126 18.72 -29.19 1.18
CA LEU D 126 17.64 -29.46 0.22
C LEU D 126 18.14 -30.25 -0.98
N ARG D 127 19.35 -29.93 -1.45
CA ARG D 127 19.96 -30.67 -2.56
C ARG D 127 20.17 -32.14 -2.20
N ASP D 128 20.54 -32.40 -0.95
CA ASP D 128 20.70 -33.76 -0.47
C ASP D 128 19.37 -34.51 -0.42
N LEU D 129 18.33 -33.84 0.05
CA LEU D 129 16.99 -34.45 0.11
C LEU D 129 16.52 -34.78 -1.30
N ARG D 130 16.73 -33.85 -2.24
CA ARG D 130 16.32 -34.08 -3.63
C ARG D 130 17.05 -35.26 -4.26
N MET D 131 18.36 -35.32 -4.05
CA MET D 131 19.18 -36.41 -4.56
C MET D 131 18.63 -37.75 -4.08
N ARG D 132 18.25 -37.81 -2.81
CA ARG D 132 17.68 -39.03 -2.25
C ARG D 132 16.28 -39.32 -2.81
N VAL D 133 15.45 -38.30 -2.90
CA VAL D 133 14.16 -38.43 -3.60
C VAL D 133 14.32 -39.06 -5.00
N ASP D 134 15.35 -38.62 -5.75
CA ASP D 134 15.61 -39.20 -7.07
C ASP D 134 15.87 -40.70 -7.03
N ARG D 135 16.47 -41.19 -5.95
CA ARG D 135 16.74 -42.63 -5.79
C ARG D 135 15.49 -43.45 -5.54
N PHE D 136 14.55 -42.92 -4.76
CA PHE D 136 13.43 -43.73 -4.27
C PHE D 136 12.10 -43.37 -4.90
N GLY D 137 12.09 -42.38 -5.79
CA GLY D 137 10.85 -41.90 -6.37
C GLY D 137 10.89 -41.82 -7.88
N THR D 138 9.69 -41.77 -8.46
CA THR D 138 9.51 -41.53 -9.89
C THR D 138 9.54 -40.03 -10.15
N ALA D 139 9.56 -39.64 -11.42
CA ALA D 139 9.49 -38.23 -11.78
C ALA D 139 8.17 -37.64 -11.30
N GLY D 140 7.09 -38.41 -11.45
CA GLY D 140 5.77 -38.00 -10.98
C GLY D 140 5.74 -37.71 -9.49
N GLN D 141 6.34 -38.58 -8.69
CA GLN D 141 6.36 -38.41 -7.24
C GLN D 141 7.20 -37.22 -6.85
N THR D 142 8.30 -37.03 -7.59
CA THR D 142 9.19 -35.91 -7.36
C THR D 142 8.44 -34.58 -7.61
N ALA D 143 7.74 -34.48 -8.74
CA ALA D 143 6.93 -33.30 -9.05
C ALA D 143 5.86 -33.05 -7.99
N ARG D 144 5.20 -34.11 -7.54
CA ARG D 144 4.20 -33.96 -6.47
C ARG D 144 4.83 -33.41 -5.20
N TRP D 145 6.04 -33.86 -4.90
CA TRP D 145 6.78 -33.41 -3.73
C TRP D 145 7.09 -31.90 -3.82
N VAL D 146 7.52 -31.45 -5.00
CA VAL D 146 7.81 -30.03 -5.23
C VAL D 146 6.54 -29.19 -5.15
N ASP D 147 5.46 -29.67 -5.77
CA ASP D 147 4.16 -28.98 -5.69
C ASP D 147 3.68 -28.86 -4.24
N ALA D 148 3.89 -29.89 -3.45
CA ALA D 148 3.56 -29.86 -2.01
C ALA D 148 4.41 -28.85 -1.25
N LEU D 149 5.70 -28.75 -1.57
CA LEU D 149 6.55 -27.70 -1.01
C LEU D 149 6.00 -26.31 -1.33
N ARG D 150 5.57 -26.10 -2.57
CA ARG D 150 5.02 -24.80 -2.95
C ARG D 150 3.73 -24.51 -2.16
N GLU D 151 2.87 -25.50 -2.04
CA GLU D 151 1.67 -25.39 -1.18
C GLU D 151 2.06 -25.02 0.25
N TYR D 152 3.07 -25.72 0.77
CA TYR D 152 3.56 -25.46 2.12
C TYR D 152 4.07 -24.01 2.24
N PHE D 153 4.93 -23.61 1.31
CA PHE D 153 5.53 -22.28 1.35
C PHE D 153 4.52 -21.15 1.13
N PHE D 154 3.53 -21.38 0.27
CA PHE D 154 2.51 -20.37 0.03
C PHE D 154 1.69 -20.15 1.31
N SER D 155 1.42 -21.20 2.07
CA SER D 155 0.70 -21.07 3.35
C SER D 155 1.51 -20.35 4.41
N VAL D 156 2.82 -20.61 4.51
CA VAL D 156 3.65 -19.90 5.50
C VAL D 156 3.62 -18.39 5.22
N VAL D 157 3.62 -18.01 3.95
CA VAL D 157 3.47 -16.62 3.55
C VAL D 157 2.12 -16.05 4.03
N TRP D 158 1.04 -16.81 3.85
CA TRP D 158 -0.27 -16.35 4.29
C TRP D 158 -0.35 -16.25 5.81
N GLU D 159 0.14 -17.27 6.51
CA GLU D 159 0.22 -17.22 7.96
C GLU D 159 1.05 -16.04 8.43
N ALA D 160 2.17 -15.79 7.76
CA ALA D 160 3.06 -14.68 8.10
C ALA D 160 2.36 -13.32 8.00
N ALA D 161 1.47 -13.18 7.02
CA ALA D 161 0.72 -11.93 6.84
C ALA D 161 -0.15 -11.64 8.07
N HIS D 162 -0.83 -12.67 8.57
CA HIS D 162 -1.63 -12.56 9.79
C HIS D 162 -0.76 -12.24 11.01
N ARG D 163 0.34 -12.97 11.14
CA ARG D 163 1.32 -12.77 12.20
C ARG D 163 1.81 -11.32 12.21
N ARG D 164 2.22 -10.82 11.04
CA ARG D 164 2.76 -9.46 10.89
C ARG D 164 1.72 -8.40 11.22
N ALA D 165 0.46 -8.69 10.92
CA ALA D 165 -0.64 -7.76 11.18
C ALA D 165 -1.18 -7.86 12.61
N GLY D 166 -0.82 -8.94 13.32
CA GLY D 166 -1.38 -9.21 14.64
C GLY D 166 -2.85 -9.57 14.57
N THR D 167 -3.28 -10.11 13.42
CA THR D 167 -4.67 -10.48 13.19
C THR D 167 -4.86 -11.99 13.29
N VAL D 168 -6.09 -12.39 13.57
CA VAL D 168 -6.45 -13.80 13.72
C VAL D 168 -7.55 -14.16 12.71
N PRO D 169 -7.31 -15.16 11.84
CA PRO D 169 -8.31 -15.50 10.83
C PRO D 169 -9.58 -16.06 11.43
N ASP D 170 -10.69 -15.92 10.71
CA ASP D 170 -11.94 -16.55 11.12
C ASP D 170 -11.83 -18.07 10.96
N LEU D 171 -12.85 -18.81 11.39
CA LEU D 171 -12.77 -20.27 11.42
C LEU D 171 -12.57 -20.86 10.03
N ASN D 172 -13.28 -20.33 9.04
CA ASN D 172 -13.17 -20.86 7.69
C ASN D 172 -11.78 -20.65 7.07
N ASP D 173 -11.20 -19.46 7.24
CA ASP D 173 -9.84 -19.19 6.73
C ASP D 173 -8.78 -19.97 7.48
N TYR D 174 -8.92 -20.05 8.80
CA TYR D 174 -7.98 -20.82 9.61
C TYR D 174 -7.96 -22.29 9.19
N THR D 175 -9.14 -22.90 9.06
CA THR D 175 -9.24 -24.27 8.59
C THR D 175 -8.52 -24.45 7.25
N LEU D 176 -8.84 -23.56 6.31
CA LEU D 176 -8.26 -23.59 4.97
C LEU D 176 -6.74 -23.44 5.01
N MET D 177 -6.26 -22.49 5.80
CA MET D 177 -4.82 -22.26 5.97
C MET D 177 -4.14 -23.52 6.50
N ARG D 178 -4.84 -24.24 7.37
CA ARG D 178 -4.30 -25.44 7.98
C ARG D 178 -4.40 -26.67 7.06
N LEU D 179 -5.45 -26.76 6.26
CA LEU D 179 -5.51 -27.78 5.20
C LEU D 179 -4.37 -27.58 4.22
N TYR D 180 -4.19 -26.33 3.79
CA TYR D 180 -3.13 -25.98 2.84
C TYR D 180 -1.78 -25.78 3.49
N ASP D 181 -1.66 -26.09 4.79
CA ASP D 181 -0.40 -25.92 5.49
C ASP D 181 0.74 -26.60 4.75
N GLY D 182 0.43 -27.71 4.08
CA GLY D 182 1.39 -28.47 3.30
C GLY D 182 2.08 -29.59 4.06
N ALA D 183 1.94 -29.61 5.39
CA ALA D 183 2.63 -30.61 6.22
C ALA D 183 2.31 -32.03 5.78
N THR D 184 1.03 -32.34 5.59
CA THR D 184 0.67 -33.70 5.18
C THR D 184 0.96 -33.90 3.71
N SER D 185 0.69 -32.87 2.89
CA SER D 185 0.87 -33.00 1.45
C SER D 185 2.33 -33.27 1.08
N VAL D 186 3.29 -32.67 1.79
CA VAL D 186 4.72 -32.93 1.52
C VAL D 186 5.15 -34.35 1.91
N VAL D 187 4.45 -34.92 2.90
CA VAL D 187 4.77 -36.25 3.43
C VAL D 187 4.21 -37.36 2.53
N LEU D 188 3.09 -37.07 1.87
CA LEU D 188 2.36 -38.09 1.10
C LEU D 188 3.22 -38.85 0.07
N PRO D 189 3.99 -38.14 -0.77
CA PRO D 189 4.81 -38.88 -1.76
C PRO D 189 5.79 -39.85 -1.10
N MET D 190 6.31 -39.48 0.06
CA MET D 190 7.23 -40.32 0.81
C MET D 190 6.58 -41.58 1.38
N LEU D 191 5.31 -41.48 1.75
CA LEU D 191 4.54 -42.65 2.17
C LEU D 191 4.49 -43.70 1.06
N GLU D 192 4.34 -43.26 -0.18
CA GLU D 192 4.37 -44.13 -1.35
C GLU D 192 5.77 -44.72 -1.53
N MET D 193 6.77 -43.83 -1.58
CA MET D 193 8.16 -44.23 -1.76
C MET D 193 8.61 -45.22 -0.71
N GLY D 194 8.19 -45.02 0.54
CA GLY D 194 8.54 -45.90 1.64
C GLY D 194 8.14 -47.36 1.45
N HIS D 195 7.12 -47.59 0.62
CA HIS D 195 6.62 -48.94 0.34
C HIS D 195 6.80 -49.40 -1.10
N GLY D 196 7.56 -48.64 -1.89
CA GLY D 196 8.00 -49.08 -3.21
C GLY D 196 6.99 -48.98 -4.34
N TYR D 197 5.85 -48.31 -4.13
CA TYR D 197 4.84 -48.17 -5.16
C TYR D 197 4.59 -46.71 -5.54
N GLU D 198 3.82 -46.53 -6.63
CA GLU D 198 3.38 -45.20 -7.06
C GLU D 198 1.86 -45.19 -7.19
N LEU D 199 1.19 -44.30 -6.46
CA LEU D 199 -0.25 -44.18 -6.58
C LEU D 199 -0.58 -43.41 -7.84
N GLN D 200 -1.30 -44.03 -8.76
CA GLN D 200 -1.56 -43.40 -10.05
C GLN D 200 -2.58 -42.26 -9.93
N PRO D 201 -2.50 -41.28 -10.84
CA PRO D 201 -3.33 -40.08 -10.75
C PRO D 201 -4.82 -40.34 -10.64
N TYR D 202 -5.30 -41.39 -11.29
CA TYR D 202 -6.73 -41.68 -11.29
C TYR D 202 -7.25 -41.93 -9.88
N GLU D 203 -6.35 -42.35 -8.97
CA GLU D 203 -6.69 -42.53 -7.56
C GLU D 203 -6.17 -41.39 -6.71
N ARG D 204 -4.89 -41.07 -6.86
CA ARG D 204 -4.26 -40.03 -6.06
C ARG D 204 -5.00 -38.68 -6.13
N ASP D 205 -5.42 -38.31 -7.33
CA ASP D 205 -6.08 -37.02 -7.55
C ASP D 205 -7.60 -37.08 -7.48
N ARG D 206 -8.14 -38.26 -7.19
CA ARG D 206 -9.57 -38.38 -6.99
C ARG D 206 -10.00 -37.50 -5.81
N THR D 207 -11.13 -36.81 -5.97
CA THR D 207 -11.63 -35.90 -4.95
C THR D 207 -11.73 -36.55 -3.55
N ALA D 208 -12.28 -37.76 -3.48
CA ALA D 208 -12.45 -38.48 -2.22
C ALA D 208 -11.14 -38.84 -1.55
N VAL D 209 -10.13 -39.15 -2.36
CA VAL D 209 -8.81 -39.51 -1.84
C VAL D 209 -8.08 -38.29 -1.32
N ARG D 210 -8.19 -37.18 -2.05
CA ARG D 210 -7.71 -35.90 -1.54
C ARG D 210 -8.42 -35.55 -0.24
N ALA D 211 -9.72 -35.80 -0.17
CA ALA D 211 -10.51 -35.46 1.01
C ALA D 211 -9.99 -36.11 2.30
N VAL D 212 -9.71 -37.41 2.25
CA VAL D 212 -9.22 -38.11 3.43
C VAL D 212 -7.82 -37.65 3.86
N ALA D 213 -7.01 -37.20 2.90
CA ALA D 213 -5.73 -36.57 3.24
C ALA D 213 -5.96 -35.24 3.95
N GLU D 214 -6.97 -34.49 3.50
CA GLU D 214 -7.32 -33.21 4.12
C GLU D 214 -7.87 -33.42 5.53
N MET D 215 -8.63 -34.50 5.71
CA MET D 215 -9.16 -34.85 7.02
C MET D 215 -8.04 -35.18 8.01
N ALA D 216 -7.01 -35.85 7.51
CA ALA D 216 -5.81 -36.12 8.30
C ALA D 216 -5.15 -34.83 8.80
N SER D 217 -5.07 -33.82 7.94
CA SER D 217 -4.49 -32.52 8.32
C SER D 217 -5.33 -31.84 9.38
N PHE D 218 -6.65 -31.88 9.19
CA PHE D 218 -7.59 -31.29 10.15
C PHE D 218 -7.43 -31.91 11.54
N ILE D 219 -7.45 -33.24 11.60
CA ILE D 219 -7.37 -33.97 12.87
C ILE D 219 -6.07 -33.68 13.60
N ILE D 220 -4.95 -33.76 12.87
CA ILE D 220 -3.64 -33.47 13.45
C ILE D 220 -3.60 -32.04 13.99
N THR D 221 -4.11 -31.09 13.21
CA THR D 221 -4.11 -29.68 13.59
C THR D 221 -4.97 -29.44 14.84
N TRP D 222 -6.19 -29.96 14.83
CA TRP D 222 -7.10 -29.76 15.96
C TRP D 222 -6.55 -30.39 17.23
N ASP D 223 -5.97 -31.59 17.10
CA ASP D 223 -5.38 -32.29 18.24
C ASP D 223 -4.22 -31.51 18.84
N ASN D 224 -3.32 -31.01 17.98
CA ASN D 224 -2.28 -30.09 18.43
C ASN D 224 -2.85 -28.90 19.16
N ASP D 225 -3.84 -28.24 18.55
CA ASP D 225 -4.42 -27.02 19.11
C ASP D 225 -5.13 -27.27 20.44
N ILE D 226 -5.85 -28.38 20.54
CA ILE D 226 -6.46 -28.80 21.80
C ILE D 226 -5.39 -28.92 22.89
N PHE D 227 -4.32 -29.63 22.60
CA PHE D 227 -3.24 -29.86 23.57
C PHE D 227 -2.46 -28.59 23.95
N SER D 228 -2.24 -27.72 22.97
CA SER D 228 -1.47 -26.49 23.17
C SER D 228 -2.31 -25.31 23.68
N TYR D 229 -3.61 -25.51 23.84
CA TYR D 229 -4.50 -24.46 24.33
C TYR D 229 -4.23 -24.16 25.81
N TYR D 239 -0.59 -16.20 18.81
CA TYR D 239 -1.09 -17.57 18.88
C TYR D 239 -2.23 -17.83 17.90
N LEU D 240 -2.02 -18.80 17.01
CA LEU D 240 -3.06 -19.29 16.10
C LEU D 240 -3.54 -20.66 16.57
N ASN D 241 -4.81 -20.75 16.94
CA ASN D 241 -5.36 -21.92 17.59
C ASN D 241 -6.86 -22.02 17.36
N ALA D 242 -7.31 -23.20 16.93
CA ALA D 242 -8.72 -23.43 16.60
C ALA D 242 -9.67 -23.03 17.73
N LEU D 243 -9.30 -23.36 18.97
CA LEU D 243 -10.14 -23.04 20.14
C LEU D 243 -10.23 -21.52 20.35
N ARG D 244 -9.10 -20.84 20.24
CA ARG D 244 -9.07 -19.37 20.29
C ARG D 244 -9.93 -18.78 19.18
N VAL D 245 -9.83 -19.34 17.99
CA VAL D 245 -10.65 -18.91 16.86
C VAL D 245 -12.14 -19.15 17.14
N LEU D 246 -12.45 -20.28 17.77
CA LEU D 246 -13.84 -20.63 18.12
C LEU D 246 -14.44 -19.75 19.24
N GLU D 247 -13.59 -19.32 20.18
CA GLU D 247 -14.02 -18.39 21.23
C GLU D 247 -14.48 -17.08 20.63
N GLN D 248 -13.56 -16.40 19.96
CA GLN D 248 -13.80 -15.10 19.35
C GLN D 248 -14.97 -15.15 18.37
N GLU D 249 -14.99 -16.18 17.54
CA GLU D 249 -15.97 -16.28 16.46
C GLU D 249 -17.38 -16.61 16.95
N ARG D 250 -17.50 -17.57 17.86
CA ARG D 250 -18.82 -18.06 18.29
C ARG D 250 -19.20 -17.63 19.71
N GLY D 251 -18.41 -16.73 20.30
CA GLY D 251 -18.70 -16.19 21.63
C GLY D 251 -18.81 -17.29 22.65
N LEU D 252 -17.84 -18.20 22.65
CA LEU D 252 -17.84 -19.35 23.55
C LEU D 252 -16.85 -19.13 24.69
N THR D 253 -17.17 -19.73 25.83
CA THR D 253 -16.25 -19.80 26.96
C THR D 253 -15.18 -20.83 26.62
N PRO D 254 -14.00 -20.75 27.28
CA PRO D 254 -12.94 -21.73 27.00
C PRO D 254 -13.40 -23.19 27.06
N ALA D 255 -14.20 -23.53 28.06
CA ALA D 255 -14.72 -24.89 28.21
C ALA D 255 -15.64 -25.27 27.06
N GLN D 256 -16.44 -24.31 26.61
CA GLN D 256 -17.32 -24.51 25.46
C GLN D 256 -16.54 -24.70 24.15
N ALA D 257 -15.44 -23.96 24.00
CA ALA D 257 -14.60 -24.03 22.80
C ALA D 257 -13.84 -25.35 22.73
N LEU D 258 -13.38 -25.82 23.89
CA LEU D 258 -12.74 -27.13 24.00
C LEU D 258 -13.72 -28.24 23.60
N ASP D 259 -14.94 -28.20 24.15
CA ASP D 259 -15.96 -29.18 23.80
C ASP D 259 -16.33 -29.13 22.32
N ALA D 260 -16.38 -27.92 21.75
CA ALA D 260 -16.70 -27.74 20.34
C ALA D 260 -15.59 -28.32 19.45
N ALA D 261 -14.34 -28.06 19.83
CA ALA D 261 -13.18 -28.51 19.08
C ALA D 261 -13.09 -30.04 19.05
N ILE D 262 -13.30 -30.65 20.21
CA ILE D 262 -13.32 -32.11 20.34
C ILE D 262 -14.44 -32.71 19.50
N SER D 263 -15.63 -32.12 19.57
CA SER D 263 -16.74 -32.59 18.74
C SER D 263 -16.39 -32.55 17.25
N GLN D 264 -15.70 -31.50 16.83
CA GLN D 264 -15.31 -31.31 15.43
C GLN D 264 -14.34 -32.39 14.97
N ARG D 265 -13.22 -32.53 15.68
CA ARG D 265 -12.21 -33.53 15.35
C ARG D 265 -12.74 -34.97 15.47
N ASP D 266 -13.64 -35.21 16.42
CA ASP D 266 -14.27 -36.53 16.58
C ASP D 266 -15.08 -36.90 15.34
N ARG D 267 -15.90 -35.97 14.87
CA ARG D 267 -16.70 -36.21 13.68
C ARG D 267 -15.85 -36.39 12.42
N VAL D 268 -14.71 -35.70 12.36
CA VAL D 268 -13.79 -35.84 11.22
C VAL D 268 -13.07 -37.19 11.28
N MET D 269 -12.66 -37.59 12.49
CA MET D 269 -12.03 -38.90 12.70
C MET D 269 -12.98 -40.03 12.27
N CYS D 270 -14.27 -39.90 12.62
CA CYS D 270 -15.26 -40.90 12.25
C CYS D 270 -15.49 -40.92 10.73
N LEU D 271 -15.57 -39.75 10.12
CA LEU D 271 -15.74 -39.66 8.67
C LEU D 271 -14.52 -40.24 7.95
N PHE D 272 -13.33 -39.84 8.40
CA PHE D 272 -12.09 -40.37 7.83
C PHE D 272 -12.10 -41.90 7.75
N THR D 273 -12.42 -42.56 8.87
CA THR D 273 -12.47 -44.01 8.94
C THR D 273 -13.50 -44.62 8.00
N THR D 274 -14.69 -44.00 7.95
CA THR D 274 -15.76 -44.47 7.09
C THR D 274 -15.43 -44.29 5.60
N VAL D 275 -15.03 -43.08 5.20
CA VAL D 275 -14.69 -42.83 3.80
C VAL D 275 -13.51 -43.72 3.38
N SER D 276 -12.47 -43.78 4.23
CA SER D 276 -11.32 -44.64 3.98
C SER D 276 -11.71 -46.09 3.73
N GLU D 277 -12.65 -46.61 4.51
CA GLU D 277 -13.12 -48.00 4.33
C GLU D 277 -13.86 -48.17 3.00
N GLN D 278 -14.70 -47.20 2.64
CA GLN D 278 -15.35 -47.20 1.31
C GLN D 278 -14.32 -47.26 0.18
N LEU D 279 -13.28 -46.41 0.26
CA LEU D 279 -12.27 -46.33 -0.78
C LEU D 279 -11.42 -47.59 -0.86
N ALA D 280 -11.11 -48.18 0.29
CA ALA D 280 -10.32 -49.41 0.35
C ALA D 280 -11.03 -50.62 -0.26
N GLU D 281 -12.35 -50.74 -0.04
CA GLU D 281 -13.15 -51.82 -0.63
C GLU D 281 -13.02 -51.91 -2.14
N GLN D 282 -12.92 -50.77 -2.81
CA GLN D 282 -13.03 -50.64 -4.27
C GLN D 282 -11.71 -50.31 -4.99
N GLY D 283 -10.73 -49.82 -4.24
CA GLY D 283 -9.51 -49.29 -4.85
C GLY D 283 -8.48 -50.36 -5.15
N SER D 284 -7.35 -49.91 -5.71
CA SER D 284 -6.23 -50.80 -5.96
C SER D 284 -5.58 -51.25 -4.66
N PRO D 285 -4.73 -52.29 -4.72
CA PRO D 285 -3.91 -52.63 -3.56
C PRO D 285 -2.99 -51.49 -3.14
N GLN D 286 -2.64 -50.62 -4.09
CA GLN D 286 -1.79 -49.47 -3.82
C GLN D 286 -2.52 -48.42 -2.98
N LEU D 287 -3.81 -48.22 -3.27
CA LEU D 287 -4.61 -47.25 -2.53
C LEU D 287 -4.83 -47.76 -1.09
N ARG D 288 -5.00 -49.07 -0.93
CA ARG D 288 -5.16 -49.69 0.39
C ARG D 288 -3.95 -49.41 1.27
N GLN D 289 -2.75 -49.55 0.70
CA GLN D 289 -1.51 -49.25 1.39
C GLN D 289 -1.41 -47.75 1.72
N TYR D 290 -1.85 -46.91 0.80
CA TYR D 290 -1.84 -45.46 0.96
C TYR D 290 -2.76 -45.03 2.11
N LEU D 291 -3.96 -45.60 2.12
CA LEU D 291 -4.91 -45.31 3.18
C LEU D 291 -4.39 -45.80 4.53
N HIS D 292 -3.73 -46.96 4.53
CA HIS D 292 -3.10 -47.47 5.74
C HIS D 292 -2.02 -46.50 6.22
N SER D 293 -1.21 -45.99 5.29
CA SER D 293 -0.16 -45.04 5.65
C SER D 293 -0.72 -43.71 6.17
N LEU D 294 -1.90 -43.31 5.70
CA LEU D 294 -2.59 -42.15 6.24
C LEU D 294 -2.97 -42.34 7.71
N ARG D 295 -3.45 -43.53 8.07
CA ARG D 295 -3.72 -43.86 9.48
C ARG D 295 -2.44 -43.76 10.30
N CYS D 296 -1.37 -44.38 9.81
CA CYS D 296 -0.05 -44.31 10.48
C CYS D 296 0.41 -42.87 10.70
N PHE D 297 0.19 -42.02 9.70
CA PHE D 297 0.56 -40.61 9.79
C PHE D 297 -0.25 -39.88 10.87
N ILE D 298 -1.56 -40.11 10.91
CA ILE D 298 -2.42 -39.47 11.91
C ILE D 298 -1.99 -39.87 13.32
N ARG D 299 -1.83 -41.16 13.56
CA ARG D 299 -1.51 -41.67 14.89
C ARG D 299 -0.05 -41.39 15.27
N GLY D 300 0.83 -41.34 14.28
CA GLY D 300 2.22 -40.94 14.51
C GLY D 300 2.31 -39.51 14.99
N ALA D 301 1.64 -38.60 14.29
CA ALA D 301 1.60 -37.18 14.69
C ALA D 301 0.93 -36.99 16.04
N GLN D 302 -0.10 -37.78 16.32
CA GLN D 302 -0.78 -37.75 17.62
C GLN D 302 0.15 -38.17 18.76
N ASP D 303 0.85 -39.29 18.60
CA ASP D 303 1.76 -39.81 19.64
C ASP D 303 2.97 -38.92 19.83
N TRP D 304 3.64 -38.58 18.73
CA TRP D 304 4.84 -37.75 18.79
C TRP D 304 4.49 -36.32 19.23
N GLY D 305 3.33 -35.84 18.82
CA GLY D 305 2.83 -34.52 19.23
C GLY D 305 2.75 -34.34 20.74
N ILE D 306 2.20 -35.33 21.44
CA ILE D 306 2.17 -35.30 22.90
C ILE D 306 3.54 -35.64 23.50
N SER D 307 4.21 -36.64 22.93
CA SER D 307 5.55 -37.05 23.39
C SER D 307 6.59 -36.06 22.90
N VAL D 323 -3.71 -38.28 26.15
CA VAL D 323 -3.83 -39.72 25.93
C VAL D 323 -5.10 -40.01 25.12
N PHE D 324 -5.09 -41.15 24.43
CA PHE D 324 -6.14 -41.50 23.50
C PHE D 324 -6.91 -42.73 23.95
N THR D 325 -8.14 -42.83 23.46
CA THR D 325 -9.02 -43.96 23.72
C THR D 325 -9.63 -44.37 22.40
N ASP D 326 -10.36 -45.48 22.41
CA ASP D 326 -10.91 -46.04 21.18
C ASP D 326 -12.41 -45.76 21.00
N VAL D 327 -12.94 -44.78 21.72
CA VAL D 327 -14.35 -44.41 21.59
C VAL D 327 -14.53 -42.89 21.44
N PRO D 328 -15.48 -42.47 20.57
CA PRO D 328 -15.75 -41.05 20.34
C PRO D 328 -16.75 -40.46 21.33
N THR D 329 -16.65 -39.15 21.55
CA THR D 329 -17.68 -38.41 22.27
C THR D 329 -18.80 -38.04 21.29
N ASP D 330 -18.41 -37.53 20.13
CA ASP D 330 -19.37 -37.19 19.08
C ASP D 330 -19.19 -38.11 17.88
N ASP D 331 -20.11 -39.04 17.72
CA ASP D 331 -20.07 -40.00 16.62
C ASP D 331 -21.10 -39.69 15.52
N SER D 332 -21.61 -38.46 15.48
CA SER D 332 -22.68 -38.12 14.53
C SER D 332 -22.13 -37.81 13.13
N THR D 333 -23.01 -37.91 12.14
CA THR D 333 -22.66 -37.57 10.76
C THR D 333 -23.11 -36.15 10.42
N GLU D 334 -23.40 -35.36 11.45
CA GLU D 334 -23.66 -33.93 11.30
C GLU D 334 -22.42 -33.28 10.68
N PRO D 335 -22.56 -32.67 9.49
CA PRO D 335 -21.40 -32.01 8.92
C PRO D 335 -20.93 -30.81 9.75
N LEU D 336 -19.63 -30.55 9.75
CA LEU D 336 -19.10 -29.33 10.35
C LEU D 336 -19.71 -28.10 9.69
N ASP D 337 -19.87 -27.03 10.46
CA ASP D 337 -20.41 -25.78 9.95
C ASP D 337 -19.26 -24.89 9.50
N ILE D 338 -18.44 -25.42 8.59
CA ILE D 338 -17.27 -24.75 8.06
C ILE D 338 -17.34 -24.95 6.54
N PRO D 339 -17.64 -23.87 5.79
CA PRO D 339 -17.84 -23.99 4.35
C PRO D 339 -16.71 -24.69 3.57
N ALA D 340 -15.47 -24.55 4.02
CA ALA D 340 -14.32 -25.11 3.29
C ALA D 340 -14.22 -26.63 3.32
N VAL D 341 -14.87 -27.26 4.30
CA VAL D 341 -14.80 -28.70 4.47
C VAL D 341 -16.15 -29.41 4.63
N SER D 342 -17.25 -28.67 4.70
CA SER D 342 -18.56 -29.27 4.94
C SER D 342 -18.93 -30.26 3.84
N TRP D 343 -18.41 -30.03 2.65
CA TRP D 343 -18.60 -30.93 1.51
C TRP D 343 -18.05 -32.36 1.73
N TRP D 344 -17.09 -32.54 2.63
CA TRP D 344 -16.57 -33.88 2.91
C TRP D 344 -17.67 -34.90 3.19
N TRP D 345 -18.74 -34.44 3.82
CA TRP D 345 -19.85 -35.31 4.22
C TRP D 345 -20.72 -35.76 3.05
N ASP D 346 -20.60 -35.09 1.91
CA ASP D 346 -21.21 -35.58 0.65
C ASP D 346 -20.61 -36.92 0.22
N LEU D 347 -19.40 -37.23 0.67
CA LEU D 347 -18.72 -38.49 0.31
C LEU D 347 -19.34 -39.73 0.97
N LEU D 348 -20.19 -39.51 1.98
CA LEU D 348 -20.98 -40.59 2.58
C LEU D 348 -22.00 -41.10 1.57
#